data_5N7H
# 
_entry.id   5N7H 
# 
_audit_conform.dict_name       mmcif_pdbx.dic 
_audit_conform.dict_version    5.391 
_audit_conform.dict_location   http://mmcif.pdb.org/dictionaries/ascii/mmcif_pdbx.dic 
# 
loop_
_database_2.database_id 
_database_2.database_code 
_database_2.pdbx_database_accession 
_database_2.pdbx_DOI 
PDB   5N7H         pdb_00005n7h 10.2210/pdb5n7h/pdb 
WWPDB D_1200003609 ?            ?                   
# 
loop_
_pdbx_audit_revision_history.ordinal 
_pdbx_audit_revision_history.data_content_type 
_pdbx_audit_revision_history.major_revision 
_pdbx_audit_revision_history.minor_revision 
_pdbx_audit_revision_history.revision_date 
1 'Structure model' 1 0 2017-07-12 
2 'Structure model' 1 1 2017-10-18 
3 'Structure model' 1 2 2024-05-08 
# 
_pdbx_audit_revision_details.ordinal             1 
_pdbx_audit_revision_details.revision_ordinal    1 
_pdbx_audit_revision_details.data_content_type   'Structure model' 
_pdbx_audit_revision_details.provider            repository 
_pdbx_audit_revision_details.type                'Initial release' 
_pdbx_audit_revision_details.description         ? 
_pdbx_audit_revision_details.details             ? 
# 
loop_
_pdbx_audit_revision_group.ordinal 
_pdbx_audit_revision_group.revision_ordinal 
_pdbx_audit_revision_group.data_content_type 
_pdbx_audit_revision_group.group 
1 2 'Structure model' 'Database references' 
2 3 'Structure model' 'Data collection'     
3 3 'Structure model' 'Database references' 
# 
loop_
_pdbx_audit_revision_category.ordinal 
_pdbx_audit_revision_category.revision_ordinal 
_pdbx_audit_revision_category.data_content_type 
_pdbx_audit_revision_category.category 
1 2 'Structure model' citation       
2 3 'Structure model' chem_comp_atom 
3 3 'Structure model' chem_comp_bond 
4 3 'Structure model' database_2     
# 
loop_
_pdbx_audit_revision_item.ordinal 
_pdbx_audit_revision_item.revision_ordinal 
_pdbx_audit_revision_item.data_content_type 
_pdbx_audit_revision_item.item 
1 2 'Structure model' '_citation.journal_volume'            
2 2 'Structure model' '_citation.page_first'                
3 2 'Structure model' '_citation.page_last'                 
4 3 'Structure model' '_database_2.pdbx_DOI'                
5 3 'Structure model' '_database_2.pdbx_database_accession' 
# 
_pdbx_database_status.status_code                     REL 
_pdbx_database_status.status_code_sf                  REL 
_pdbx_database_status.status_code_mr                  ? 
_pdbx_database_status.entry_id                        5N7H 
_pdbx_database_status.recvd_initial_deposition_date   2017-02-20 
_pdbx_database_status.SG_entry                        N 
_pdbx_database_status.deposit_site                    PDBE 
_pdbx_database_status.process_site                    PDBE 
_pdbx_database_status.status_code_cs                  ? 
_pdbx_database_status.methods_development_category    ? 
_pdbx_database_status.pdb_format_compatible           Y 
_pdbx_database_status.status_code_nmr_data            ? 
# 
loop_
_audit_author.name 
_audit_author.pdbx_ordinal 
_audit_author.identifier_ORCID 
'Schuetz, A.'   1 ? 
'Heinemann, U.' 2 ? 
# 
_citation.abstract                  ? 
_citation.abstract_id_CAS           ? 
_citation.book_id_ISBN              ? 
_citation.book_publisher            ? 
_citation.book_publisher_city       ? 
_citation.book_title                ? 
_citation.coordinate_linkage        ? 
_citation.country                   US 
_citation.database_id_Medline       ? 
_citation.details                   ? 
_citation.id                        primary 
_citation.journal_abbrev            'Ann. N. Y. Acad. Sci.' 
_citation.journal_id_ASTM           ANYAA9 
_citation.journal_id_CSD            0332 
_citation.journal_id_ISSN           1749-6632 
_citation.journal_full              ? 
_citation.journal_issue             ? 
_citation.journal_volume            1405 
_citation.language                  ? 
_citation.page_first                147 
_citation.page_last                 159 
_citation.title                     
'Crystal structure of the tricellulin C-terminal coiled-coil domain reveals a unique mode of dimerization.' 
_citation.year                      2017 
_citation.database_id_CSD           ? 
_citation.pdbx_database_id_DOI      10.1111/nyas.13408 
_citation.pdbx_database_id_PubMed   28661558 
_citation.unpublished_flag          ? 
# 
loop_
_citation_author.citation_id 
_citation_author.name 
_citation_author.ordinal 
_citation_author.identifier_ORCID 
primary 'Schuetz, A.'   1 ? 
primary 'Radusheva, V.' 2 ? 
primary 'Krug, S.M.'    3 ? 
primary 'Heinemann, U.' 4 ? 
# 
loop_
_entity.id 
_entity.type 
_entity.src_method 
_entity.pdbx_description 
_entity.formula_weight 
_entity.pdbx_number_of_molecules 
_entity.pdbx_ec 
_entity.pdbx_mutation 
_entity.pdbx_fragment 
_entity.details 
1 polymer man 'MARVEL domain-containing protein 2' 13977.784 1  ? ? ? ? 
2 water   nat water                                18.015    17 ? ? ? ? 
# 
_entity_name_com.entity_id   1 
_entity_name_com.name        Tricellulin 
# 
_entity_poly.entity_id                      1 
_entity_poly.type                           'polypeptide(L)' 
_entity_poly.nstd_linkage                   no 
_entity_poly.nstd_monomer                   no 
_entity_poly.pdbx_seq_one_letter_code       
;GSMPDYVAKYPVIQTDDERERYKAVFQDQFSEYKELSAEVQAVLRKFDELDAVMSRLPHHSESRQEHERISRIHEEFKKK
KNDPTFLEKKERCDYLKNKLSHIKQRIQEYDKVMN
;
_entity_poly.pdbx_seq_one_letter_code_can   
;GSMPDYVAKYPVIQTDDERERYKAVFQDQFSEYKELSAEVQAVLRKFDELDAVMSRLPHHSESRQEHERISRIHEEFKKK
KNDPTFLEKKERCDYLKNKLSHIKQRIQEYDKVMN
;
_entity_poly.pdbx_strand_id                 A 
_entity_poly.pdbx_target_identifier         ? 
# 
_pdbx_entity_nonpoly.entity_id   2 
_pdbx_entity_nonpoly.name        water 
_pdbx_entity_nonpoly.comp_id     HOH 
# 
loop_
_entity_poly_seq.entity_id 
_entity_poly_seq.num 
_entity_poly_seq.mon_id 
_entity_poly_seq.hetero 
1 1   GLY n 
1 2   SER n 
1 3   MET n 
1 4   PRO n 
1 5   ASP n 
1 6   TYR n 
1 7   VAL n 
1 8   ALA n 
1 9   LYS n 
1 10  TYR n 
1 11  PRO n 
1 12  VAL n 
1 13  ILE n 
1 14  GLN n 
1 15  THR n 
1 16  ASP n 
1 17  ASP n 
1 18  GLU n 
1 19  ARG n 
1 20  GLU n 
1 21  ARG n 
1 22  TYR n 
1 23  LYS n 
1 24  ALA n 
1 25  VAL n 
1 26  PHE n 
1 27  GLN n 
1 28  ASP n 
1 29  GLN n 
1 30  PHE n 
1 31  SER n 
1 32  GLU n 
1 33  TYR n 
1 34  LYS n 
1 35  GLU n 
1 36  LEU n 
1 37  SER n 
1 38  ALA n 
1 39  GLU n 
1 40  VAL n 
1 41  GLN n 
1 42  ALA n 
1 43  VAL n 
1 44  LEU n 
1 45  ARG n 
1 46  LYS n 
1 47  PHE n 
1 48  ASP n 
1 49  GLU n 
1 50  LEU n 
1 51  ASP n 
1 52  ALA n 
1 53  VAL n 
1 54  MET n 
1 55  SER n 
1 56  ARG n 
1 57  LEU n 
1 58  PRO n 
1 59  HIS n 
1 60  HIS n 
1 61  SER n 
1 62  GLU n 
1 63  SER n 
1 64  ARG n 
1 65  GLN n 
1 66  GLU n 
1 67  HIS n 
1 68  GLU n 
1 69  ARG n 
1 70  ILE n 
1 71  SER n 
1 72  ARG n 
1 73  ILE n 
1 74  HIS n 
1 75  GLU n 
1 76  GLU n 
1 77  PHE n 
1 78  LYS n 
1 79  LYS n 
1 80  LYS n 
1 81  LYS n 
1 82  ASN n 
1 83  ASP n 
1 84  PRO n 
1 85  THR n 
1 86  PHE n 
1 87  LEU n 
1 88  GLU n 
1 89  LYS n 
1 90  LYS n 
1 91  GLU n 
1 92  ARG n 
1 93  CYS n 
1 94  ASP n 
1 95  TYR n 
1 96  LEU n 
1 97  LYS n 
1 98  ASN n 
1 99  LYS n 
1 100 LEU n 
1 101 SER n 
1 102 HIS n 
1 103 ILE n 
1 104 LYS n 
1 105 GLN n 
1 106 ARG n 
1 107 ILE n 
1 108 GLN n 
1 109 GLU n 
1 110 TYR n 
1 111 ASP n 
1 112 LYS n 
1 113 VAL n 
1 114 MET n 
1 115 ASN n 
# 
_entity_src_gen.entity_id                          1 
_entity_src_gen.pdbx_src_id                        1 
_entity_src_gen.pdbx_alt_source_flag               sample 
_entity_src_gen.pdbx_seq_type                      'Biological sequence' 
_entity_src_gen.pdbx_beg_seq_num                   1 
_entity_src_gen.pdbx_end_seq_num                   115 
_entity_src_gen.gene_src_common_name               Human 
_entity_src_gen.gene_src_genus                     ? 
_entity_src_gen.pdbx_gene_src_gene                 'MARVELD2, TRIC' 
_entity_src_gen.gene_src_species                   ? 
_entity_src_gen.gene_src_strain                    ? 
_entity_src_gen.gene_src_tissue                    ? 
_entity_src_gen.gene_src_tissue_fraction           ? 
_entity_src_gen.gene_src_details                   ? 
_entity_src_gen.pdbx_gene_src_fragment             ? 
_entity_src_gen.pdbx_gene_src_scientific_name      'Homo sapiens' 
_entity_src_gen.pdbx_gene_src_ncbi_taxonomy_id     9606 
_entity_src_gen.pdbx_gene_src_variant              ? 
_entity_src_gen.pdbx_gene_src_cell_line            ? 
_entity_src_gen.pdbx_gene_src_atcc                 ? 
_entity_src_gen.pdbx_gene_src_organ                ? 
_entity_src_gen.pdbx_gene_src_organelle            ? 
_entity_src_gen.pdbx_gene_src_cell                 ? 
_entity_src_gen.pdbx_gene_src_cellular_location    ? 
_entity_src_gen.host_org_common_name               ? 
_entity_src_gen.pdbx_host_org_scientific_name      'Escherichia coli' 
_entity_src_gen.pdbx_host_org_ncbi_taxonomy_id     562 
_entity_src_gen.host_org_genus                     ? 
_entity_src_gen.pdbx_host_org_gene                 ? 
_entity_src_gen.pdbx_host_org_organ                ? 
_entity_src_gen.host_org_species                   ? 
_entity_src_gen.pdbx_host_org_tissue               ? 
_entity_src_gen.pdbx_host_org_tissue_fraction      ? 
_entity_src_gen.pdbx_host_org_strain               ? 
_entity_src_gen.pdbx_host_org_variant              ? 
_entity_src_gen.pdbx_host_org_cell_line            ? 
_entity_src_gen.pdbx_host_org_atcc                 ? 
_entity_src_gen.pdbx_host_org_culture_collection   ? 
_entity_src_gen.pdbx_host_org_cell                 ? 
_entity_src_gen.pdbx_host_org_organelle            ? 
_entity_src_gen.pdbx_host_org_cellular_location    ? 
_entity_src_gen.pdbx_host_org_vector_type          ? 
_entity_src_gen.pdbx_host_org_vector               ? 
_entity_src_gen.host_org_details                   ? 
_entity_src_gen.expression_system_id               ? 
_entity_src_gen.plasmid_name                       ? 
_entity_src_gen.plasmid_details                    ? 
_entity_src_gen.pdbx_description                   ? 
# 
loop_
_chem_comp.id 
_chem_comp.type 
_chem_comp.mon_nstd_flag 
_chem_comp.name 
_chem_comp.pdbx_synonyms 
_chem_comp.formula 
_chem_comp.formula_weight 
ALA 'L-peptide linking' y ALANINE         ? 'C3 H7 N O2'     89.093  
ARG 'L-peptide linking' y ARGININE        ? 'C6 H15 N4 O2 1' 175.209 
ASN 'L-peptide linking' y ASPARAGINE      ? 'C4 H8 N2 O3'    132.118 
ASP 'L-peptide linking' y 'ASPARTIC ACID' ? 'C4 H7 N O4'     133.103 
CYS 'L-peptide linking' y CYSTEINE        ? 'C3 H7 N O2 S'   121.158 
GLN 'L-peptide linking' y GLUTAMINE       ? 'C5 H10 N2 O3'   146.144 
GLU 'L-peptide linking' y 'GLUTAMIC ACID' ? 'C5 H9 N O4'     147.129 
GLY 'peptide linking'   y GLYCINE         ? 'C2 H5 N O2'     75.067  
HIS 'L-peptide linking' y HISTIDINE       ? 'C6 H10 N3 O2 1' 156.162 
HOH non-polymer         . WATER           ? 'H2 O'           18.015  
ILE 'L-peptide linking' y ISOLEUCINE      ? 'C6 H13 N O2'    131.173 
LEU 'L-peptide linking' y LEUCINE         ? 'C6 H13 N O2'    131.173 
LYS 'L-peptide linking' y LYSINE          ? 'C6 H15 N2 O2 1' 147.195 
MET 'L-peptide linking' y METHIONINE      ? 'C5 H11 N O2 S'  149.211 
PHE 'L-peptide linking' y PHENYLALANINE   ? 'C9 H11 N O2'    165.189 
PRO 'L-peptide linking' y PROLINE         ? 'C5 H9 N O2'     115.130 
SER 'L-peptide linking' y SERINE          ? 'C3 H7 N O3'     105.093 
THR 'L-peptide linking' y THREONINE       ? 'C4 H9 N O3'     119.119 
TYR 'L-peptide linking' y TYROSINE        ? 'C9 H11 N O3'    181.189 
VAL 'L-peptide linking' y VALINE          ? 'C5 H11 N O2'    117.146 
# 
loop_
_pdbx_poly_seq_scheme.asym_id 
_pdbx_poly_seq_scheme.entity_id 
_pdbx_poly_seq_scheme.seq_id 
_pdbx_poly_seq_scheme.mon_id 
_pdbx_poly_seq_scheme.ndb_seq_num 
_pdbx_poly_seq_scheme.pdb_seq_num 
_pdbx_poly_seq_scheme.auth_seq_num 
_pdbx_poly_seq_scheme.pdb_mon_id 
_pdbx_poly_seq_scheme.auth_mon_id 
_pdbx_poly_seq_scheme.pdb_strand_id 
_pdbx_poly_seq_scheme.pdb_ins_code 
_pdbx_poly_seq_scheme.hetero 
A 1 1   GLY 1   437 ?   ?   ?   A . n 
A 1 2   SER 2   438 438 SER SER A . n 
A 1 3   MET 3   439 439 MET MET A . n 
A 1 4   PRO 4   440 440 PRO PRO A . n 
A 1 5   ASP 5   441 441 ASP ASP A . n 
A 1 6   TYR 6   442 442 TYR TYR A . n 
A 1 7   VAL 7   443 443 VAL VAL A . n 
A 1 8   ALA 8   444 444 ALA ALA A . n 
A 1 9   LYS 9   445 445 LYS LYS A . n 
A 1 10  TYR 10  446 446 TYR TYR A . n 
A 1 11  PRO 11  447 447 PRO PRO A . n 
A 1 12  VAL 12  448 448 VAL VAL A . n 
A 1 13  ILE 13  449 449 ILE ILE A . n 
A 1 14  GLN 14  450 450 GLN GLN A . n 
A 1 15  THR 15  451 451 THR THR A . n 
A 1 16  ASP 16  452 452 ASP ASP A . n 
A 1 17  ASP 17  453 453 ASP ASP A . n 
A 1 18  GLU 18  454 454 GLU GLU A . n 
A 1 19  ARG 19  455 455 ARG ARG A . n 
A 1 20  GLU 20  456 456 GLU GLU A . n 
A 1 21  ARG 21  457 457 ARG ARG A . n 
A 1 22  TYR 22  458 458 TYR TYR A . n 
A 1 23  LYS 23  459 459 LYS LYS A . n 
A 1 24  ALA 24  460 460 ALA ALA A . n 
A 1 25  VAL 25  461 461 VAL VAL A . n 
A 1 26  PHE 26  462 462 PHE PHE A . n 
A 1 27  GLN 27  463 463 GLN GLN A . n 
A 1 28  ASP 28  464 464 ASP ASP A . n 
A 1 29  GLN 29  465 465 GLN GLN A . n 
A 1 30  PHE 30  466 466 PHE PHE A . n 
A 1 31  SER 31  467 467 SER SER A . n 
A 1 32  GLU 32  468 468 GLU GLU A . n 
A 1 33  TYR 33  469 469 TYR TYR A . n 
A 1 34  LYS 34  470 470 LYS LYS A . n 
A 1 35  GLU 35  471 471 GLU GLU A . n 
A 1 36  LEU 36  472 472 LEU LEU A . n 
A 1 37  SER 37  473 473 SER SER A . n 
A 1 38  ALA 38  474 474 ALA ALA A . n 
A 1 39  GLU 39  475 475 GLU GLU A . n 
A 1 40  VAL 40  476 476 VAL VAL A . n 
A 1 41  GLN 41  477 477 GLN GLN A . n 
A 1 42  ALA 42  478 478 ALA ALA A . n 
A 1 43  VAL 43  479 479 VAL VAL A . n 
A 1 44  LEU 44  480 480 LEU LEU A . n 
A 1 45  ARG 45  481 481 ARG ARG A . n 
A 1 46  LYS 46  482 482 LYS LYS A . n 
A 1 47  PHE 47  483 483 PHE PHE A . n 
A 1 48  ASP 48  484 484 ASP ASP A . n 
A 1 49  GLU 49  485 485 GLU GLU A . n 
A 1 50  LEU 50  486 486 LEU LEU A . n 
A 1 51  ASP 51  487 487 ASP ASP A . n 
A 1 52  ALA 52  488 488 ALA ALA A . n 
A 1 53  VAL 53  489 489 VAL VAL A . n 
A 1 54  MET 54  490 490 MET MET A . n 
A 1 55  SER 55  491 ?   ?   ?   A . n 
A 1 56  ARG 56  492 ?   ?   ?   A . n 
A 1 57  LEU 57  493 ?   ?   ?   A . n 
A 1 58  PRO 58  494 ?   ?   ?   A . n 
A 1 59  HIS 59  495 ?   ?   ?   A . n 
A 1 60  HIS 60  496 ?   ?   ?   A . n 
A 1 61  SER 61  497 ?   ?   ?   A . n 
A 1 62  GLU 62  498 ?   ?   ?   A . n 
A 1 63  SER 63  499 499 SER SER A . n 
A 1 64  ARG 64  500 500 ARG ARG A . n 
A 1 65  GLN 65  501 501 GLN GLN A . n 
A 1 66  GLU 66  502 502 GLU GLU A . n 
A 1 67  HIS 67  503 503 HIS HIS A . n 
A 1 68  GLU 68  504 504 GLU GLU A . n 
A 1 69  ARG 69  505 505 ARG ARG A . n 
A 1 70  ILE 70  506 506 ILE ILE A . n 
A 1 71  SER 71  507 507 SER SER A . n 
A 1 72  ARG 72  508 508 ARG ARG A . n 
A 1 73  ILE 73  509 509 ILE ILE A . n 
A 1 74  HIS 74  510 510 HIS HIS A . n 
A 1 75  GLU 75  511 511 GLU GLU A . n 
A 1 76  GLU 76  512 512 GLU GLU A . n 
A 1 77  PHE 77  513 513 PHE PHE A . n 
A 1 78  LYS 78  514 514 LYS LYS A . n 
A 1 79  LYS 79  515 515 LYS LYS A . n 
A 1 80  LYS 80  516 516 LYS LYS A . n 
A 1 81  LYS 81  517 517 LYS LYS A . n 
A 1 82  ASN 82  518 518 ASN ASN A . n 
A 1 83  ASP 83  519 519 ASP ASP A . n 
A 1 84  PRO 84  520 520 PRO PRO A . n 
A 1 85  THR 85  521 521 THR THR A . n 
A 1 86  PHE 86  522 522 PHE PHE A . n 
A 1 87  LEU 87  523 523 LEU LEU A . n 
A 1 88  GLU 88  524 524 GLU GLU A . n 
A 1 89  LYS 89  525 525 LYS LYS A . n 
A 1 90  LYS 90  526 526 LYS LYS A . n 
A 1 91  GLU 91  527 527 GLU GLU A . n 
A 1 92  ARG 92  528 528 ARG ARG A . n 
A 1 93  CYS 93  529 529 CYS CYS A . n 
A 1 94  ASP 94  530 530 ASP ASP A . n 
A 1 95  TYR 95  531 531 TYR TYR A . n 
A 1 96  LEU 96  532 532 LEU LEU A . n 
A 1 97  LYS 97  533 533 LYS LYS A . n 
A 1 98  ASN 98  534 534 ASN ASN A . n 
A 1 99  LYS 99  535 535 LYS LYS A . n 
A 1 100 LEU 100 536 536 LEU LEU A . n 
A 1 101 SER 101 537 537 SER SER A . n 
A 1 102 HIS 102 538 538 HIS HIS A . n 
A 1 103 ILE 103 539 539 ILE ILE A . n 
A 1 104 LYS 104 540 540 LYS LYS A . n 
A 1 105 GLN 105 541 541 GLN GLN A . n 
A 1 106 ARG 106 542 542 ARG ARG A . n 
A 1 107 ILE 107 543 543 ILE ILE A . n 
A 1 108 GLN 108 544 544 GLN GLN A . n 
A 1 109 GLU 109 545 545 GLU GLU A . n 
A 1 110 TYR 110 546 546 TYR TYR A . n 
A 1 111 ASP 111 547 547 ASP ASP A . n 
A 1 112 LYS 112 548 548 LYS LYS A . n 
A 1 113 VAL 113 549 549 VAL VAL A . n 
A 1 114 MET 114 550 550 MET MET A . n 
A 1 115 ASN 115 551 ?   ?   ?   A . n 
# 
loop_
_pdbx_nonpoly_scheme.asym_id 
_pdbx_nonpoly_scheme.entity_id 
_pdbx_nonpoly_scheme.mon_id 
_pdbx_nonpoly_scheme.ndb_seq_num 
_pdbx_nonpoly_scheme.pdb_seq_num 
_pdbx_nonpoly_scheme.auth_seq_num 
_pdbx_nonpoly_scheme.pdb_mon_id 
_pdbx_nonpoly_scheme.auth_mon_id 
_pdbx_nonpoly_scheme.pdb_strand_id 
_pdbx_nonpoly_scheme.pdb_ins_code 
B 2 HOH 1  601 4  HOH HOH A . 
B 2 HOH 2  602 11 HOH HOH A . 
B 2 HOH 3  603 12 HOH HOH A . 
B 2 HOH 4  604 1  HOH HOH A . 
B 2 HOH 5  605 2  HOH HOH A . 
B 2 HOH 6  606 3  HOH HOH A . 
B 2 HOH 7  607 5  HOH HOH A . 
B 2 HOH 8  608 15 HOH HOH A . 
B 2 HOH 9  609 7  HOH HOH A . 
B 2 HOH 10 610 17 HOH HOH A . 
B 2 HOH 11 611 6  HOH HOH A . 
B 2 HOH 12 612 8  HOH HOH A . 
B 2 HOH 13 613 14 HOH HOH A . 
B 2 HOH 14 614 10 HOH HOH A . 
B 2 HOH 15 615 9  HOH HOH A . 
B 2 HOH 16 616 16 HOH HOH A . 
B 2 HOH 17 617 18 HOH HOH A . 
# 
loop_
_software.citation_id 
_software.classification 
_software.compiler_name 
_software.compiler_version 
_software.contact_author 
_software.contact_author_email 
_software.date 
_software.description 
_software.dependencies 
_software.hardware 
_software.language 
_software.location 
_software.mods 
_software.name 
_software.os 
_software.os_version 
_software.type 
_software.version 
_software.pdbx_ordinal 
? refinement       ? ? ? ? ? ? ? ? ? ? ? BUSTER     ? ? ? 2.10.3 1 
? 'data reduction' ? ? ? ? ? ? ? ? ? ? ? XDS        ? ? ? .      2 
? 'data scaling'   ? ? ? ? ? ? ? ? ? ? ? XDS        ? ? ? .      3 
? phasing          ? ? ? ? ? ? ? ? ? ? ? Arcimboldo ? ? ? .      4 
# 
_cell.angle_alpha                  90.00 
_cell.angle_alpha_esd              ? 
_cell.angle_beta                   90.00 
_cell.angle_beta_esd               ? 
_cell.angle_gamma                  120.00 
_cell.angle_gamma_esd              ? 
_cell.entry_id                     5N7H 
_cell.details                      ? 
_cell.formula_units_Z              ? 
_cell.length_a                     44.039 
_cell.length_a_esd                 ? 
_cell.length_b                     44.039 
_cell.length_b_esd                 ? 
_cell.length_c                     202.843 
_cell.length_c_esd                 ? 
_cell.volume                       ? 
_cell.volume_esd                   ? 
_cell.Z_PDB                        12 
_cell.reciprocal_angle_alpha       ? 
_cell.reciprocal_angle_beta        ? 
_cell.reciprocal_angle_gamma       ? 
_cell.reciprocal_angle_alpha_esd   ? 
_cell.reciprocal_angle_beta_esd    ? 
_cell.reciprocal_angle_gamma_esd   ? 
_cell.reciprocal_length_a          ? 
_cell.reciprocal_length_b          ? 
_cell.reciprocal_length_c          ? 
_cell.reciprocal_length_a_esd      ? 
_cell.reciprocal_length_b_esd      ? 
_cell.reciprocal_length_c_esd      ? 
_cell.pdbx_unique_axis             ? 
# 
_symmetry.entry_id                         5N7H 
_symmetry.cell_setting                     ? 
_symmetry.Int_Tables_number                180 
_symmetry.space_group_name_Hall            ? 
_symmetry.space_group_name_H-M             'P 62 2 2' 
_symmetry.pdbx_full_space_group_name_H-M   ? 
# 
_exptl.absorpt_coefficient_mu     ? 
_exptl.absorpt_correction_T_max   ? 
_exptl.absorpt_correction_T_min   ? 
_exptl.absorpt_correction_type    ? 
_exptl.absorpt_process_details    ? 
_exptl.entry_id                   5N7H 
_exptl.crystals_number            1 
_exptl.details                    ? 
_exptl.method                     'X-RAY DIFFRACTION' 
_exptl.method_details             ? 
# 
_exptl_crystal.colour                      ? 
_exptl_crystal.density_diffrn              ? 
_exptl_crystal.density_Matthews            2.03 
_exptl_crystal.density_method              ? 
_exptl_crystal.density_percent_sol         39.44 
_exptl_crystal.description                 ? 
_exptl_crystal.F_000                       ? 
_exptl_crystal.id                          1 
_exptl_crystal.preparation                 ? 
_exptl_crystal.size_max                    ? 
_exptl_crystal.size_mid                    ? 
_exptl_crystal.size_min                    ? 
_exptl_crystal.size_rad                    ? 
_exptl_crystal.colour_lustre               ? 
_exptl_crystal.colour_modifier             ? 
_exptl_crystal.colour_primary              ? 
_exptl_crystal.density_meas                ? 
_exptl_crystal.density_meas_esd            ? 
_exptl_crystal.density_meas_gt             ? 
_exptl_crystal.density_meas_lt             ? 
_exptl_crystal.density_meas_temp           ? 
_exptl_crystal.density_meas_temp_esd       ? 
_exptl_crystal.density_meas_temp_gt        ? 
_exptl_crystal.density_meas_temp_lt        ? 
_exptl_crystal.pdbx_crystal_image_url      ? 
_exptl_crystal.pdbx_crystal_image_format   ? 
_exptl_crystal.pdbx_mosaicity              ? 
_exptl_crystal.pdbx_mosaicity_esd          ? 
# 
_exptl_crystal_grow.apparatus       ? 
_exptl_crystal_grow.atmosphere      ? 
_exptl_crystal_grow.crystal_id      1 
_exptl_crystal_grow.details         ? 
_exptl_crystal_grow.method          'VAPOR DIFFUSION, SITTING DROP' 
_exptl_crystal_grow.method_ref      ? 
_exptl_crystal_grow.pH              ? 
_exptl_crystal_grow.pressure        ? 
_exptl_crystal_grow.pressure_esd    ? 
_exptl_crystal_grow.seeding         ? 
_exptl_crystal_grow.seeding_ref     ? 
_exptl_crystal_grow.temp            277 
_exptl_crystal_grow.temp_details    ? 
_exptl_crystal_grow.temp_esd        ? 
_exptl_crystal_grow.time            ? 
_exptl_crystal_grow.pdbx_details    '10% (v/v) isopropanol, 0.1 M citrate pH 5.0' 
_exptl_crystal_grow.pdbx_pH_range   ? 
# 
_diffrn.ambient_environment    ? 
_diffrn.ambient_temp           100 
_diffrn.ambient_temp_details   ? 
_diffrn.ambient_temp_esd       ? 
_diffrn.crystal_id             1 
_diffrn.crystal_support        ? 
_diffrn.crystal_treatment      ? 
_diffrn.details                ? 
_diffrn.id                     1 
_diffrn.ambient_pressure       ? 
_diffrn.ambient_pressure_esd   ? 
_diffrn.ambient_pressure_gt    ? 
_diffrn.ambient_pressure_lt    ? 
_diffrn.ambient_temp_gt        ? 
_diffrn.ambient_temp_lt        ? 
# 
_diffrn_detector.details                      ? 
_diffrn_detector.detector                     PIXEL 
_diffrn_detector.diffrn_id                    1 
_diffrn_detector.type                         'DECTRIS PILATUS3 S 6M' 
_diffrn_detector.area_resol_mean              ? 
_diffrn_detector.dtime                        ? 
_diffrn_detector.pdbx_frames_total            ? 
_diffrn_detector.pdbx_collection_time_total   ? 
_diffrn_detector.pdbx_collection_date         2015-01-20 
# 
_diffrn_radiation.collimation                      ? 
_diffrn_radiation.diffrn_id                        1 
_diffrn_radiation.filter_edge                      ? 
_diffrn_radiation.inhomogeneity                    ? 
_diffrn_radiation.monochromator                    ? 
_diffrn_radiation.polarisn_norm                    ? 
_diffrn_radiation.polarisn_ratio                   ? 
_diffrn_radiation.probe                            ? 
_diffrn_radiation.type                             ? 
_diffrn_radiation.xray_symbol                      ? 
_diffrn_radiation.wavelength_id                    1 
_diffrn_radiation.pdbx_monochromatic_or_laue_m_l   M 
_diffrn_radiation.pdbx_wavelength_list             ? 
_diffrn_radiation.pdbx_wavelength                  ? 
_diffrn_radiation.pdbx_diffrn_protocol             'SINGLE WAVELENGTH' 
_diffrn_radiation.pdbx_analyzer                    ? 
_diffrn_radiation.pdbx_scattering_type             x-ray 
# 
_diffrn_radiation_wavelength.id           1 
_diffrn_radiation_wavelength.wavelength   0.918409 
_diffrn_radiation_wavelength.wt           1.0 
# 
_diffrn_source.current                     ? 
_diffrn_source.details                     ? 
_diffrn_source.diffrn_id                   1 
_diffrn_source.power                       ? 
_diffrn_source.size                        ? 
_diffrn_source.source                      SYNCHROTRON 
_diffrn_source.target                      ? 
_diffrn_source.type                        'BESSY BEAMLINE 14.1' 
_diffrn_source.voltage                     ? 
_diffrn_source.take-off_angle              ? 
_diffrn_source.pdbx_wavelength_list        0.918409 
_diffrn_source.pdbx_wavelength             ? 
_diffrn_source.pdbx_synchrotron_beamline   14.1 
_diffrn_source.pdbx_synchrotron_site       BESSY 
# 
_reflns.B_iso_Wilson_estimate            50.21 
_reflns.entry_id                         5N7H 
_reflns.data_reduction_details           ? 
_reflns.data_reduction_method            ? 
_reflns.d_resolution_high                2.198 
_reflns.d_resolution_low                 44.039 
_reflns.details                          ? 
_reflns.limit_h_max                      ? 
_reflns.limit_h_min                      ? 
_reflns.limit_k_max                      ? 
_reflns.limit_k_min                      ? 
_reflns.limit_l_max                      ? 
_reflns.limit_l_min                      ? 
_reflns.number_all                       ? 
_reflns.number_obs                       6591 
_reflns.observed_criterion               ? 
_reflns.observed_criterion_F_max         ? 
_reflns.observed_criterion_F_min         ? 
_reflns.observed_criterion_I_max         ? 
_reflns.observed_criterion_I_min         ? 
_reflns.observed_criterion_sigma_F       ? 
_reflns.observed_criterion_sigma_I       ? 
_reflns.percent_possible_obs             99.65 
_reflns.R_free_details                   ? 
_reflns.Rmerge_F_all                     ? 
_reflns.Rmerge_F_obs                     ? 
_reflns.Friedel_coverage                 ? 
_reflns.number_gt                        ? 
_reflns.threshold_expression             ? 
_reflns.pdbx_redundancy                  12.7 
_reflns.pdbx_Rmerge_I_obs                0.046 
_reflns.pdbx_Rmerge_I_all                ? 
_reflns.pdbx_Rsym_value                  ? 
_reflns.pdbx_netI_over_av_sigmaI         ? 
_reflns.pdbx_netI_over_sigmaI            33.69 
_reflns.pdbx_res_netI_over_av_sigmaI_2   ? 
_reflns.pdbx_res_netI_over_sigmaI_2      ? 
_reflns.pdbx_chi_squared                 ? 
_reflns.pdbx_scaling_rejects             ? 
_reflns.pdbx_d_res_high_opt              ? 
_reflns.pdbx_d_res_low_opt               ? 
_reflns.pdbx_d_res_opt_method            ? 
_reflns.phase_calculation_details        ? 
_reflns.pdbx_Rrim_I_all                  ? 
_reflns.pdbx_Rpim_I_all                  ? 
_reflns.pdbx_d_opt                       ? 
_reflns.pdbx_number_measured_all         ? 
_reflns.pdbx_diffrn_id                   1 
_reflns.pdbx_ordinal                     1 
_reflns.pdbx_CC_half                     ? 
_reflns.pdbx_R_split                     ? 
# 
_reflns_shell.d_res_high                  2.198 
_reflns_shell.d_res_low                   2.276 
_reflns_shell.meanI_over_sigI_all         ? 
_reflns_shell.meanI_over_sigI_obs         3.30 
_reflns_shell.number_measured_all         ? 
_reflns_shell.number_measured_obs         ? 
_reflns_shell.number_possible             ? 
_reflns_shell.number_unique_all           ? 
_reflns_shell.number_unique_obs           616 
_reflns_shell.percent_possible_all        99.52 
_reflns_shell.percent_possible_obs        ? 
_reflns_shell.Rmerge_F_all                ? 
_reflns_shell.Rmerge_F_obs                ? 
_reflns_shell.Rmerge_I_all                ? 
_reflns_shell.Rmerge_I_obs                0.887 
_reflns_shell.meanI_over_sigI_gt          ? 
_reflns_shell.meanI_over_uI_all           ? 
_reflns_shell.meanI_over_uI_gt            ? 
_reflns_shell.number_measured_gt          ? 
_reflns_shell.number_unique_gt            ? 
_reflns_shell.percent_possible_gt         ? 
_reflns_shell.Rmerge_F_gt                 ? 
_reflns_shell.Rmerge_I_gt                 ? 
_reflns_shell.pdbx_redundancy             13.3 
_reflns_shell.pdbx_Rsym_value             ? 
_reflns_shell.pdbx_chi_squared            ? 
_reflns_shell.pdbx_netI_over_sigmaI_all   ? 
_reflns_shell.pdbx_netI_over_sigmaI_obs   ? 
_reflns_shell.pdbx_Rrim_I_all             ? 
_reflns_shell.pdbx_Rpim_I_all             ? 
_reflns_shell.pdbx_rejects                ? 
_reflns_shell.pdbx_ordinal                1 
_reflns_shell.pdbx_diffrn_id              1 
_reflns_shell.pdbx_CC_half                ? 
_reflns_shell.pdbx_R_split                ? 
# 
_refine.aniso_B[1][1]                            -4.29220 
_refine.aniso_B[1][2]                            0.00000 
_refine.aniso_B[1][3]                            0.00000 
_refine.aniso_B[2][2]                            -4.29220 
_refine.aniso_B[2][3]                            0.00000 
_refine.aniso_B[3][3]                            8.58430 
_refine.B_iso_max                                ? 
_refine.B_iso_mean                               73.09 
_refine.B_iso_min                                ? 
_refine.correlation_coeff_Fo_to_Fc               0.930 
_refine.correlation_coeff_Fo_to_Fc_free          0.927 
_refine.details                                  ? 
_refine.diff_density_max                         ? 
_refine.diff_density_max_esd                     ? 
_refine.diff_density_min                         ? 
_refine.diff_density_min_esd                     ? 
_refine.diff_density_rms                         ? 
_refine.diff_density_rms_esd                     ? 
_refine.entry_id                                 5N7H 
_refine.pdbx_refine_id                           'X-RAY DIFFRACTION' 
_refine.ls_abs_structure_details                 ? 
_refine.ls_abs_structure_Flack                   ? 
_refine.ls_abs_structure_Flack_esd               ? 
_refine.ls_abs_structure_Rogers                  ? 
_refine.ls_abs_structure_Rogers_esd              ? 
_refine.ls_d_res_high                            2.20 
_refine.ls_d_res_low                             38.14 
_refine.ls_extinction_coef                       ? 
_refine.ls_extinction_coef_esd                   ? 
_refine.ls_extinction_expression                 ? 
_refine.ls_extinction_method                     ? 
_refine.ls_goodness_of_fit_all                   ? 
_refine.ls_goodness_of_fit_all_esd               ? 
_refine.ls_goodness_of_fit_obs                   ? 
_refine.ls_goodness_of_fit_obs_esd               ? 
_refine.ls_hydrogen_treatment                    ? 
_refine.ls_matrix_type                           ? 
_refine.ls_number_constraints                    ? 
_refine.ls_number_parameters                     ? 
_refine.ls_number_reflns_all                     ? 
_refine.ls_number_reflns_obs                     6565 
_refine.ls_number_reflns_R_free                  493 
_refine.ls_number_reflns_R_work                  ? 
_refine.ls_number_restraints                     ? 
_refine.ls_percent_reflns_obs                    99.7 
_refine.ls_percent_reflns_R_free                 7.510 
_refine.ls_R_factor_all                          ? 
_refine.ls_R_factor_obs                          0.248 
_refine.ls_R_factor_R_free                       0.258 
_refine.ls_R_factor_R_free_error                 ? 
_refine.ls_R_factor_R_free_error_details         ? 
_refine.ls_R_factor_R_work                       0.248 
_refine.ls_R_Fsqd_factor_obs                     ? 
_refine.ls_R_I_factor_obs                        ? 
_refine.ls_redundancy_reflns_all                 ? 
_refine.ls_redundancy_reflns_obs                 ? 
_refine.ls_restrained_S_all                      ? 
_refine.ls_restrained_S_obs                      ? 
_refine.ls_shift_over_esd_max                    ? 
_refine.ls_shift_over_esd_mean                   ? 
_refine.ls_structure_factor_coef                 ? 
_refine.ls_weighting_details                     ? 
_refine.ls_weighting_scheme                      ? 
_refine.ls_wR_factor_all                         ? 
_refine.ls_wR_factor_obs                         ? 
_refine.ls_wR_factor_R_free                      ? 
_refine.ls_wR_factor_R_work                      ? 
_refine.occupancy_max                            ? 
_refine.occupancy_min                            ? 
_refine.solvent_model_details                    ? 
_refine.solvent_model_param_bsol                 ? 
_refine.solvent_model_param_ksol                 ? 
_refine.ls_R_factor_gt                           ? 
_refine.ls_goodness_of_fit_gt                    ? 
_refine.ls_goodness_of_fit_ref                   ? 
_refine.ls_shift_over_su_max                     ? 
_refine.ls_shift_over_su_max_lt                  ? 
_refine.ls_shift_over_su_mean                    ? 
_refine.ls_shift_over_su_mean_lt                 ? 
_refine.pdbx_ls_sigma_I                          ? 
_refine.pdbx_ls_sigma_F                          0.000 
_refine.pdbx_ls_sigma_Fsqd                       ? 
_refine.pdbx_data_cutoff_high_absF               ? 
_refine.pdbx_data_cutoff_high_rms_absF           ? 
_refine.pdbx_data_cutoff_low_absF                ? 
_refine.pdbx_isotropic_thermal_model             ? 
_refine.pdbx_ls_cross_valid_method               THROUGHOUT 
_refine.pdbx_method_to_determine_struct          'AB INITIO PHASING' 
_refine.pdbx_starting_model                      ? 
_refine.pdbx_stereochemistry_target_values       ? 
_refine.pdbx_R_Free_selection_details            RANDOM 
_refine.pdbx_stereochem_target_val_spec_case     ? 
_refine.pdbx_overall_ESU_R                       ? 
_refine.pdbx_overall_ESU_R_Free                  ? 
_refine.pdbx_solvent_vdw_probe_radii             ? 
_refine.pdbx_solvent_ion_probe_radii             ? 
_refine.pdbx_solvent_shrinkage_radii             ? 
_refine.pdbx_real_space_R                        ? 
_refine.pdbx_density_correlation                 ? 
_refine.pdbx_pd_number_of_powder_patterns        ? 
_refine.pdbx_pd_number_of_points                 ? 
_refine.pdbx_pd_meas_number_of_points            ? 
_refine.pdbx_pd_proc_ls_prof_R_factor            ? 
_refine.pdbx_pd_proc_ls_prof_wR_factor           ? 
_refine.pdbx_pd_Marquardt_correlation_coeff      ? 
_refine.pdbx_pd_Fsqrd_R_factor                   ? 
_refine.pdbx_pd_ls_matrix_band_width             ? 
_refine.pdbx_overall_phase_error                 ? 
_refine.pdbx_overall_SU_R_free_Cruickshank_DPI   0.212 
_refine.pdbx_overall_SU_R_free_Blow_DPI          0.221 
_refine.pdbx_overall_SU_R_Blow_DPI               0.349 
_refine.pdbx_TLS_residual_ADP_flag               ? 
_refine.pdbx_diffrn_id                           1 
_refine.overall_SU_B                             ? 
_refine.overall_SU_ML                            ? 
_refine.overall_SU_R_Cruickshank_DPI             0.307 
_refine.overall_SU_R_free                        ? 
_refine.overall_FOM_free_R_set                   ? 
_refine.overall_FOM_work_R_set                   ? 
_refine.pdbx_average_fsc_overall                 ? 
_refine.pdbx_average_fsc_work                    ? 
_refine.pdbx_average_fsc_free                    ? 
# 
_refine_analyze.entry_id                        5N7H 
_refine_analyze.pdbx_refine_id                  'X-RAY DIFFRACTION' 
_refine_analyze.Luzzati_coordinate_error_free   ? 
_refine_analyze.Luzzati_coordinate_error_obs    0.38 
_refine_analyze.Luzzati_d_res_low_free          ? 
_refine_analyze.Luzzati_d_res_low_obs           ? 
_refine_analyze.Luzzati_sigma_a_free            ? 
_refine_analyze.Luzzati_sigma_a_free_details    ? 
_refine_analyze.Luzzati_sigma_a_obs             ? 
_refine_analyze.Luzzati_sigma_a_obs_details     ? 
_refine_analyze.number_disordered_residues      ? 
_refine_analyze.occupancy_sum_hydrogen          ? 
_refine_analyze.occupancy_sum_non_hydrogen      ? 
_refine_analyze.RG_d_res_high                   ? 
_refine_analyze.RG_d_res_low                    ? 
_refine_analyze.RG_free                         ? 
_refine_analyze.RG_work                         ? 
_refine_analyze.RG_free_work_ratio              ? 
_refine_analyze.pdbx_Luzzati_d_res_high_obs     ? 
# 
_refine_hist.pdbx_refine_id                   'X-RAY DIFFRACTION' 
_refine_hist.cycle_id                         1 
_refine_hist.pdbx_number_atoms_protein        902 
_refine_hist.pdbx_number_atoms_nucleic_acid   0 
_refine_hist.pdbx_number_atoms_ligand         0 
_refine_hist.number_atoms_solvent             17 
_refine_hist.number_atoms_total               919 
_refine_hist.d_res_high                       2.20 
_refine_hist.d_res_low                        38.14 
# 
loop_
_refine_ls_restr.pdbx_refine_id 
_refine_ls_restr.criterion 
_refine_ls_restr.dev_ideal 
_refine_ls_restr.dev_ideal_target 
_refine_ls_restr.number 
_refine_ls_restr.rejects 
_refine_ls_restr.type 
_refine_ls_restr.weight 
_refine_ls_restr.pdbx_restraint_function 
'X-RAY DIFFRACTION' ? 0.010 ? 917  ? t_bond_d                  2.00  HARMONIC     
'X-RAY DIFFRACTION' ? 0.95  ? 1222 ? t_angle_deg               2.00  HARMONIC     
'X-RAY DIFFRACTION' ? ?     ? 356  ? t_dihedral_angle_d        2.00  SINUSOIDAL   
'X-RAY DIFFRACTION' ? ?     ? ?    ? t_incorr_chiral_ct        ?     ?            
'X-RAY DIFFRACTION' ? ?     ? ?    ? t_pseud_angle             ?     ?            
'X-RAY DIFFRACTION' ? ?     ? 31   ? t_trig_c_planes           2.00  HARMONIC     
'X-RAY DIFFRACTION' ? ?     ? 125  ? t_gen_planes              5.00  HARMONIC     
'X-RAY DIFFRACTION' ? ?     ? 917  ? t_it                      20.00 HARMONIC     
'X-RAY DIFFRACTION' ? ?     ? ?    ? t_nbd                     ?     ?            
'X-RAY DIFFRACTION' ? 2.34  ? ?    ? t_omega_torsion           ?     ?            
'X-RAY DIFFRACTION' ? 17.25 ? ?    ? t_other_torsion           ?     ?            
'X-RAY DIFFRACTION' ? ?     ? ?    ? t_improper_torsion        ?     ?            
'X-RAY DIFFRACTION' ? ?     ? 112  ? t_chiral_improper_torsion 5.00  SEMIHARMONIC 
'X-RAY DIFFRACTION' ? ?     ? ?    ? t_sum_occupancies         ?     ?            
'X-RAY DIFFRACTION' ? ?     ? ?    ? t_utility_distance        ?     ?            
'X-RAY DIFFRACTION' ? ?     ? ?    ? t_utility_angle           ?     ?            
'X-RAY DIFFRACTION' ? ?     ? ?    ? t_utility_torsion         ?     ?            
'X-RAY DIFFRACTION' ? ?     ? 1081 ? t_ideal_dist_contact      4.00  SEMIHARMONIC 
# 
_refine_ls_shell.pdbx_refine_id                   'X-RAY DIFFRACTION' 
_refine_ls_shell.d_res_high                       2.20 
_refine_ls_shell.d_res_low                        2.46 
_refine_ls_shell.number_reflns_all                1781 
_refine_ls_shell.number_reflns_obs                ? 
_refine_ls_shell.number_reflns_R_free             133 
_refine_ls_shell.number_reflns_R_work             1648 
_refine_ls_shell.percent_reflns_obs               99.89 
_refine_ls_shell.percent_reflns_R_free            7.47 
_refine_ls_shell.R_factor_all                     0.2556 
_refine_ls_shell.R_factor_obs                     ? 
_refine_ls_shell.R_factor_R_free                  0.2905 
_refine_ls_shell.R_factor_R_free_error            ? 
_refine_ls_shell.R_factor_R_work                  0.2525 
_refine_ls_shell.redundancy_reflns_all            ? 
_refine_ls_shell.redundancy_reflns_obs            ? 
_refine_ls_shell.wR_factor_all                    ? 
_refine_ls_shell.wR_factor_obs                    ? 
_refine_ls_shell.wR_factor_R_free                 ? 
_refine_ls_shell.wR_factor_R_work                 ? 
_refine_ls_shell.pdbx_total_number_of_bins_used   5 
_refine_ls_shell.pdbx_phase_error                 ? 
_refine_ls_shell.pdbx_fsc_work                    ? 
_refine_ls_shell.pdbx_fsc_free                    ? 
# 
_struct.entry_id                     5N7H 
_struct.title                        'Crystal structure of the coiled-coil domain of human tricellulin' 
_struct.pdbx_model_details           ? 
_struct.pdbx_formula_weight          ? 
_struct.pdbx_formula_weight_method   ? 
_struct.pdbx_model_type_details      ? 
_struct.pdbx_CASP_flag               N 
# 
_struct_keywords.entry_id        5N7H 
_struct_keywords.text            'tight junction, CC domain, dimerization, cell adhesion' 
_struct_keywords.pdbx_keywords   'CELL ADHESION' 
# 
loop_
_struct_asym.id 
_struct_asym.pdbx_blank_PDB_chainid_flag 
_struct_asym.pdbx_modified 
_struct_asym.entity_id 
_struct_asym.details 
A N N 1 ? 
B N N 2 ? 
# 
_struct_ref.id                         1 
_struct_ref.db_name                    UNP 
_struct_ref.db_code                    MALD2_HUMAN 
_struct_ref.pdbx_db_accession          Q8N4S9 
_struct_ref.pdbx_db_isoform            ? 
_struct_ref.entity_id                  1 
_struct_ref.pdbx_seq_one_letter_code   
;MPDYVAKYPVIQTDDERERYKAVFQDQFSEYKELSAEVQAVLRKFDELDAVMSRLPHHSESRQEHERISRIHEEFKKKKN
DPTFLEKKERCDYLKNKLSHIKQRIQEYDKVMN
;
_struct_ref.pdbx_align_begin           439 
# 
_struct_ref_seq.align_id                      1 
_struct_ref_seq.ref_id                        1 
_struct_ref_seq.pdbx_PDB_id_code              5N7H 
_struct_ref_seq.pdbx_strand_id                A 
_struct_ref_seq.seq_align_beg                 3 
_struct_ref_seq.pdbx_seq_align_beg_ins_code   ? 
_struct_ref_seq.seq_align_end                 115 
_struct_ref_seq.pdbx_seq_align_end_ins_code   ? 
_struct_ref_seq.pdbx_db_accession             Q8N4S9 
_struct_ref_seq.db_align_beg                  439 
_struct_ref_seq.pdbx_db_align_beg_ins_code    ? 
_struct_ref_seq.db_align_end                  551 
_struct_ref_seq.pdbx_db_align_end_ins_code    ? 
_struct_ref_seq.pdbx_auth_seq_align_beg       439 
_struct_ref_seq.pdbx_auth_seq_align_end       551 
# 
loop_
_struct_ref_seq_dif.align_id 
_struct_ref_seq_dif.pdbx_pdb_id_code 
_struct_ref_seq_dif.mon_id 
_struct_ref_seq_dif.pdbx_pdb_strand_id 
_struct_ref_seq_dif.seq_num 
_struct_ref_seq_dif.pdbx_pdb_ins_code 
_struct_ref_seq_dif.pdbx_seq_db_name 
_struct_ref_seq_dif.pdbx_seq_db_accession_code 
_struct_ref_seq_dif.db_mon_id 
_struct_ref_seq_dif.pdbx_seq_db_seq_num 
_struct_ref_seq_dif.details 
_struct_ref_seq_dif.pdbx_auth_seq_num 
_struct_ref_seq_dif.pdbx_ordinal 
1 5N7H GLY A 1 ? UNP Q8N4S9 ? ? 'expression tag' 437 1 
1 5N7H SER A 2 ? UNP Q8N4S9 ? ? 'expression tag' 438 2 
# 
_pdbx_struct_assembly.id                   1 
_pdbx_struct_assembly.details              author_and_software_defined_assembly 
_pdbx_struct_assembly.method_details       PISA 
_pdbx_struct_assembly.oligomeric_details   monomeric 
_pdbx_struct_assembly.oligomeric_count     1 
# 
loop_
_pdbx_struct_assembly_prop.biol_id 
_pdbx_struct_assembly_prop.type 
_pdbx_struct_assembly_prop.value 
_pdbx_struct_assembly_prop.details 
1 'ABSA (A^2)' 0    ? 
1 MORE         0    ? 
1 'SSA (A^2)'  8010 ? 
# 
_pdbx_struct_assembly_gen.assembly_id       1 
_pdbx_struct_assembly_gen.oper_expression   1 
_pdbx_struct_assembly_gen.asym_id_list      A,B 
# 
_pdbx_struct_oper_list.id                   1 
_pdbx_struct_oper_list.type                 'identity operation' 
_pdbx_struct_oper_list.name                 1_555 
_pdbx_struct_oper_list.symmetry_operation   x,y,z 
_pdbx_struct_oper_list.matrix[1][1]         1.0000000000 
_pdbx_struct_oper_list.matrix[1][2]         0.0000000000 
_pdbx_struct_oper_list.matrix[1][3]         0.0000000000 
_pdbx_struct_oper_list.vector[1]            0.0000000000 
_pdbx_struct_oper_list.matrix[2][1]         0.0000000000 
_pdbx_struct_oper_list.matrix[2][2]         1.0000000000 
_pdbx_struct_oper_list.matrix[2][3]         0.0000000000 
_pdbx_struct_oper_list.vector[2]            0.0000000000 
_pdbx_struct_oper_list.matrix[3][1]         0.0000000000 
_pdbx_struct_oper_list.matrix[3][2]         0.0000000000 
_pdbx_struct_oper_list.matrix[3][3]         1.0000000000 
_pdbx_struct_oper_list.vector[3]            0.0000000000 
# 
loop_
_struct_conf.conf_type_id 
_struct_conf.id 
_struct_conf.pdbx_PDB_helix_id 
_struct_conf.beg_label_comp_id 
_struct_conf.beg_label_asym_id 
_struct_conf.beg_label_seq_id 
_struct_conf.pdbx_beg_PDB_ins_code 
_struct_conf.end_label_comp_id 
_struct_conf.end_label_asym_id 
_struct_conf.end_label_seq_id 
_struct_conf.pdbx_end_PDB_ins_code 
_struct_conf.beg_auth_comp_id 
_struct_conf.beg_auth_asym_id 
_struct_conf.beg_auth_seq_id 
_struct_conf.end_auth_comp_id 
_struct_conf.end_auth_asym_id 
_struct_conf.end_auth_seq_id 
_struct_conf.pdbx_PDB_helix_class 
_struct_conf.details 
_struct_conf.pdbx_PDB_helix_length 
HELX_P HELX_P1 AA1 ASP A 5  ? TYR A 10  ? ASP A 441 TYR A 446 1 ? 6  
HELX_P HELX_P2 AA2 THR A 15 ? ALA A 52  ? THR A 451 ALA A 488 1 ? 38 
HELX_P HELX_P3 AA3 ARG A 64 ? ASN A 82  ? ARG A 500 ASN A 518 1 ? 19 
HELX_P HELX_P4 AA4 ASP A 83 ? MET A 114 ? ASP A 519 MET A 550 1 ? 32 
# 
_struct_conf_type.id          HELX_P 
_struct_conf_type.criteria    ? 
_struct_conf_type.reference   ? 
# 
loop_
_pdbx_refine_tls.pdbx_refine_id 
_pdbx_refine_tls.id 
_pdbx_refine_tls.details 
_pdbx_refine_tls.method 
_pdbx_refine_tls.origin_x 
_pdbx_refine_tls.origin_y 
_pdbx_refine_tls.origin_z 
_pdbx_refine_tls.T[1][1] 
_pdbx_refine_tls.T[2][2] 
_pdbx_refine_tls.T[3][3] 
_pdbx_refine_tls.T[1][2] 
_pdbx_refine_tls.T[1][3] 
_pdbx_refine_tls.T[2][3] 
_pdbx_refine_tls.L[1][1] 
_pdbx_refine_tls.L[2][2] 
_pdbx_refine_tls.L[3][3] 
_pdbx_refine_tls.L[1][2] 
_pdbx_refine_tls.L[1][3] 
_pdbx_refine_tls.L[2][3] 
_pdbx_refine_tls.S[1][1] 
_pdbx_refine_tls.S[1][2] 
_pdbx_refine_tls.S[1][3] 
_pdbx_refine_tls.S[2][1] 
_pdbx_refine_tls.S[2][2] 
_pdbx_refine_tls.S[2][3] 
_pdbx_refine_tls.S[3][1] 
_pdbx_refine_tls.S[3][2] 
_pdbx_refine_tls.S[3][3] 
'X-RAY DIFFRACTION' 1 ? refined 4.6862  10.3603  -3.9434 -0.2834 0.0357  -0.2484 0.0408  -0.1053 0.0764 2.8108 6.0905 3.3053  -0.1810 -1.2870 -1.0375 -0.0341 0.0580 0.1424  0.1984  -0.1126 -0.5508 -0.0620 0.7319  0.1467  
'X-RAY DIFFRACTION' 2 ? refined -7.3917 -21.8974 11.5415 0.4118  0.0441  -0.0082 -0.0542 -0.0408 0.0058 3.0619 5.6823 -2.3813 2.4771  -1.0867 1.6639  0.2268  0.2996 -0.0767 0.1595  -0.1914 -0.1152 0.1813  -0.4774 -0.0354 
'X-RAY DIFFRACTION' 3 ? refined 0.1772  5.2999   -4.2992 -0.2140 -0.0104 -0.1413 0.0266  -0.1124 0.0255 4.7151 5.3294 7.2634  2.5793  -4.4094 -4.0897 0.0409  0.2468 -0.0335 -0.1923 0.0826  -0.1286 0.4253  0.3778  -0.1235 
# 
loop_
_pdbx_refine_tls_group.pdbx_refine_id 
_pdbx_refine_tls_group.id 
_pdbx_refine_tls_group.refine_tls_id 
_pdbx_refine_tls_group.beg_auth_asym_id 
_pdbx_refine_tls_group.beg_auth_seq_id 
_pdbx_refine_tls_group.beg_label_asym_id 
_pdbx_refine_tls_group.beg_label_seq_id 
_pdbx_refine_tls_group.end_auth_asym_id 
_pdbx_refine_tls_group.end_auth_seq_id 
_pdbx_refine_tls_group.end_label_asym_id 
_pdbx_refine_tls_group.end_label_seq_id 
_pdbx_refine_tls_group.selection 
_pdbx_refine_tls_group.selection_details 
'X-RAY DIFFRACTION' 1 1 ? ? ? ? ? ? ? ? ? '{A|438 - 480}' 
'X-RAY DIFFRACTION' 2 2 ? ? ? ? ? ? ? ? ? '{A|481 - 515}' 
'X-RAY DIFFRACTION' 3 3 ? ? ? ? ? ? ? ? ? '{A|516 - 550}' 
# 
loop_
_pdbx_unobs_or_zero_occ_residues.id 
_pdbx_unobs_or_zero_occ_residues.PDB_model_num 
_pdbx_unobs_or_zero_occ_residues.polymer_flag 
_pdbx_unobs_or_zero_occ_residues.occupancy_flag 
_pdbx_unobs_or_zero_occ_residues.auth_asym_id 
_pdbx_unobs_or_zero_occ_residues.auth_comp_id 
_pdbx_unobs_or_zero_occ_residues.auth_seq_id 
_pdbx_unobs_or_zero_occ_residues.PDB_ins_code 
_pdbx_unobs_or_zero_occ_residues.label_asym_id 
_pdbx_unobs_or_zero_occ_residues.label_comp_id 
_pdbx_unobs_or_zero_occ_residues.label_seq_id 
1  1 Y 1 A GLY 437 ? A GLY 1   
2  1 Y 1 A SER 491 ? A SER 55  
3  1 Y 1 A ARG 492 ? A ARG 56  
4  1 Y 1 A LEU 493 ? A LEU 57  
5  1 Y 1 A PRO 494 ? A PRO 58  
6  1 Y 1 A HIS 495 ? A HIS 59  
7  1 Y 1 A HIS 496 ? A HIS 60  
8  1 Y 1 A SER 497 ? A SER 61  
9  1 Y 1 A GLU 498 ? A GLU 62  
10 1 Y 1 A ASN 551 ? A ASN 115 
# 
loop_
_chem_comp_atom.comp_id 
_chem_comp_atom.atom_id 
_chem_comp_atom.type_symbol 
_chem_comp_atom.pdbx_aromatic_flag 
_chem_comp_atom.pdbx_stereo_config 
_chem_comp_atom.pdbx_ordinal 
ALA N    N N N 1   
ALA CA   C N S 2   
ALA C    C N N 3   
ALA O    O N N 4   
ALA CB   C N N 5   
ALA OXT  O N N 6   
ALA H    H N N 7   
ALA H2   H N N 8   
ALA HA   H N N 9   
ALA HB1  H N N 10  
ALA HB2  H N N 11  
ALA HB3  H N N 12  
ALA HXT  H N N 13  
ARG N    N N N 14  
ARG CA   C N S 15  
ARG C    C N N 16  
ARG O    O N N 17  
ARG CB   C N N 18  
ARG CG   C N N 19  
ARG CD   C N N 20  
ARG NE   N N N 21  
ARG CZ   C N N 22  
ARG NH1  N N N 23  
ARG NH2  N N N 24  
ARG OXT  O N N 25  
ARG H    H N N 26  
ARG H2   H N N 27  
ARG HA   H N N 28  
ARG HB2  H N N 29  
ARG HB3  H N N 30  
ARG HG2  H N N 31  
ARG HG3  H N N 32  
ARG HD2  H N N 33  
ARG HD3  H N N 34  
ARG HE   H N N 35  
ARG HH11 H N N 36  
ARG HH12 H N N 37  
ARG HH21 H N N 38  
ARG HH22 H N N 39  
ARG HXT  H N N 40  
ASN N    N N N 41  
ASN CA   C N S 42  
ASN C    C N N 43  
ASN O    O N N 44  
ASN CB   C N N 45  
ASN CG   C N N 46  
ASN OD1  O N N 47  
ASN ND2  N N N 48  
ASN OXT  O N N 49  
ASN H    H N N 50  
ASN H2   H N N 51  
ASN HA   H N N 52  
ASN HB2  H N N 53  
ASN HB3  H N N 54  
ASN HD21 H N N 55  
ASN HD22 H N N 56  
ASN HXT  H N N 57  
ASP N    N N N 58  
ASP CA   C N S 59  
ASP C    C N N 60  
ASP O    O N N 61  
ASP CB   C N N 62  
ASP CG   C N N 63  
ASP OD1  O N N 64  
ASP OD2  O N N 65  
ASP OXT  O N N 66  
ASP H    H N N 67  
ASP H2   H N N 68  
ASP HA   H N N 69  
ASP HB2  H N N 70  
ASP HB3  H N N 71  
ASP HD2  H N N 72  
ASP HXT  H N N 73  
CYS N    N N N 74  
CYS CA   C N R 75  
CYS C    C N N 76  
CYS O    O N N 77  
CYS CB   C N N 78  
CYS SG   S N N 79  
CYS OXT  O N N 80  
CYS H    H N N 81  
CYS H2   H N N 82  
CYS HA   H N N 83  
CYS HB2  H N N 84  
CYS HB3  H N N 85  
CYS HG   H N N 86  
CYS HXT  H N N 87  
GLN N    N N N 88  
GLN CA   C N S 89  
GLN C    C N N 90  
GLN O    O N N 91  
GLN CB   C N N 92  
GLN CG   C N N 93  
GLN CD   C N N 94  
GLN OE1  O N N 95  
GLN NE2  N N N 96  
GLN OXT  O N N 97  
GLN H    H N N 98  
GLN H2   H N N 99  
GLN HA   H N N 100 
GLN HB2  H N N 101 
GLN HB3  H N N 102 
GLN HG2  H N N 103 
GLN HG3  H N N 104 
GLN HE21 H N N 105 
GLN HE22 H N N 106 
GLN HXT  H N N 107 
GLU N    N N N 108 
GLU CA   C N S 109 
GLU C    C N N 110 
GLU O    O N N 111 
GLU CB   C N N 112 
GLU CG   C N N 113 
GLU CD   C N N 114 
GLU OE1  O N N 115 
GLU OE2  O N N 116 
GLU OXT  O N N 117 
GLU H    H N N 118 
GLU H2   H N N 119 
GLU HA   H N N 120 
GLU HB2  H N N 121 
GLU HB3  H N N 122 
GLU HG2  H N N 123 
GLU HG3  H N N 124 
GLU HE2  H N N 125 
GLU HXT  H N N 126 
GLY N    N N N 127 
GLY CA   C N N 128 
GLY C    C N N 129 
GLY O    O N N 130 
GLY OXT  O N N 131 
GLY H    H N N 132 
GLY H2   H N N 133 
GLY HA2  H N N 134 
GLY HA3  H N N 135 
GLY HXT  H N N 136 
HIS N    N N N 137 
HIS CA   C N S 138 
HIS C    C N N 139 
HIS O    O N N 140 
HIS CB   C N N 141 
HIS CG   C Y N 142 
HIS ND1  N Y N 143 
HIS CD2  C Y N 144 
HIS CE1  C Y N 145 
HIS NE2  N Y N 146 
HIS OXT  O N N 147 
HIS H    H N N 148 
HIS H2   H N N 149 
HIS HA   H N N 150 
HIS HB2  H N N 151 
HIS HB3  H N N 152 
HIS HD1  H N N 153 
HIS HD2  H N N 154 
HIS HE1  H N N 155 
HIS HE2  H N N 156 
HIS HXT  H N N 157 
HOH O    O N N 158 
HOH H1   H N N 159 
HOH H2   H N N 160 
ILE N    N N N 161 
ILE CA   C N S 162 
ILE C    C N N 163 
ILE O    O N N 164 
ILE CB   C N S 165 
ILE CG1  C N N 166 
ILE CG2  C N N 167 
ILE CD1  C N N 168 
ILE OXT  O N N 169 
ILE H    H N N 170 
ILE H2   H N N 171 
ILE HA   H N N 172 
ILE HB   H N N 173 
ILE HG12 H N N 174 
ILE HG13 H N N 175 
ILE HG21 H N N 176 
ILE HG22 H N N 177 
ILE HG23 H N N 178 
ILE HD11 H N N 179 
ILE HD12 H N N 180 
ILE HD13 H N N 181 
ILE HXT  H N N 182 
LEU N    N N N 183 
LEU CA   C N S 184 
LEU C    C N N 185 
LEU O    O N N 186 
LEU CB   C N N 187 
LEU CG   C N N 188 
LEU CD1  C N N 189 
LEU CD2  C N N 190 
LEU OXT  O N N 191 
LEU H    H N N 192 
LEU H2   H N N 193 
LEU HA   H N N 194 
LEU HB2  H N N 195 
LEU HB3  H N N 196 
LEU HG   H N N 197 
LEU HD11 H N N 198 
LEU HD12 H N N 199 
LEU HD13 H N N 200 
LEU HD21 H N N 201 
LEU HD22 H N N 202 
LEU HD23 H N N 203 
LEU HXT  H N N 204 
LYS N    N N N 205 
LYS CA   C N S 206 
LYS C    C N N 207 
LYS O    O N N 208 
LYS CB   C N N 209 
LYS CG   C N N 210 
LYS CD   C N N 211 
LYS CE   C N N 212 
LYS NZ   N N N 213 
LYS OXT  O N N 214 
LYS H    H N N 215 
LYS H2   H N N 216 
LYS HA   H N N 217 
LYS HB2  H N N 218 
LYS HB3  H N N 219 
LYS HG2  H N N 220 
LYS HG3  H N N 221 
LYS HD2  H N N 222 
LYS HD3  H N N 223 
LYS HE2  H N N 224 
LYS HE3  H N N 225 
LYS HZ1  H N N 226 
LYS HZ2  H N N 227 
LYS HZ3  H N N 228 
LYS HXT  H N N 229 
MET N    N N N 230 
MET CA   C N S 231 
MET C    C N N 232 
MET O    O N N 233 
MET CB   C N N 234 
MET CG   C N N 235 
MET SD   S N N 236 
MET CE   C N N 237 
MET OXT  O N N 238 
MET H    H N N 239 
MET H2   H N N 240 
MET HA   H N N 241 
MET HB2  H N N 242 
MET HB3  H N N 243 
MET HG2  H N N 244 
MET HG3  H N N 245 
MET HE1  H N N 246 
MET HE2  H N N 247 
MET HE3  H N N 248 
MET HXT  H N N 249 
PHE N    N N N 250 
PHE CA   C N S 251 
PHE C    C N N 252 
PHE O    O N N 253 
PHE CB   C N N 254 
PHE CG   C Y N 255 
PHE CD1  C Y N 256 
PHE CD2  C Y N 257 
PHE CE1  C Y N 258 
PHE CE2  C Y N 259 
PHE CZ   C Y N 260 
PHE OXT  O N N 261 
PHE H    H N N 262 
PHE H2   H N N 263 
PHE HA   H N N 264 
PHE HB2  H N N 265 
PHE HB3  H N N 266 
PHE HD1  H N N 267 
PHE HD2  H N N 268 
PHE HE1  H N N 269 
PHE HE2  H N N 270 
PHE HZ   H N N 271 
PHE HXT  H N N 272 
PRO N    N N N 273 
PRO CA   C N S 274 
PRO C    C N N 275 
PRO O    O N N 276 
PRO CB   C N N 277 
PRO CG   C N N 278 
PRO CD   C N N 279 
PRO OXT  O N N 280 
PRO H    H N N 281 
PRO HA   H N N 282 
PRO HB2  H N N 283 
PRO HB3  H N N 284 
PRO HG2  H N N 285 
PRO HG3  H N N 286 
PRO HD2  H N N 287 
PRO HD3  H N N 288 
PRO HXT  H N N 289 
SER N    N N N 290 
SER CA   C N S 291 
SER C    C N N 292 
SER O    O N N 293 
SER CB   C N N 294 
SER OG   O N N 295 
SER OXT  O N N 296 
SER H    H N N 297 
SER H2   H N N 298 
SER HA   H N N 299 
SER HB2  H N N 300 
SER HB3  H N N 301 
SER HG   H N N 302 
SER HXT  H N N 303 
THR N    N N N 304 
THR CA   C N S 305 
THR C    C N N 306 
THR O    O N N 307 
THR CB   C N R 308 
THR OG1  O N N 309 
THR CG2  C N N 310 
THR OXT  O N N 311 
THR H    H N N 312 
THR H2   H N N 313 
THR HA   H N N 314 
THR HB   H N N 315 
THR HG1  H N N 316 
THR HG21 H N N 317 
THR HG22 H N N 318 
THR HG23 H N N 319 
THR HXT  H N N 320 
TYR N    N N N 321 
TYR CA   C N S 322 
TYR C    C N N 323 
TYR O    O N N 324 
TYR CB   C N N 325 
TYR CG   C Y N 326 
TYR CD1  C Y N 327 
TYR CD2  C Y N 328 
TYR CE1  C Y N 329 
TYR CE2  C Y N 330 
TYR CZ   C Y N 331 
TYR OH   O N N 332 
TYR OXT  O N N 333 
TYR H    H N N 334 
TYR H2   H N N 335 
TYR HA   H N N 336 
TYR HB2  H N N 337 
TYR HB3  H N N 338 
TYR HD1  H N N 339 
TYR HD2  H N N 340 
TYR HE1  H N N 341 
TYR HE2  H N N 342 
TYR HH   H N N 343 
TYR HXT  H N N 344 
VAL N    N N N 345 
VAL CA   C N S 346 
VAL C    C N N 347 
VAL O    O N N 348 
VAL CB   C N N 349 
VAL CG1  C N N 350 
VAL CG2  C N N 351 
VAL OXT  O N N 352 
VAL H    H N N 353 
VAL H2   H N N 354 
VAL HA   H N N 355 
VAL HB   H N N 356 
VAL HG11 H N N 357 
VAL HG12 H N N 358 
VAL HG13 H N N 359 
VAL HG21 H N N 360 
VAL HG22 H N N 361 
VAL HG23 H N N 362 
VAL HXT  H N N 363 
# 
loop_
_chem_comp_bond.comp_id 
_chem_comp_bond.atom_id_1 
_chem_comp_bond.atom_id_2 
_chem_comp_bond.value_order 
_chem_comp_bond.pdbx_aromatic_flag 
_chem_comp_bond.pdbx_stereo_config 
_chem_comp_bond.pdbx_ordinal 
ALA N   CA   sing N N 1   
ALA N   H    sing N N 2   
ALA N   H2   sing N N 3   
ALA CA  C    sing N N 4   
ALA CA  CB   sing N N 5   
ALA CA  HA   sing N N 6   
ALA C   O    doub N N 7   
ALA C   OXT  sing N N 8   
ALA CB  HB1  sing N N 9   
ALA CB  HB2  sing N N 10  
ALA CB  HB3  sing N N 11  
ALA OXT HXT  sing N N 12  
ARG N   CA   sing N N 13  
ARG N   H    sing N N 14  
ARG N   H2   sing N N 15  
ARG CA  C    sing N N 16  
ARG CA  CB   sing N N 17  
ARG CA  HA   sing N N 18  
ARG C   O    doub N N 19  
ARG C   OXT  sing N N 20  
ARG CB  CG   sing N N 21  
ARG CB  HB2  sing N N 22  
ARG CB  HB3  sing N N 23  
ARG CG  CD   sing N N 24  
ARG CG  HG2  sing N N 25  
ARG CG  HG3  sing N N 26  
ARG CD  NE   sing N N 27  
ARG CD  HD2  sing N N 28  
ARG CD  HD3  sing N N 29  
ARG NE  CZ   sing N N 30  
ARG NE  HE   sing N N 31  
ARG CZ  NH1  sing N N 32  
ARG CZ  NH2  doub N N 33  
ARG NH1 HH11 sing N N 34  
ARG NH1 HH12 sing N N 35  
ARG NH2 HH21 sing N N 36  
ARG NH2 HH22 sing N N 37  
ARG OXT HXT  sing N N 38  
ASN N   CA   sing N N 39  
ASN N   H    sing N N 40  
ASN N   H2   sing N N 41  
ASN CA  C    sing N N 42  
ASN CA  CB   sing N N 43  
ASN CA  HA   sing N N 44  
ASN C   O    doub N N 45  
ASN C   OXT  sing N N 46  
ASN CB  CG   sing N N 47  
ASN CB  HB2  sing N N 48  
ASN CB  HB3  sing N N 49  
ASN CG  OD1  doub N N 50  
ASN CG  ND2  sing N N 51  
ASN ND2 HD21 sing N N 52  
ASN ND2 HD22 sing N N 53  
ASN OXT HXT  sing N N 54  
ASP N   CA   sing N N 55  
ASP N   H    sing N N 56  
ASP N   H2   sing N N 57  
ASP CA  C    sing N N 58  
ASP CA  CB   sing N N 59  
ASP CA  HA   sing N N 60  
ASP C   O    doub N N 61  
ASP C   OXT  sing N N 62  
ASP CB  CG   sing N N 63  
ASP CB  HB2  sing N N 64  
ASP CB  HB3  sing N N 65  
ASP CG  OD1  doub N N 66  
ASP CG  OD2  sing N N 67  
ASP OD2 HD2  sing N N 68  
ASP OXT HXT  sing N N 69  
CYS N   CA   sing N N 70  
CYS N   H    sing N N 71  
CYS N   H2   sing N N 72  
CYS CA  C    sing N N 73  
CYS CA  CB   sing N N 74  
CYS CA  HA   sing N N 75  
CYS C   O    doub N N 76  
CYS C   OXT  sing N N 77  
CYS CB  SG   sing N N 78  
CYS CB  HB2  sing N N 79  
CYS CB  HB3  sing N N 80  
CYS SG  HG   sing N N 81  
CYS OXT HXT  sing N N 82  
GLN N   CA   sing N N 83  
GLN N   H    sing N N 84  
GLN N   H2   sing N N 85  
GLN CA  C    sing N N 86  
GLN CA  CB   sing N N 87  
GLN CA  HA   sing N N 88  
GLN C   O    doub N N 89  
GLN C   OXT  sing N N 90  
GLN CB  CG   sing N N 91  
GLN CB  HB2  sing N N 92  
GLN CB  HB3  sing N N 93  
GLN CG  CD   sing N N 94  
GLN CG  HG2  sing N N 95  
GLN CG  HG3  sing N N 96  
GLN CD  OE1  doub N N 97  
GLN CD  NE2  sing N N 98  
GLN NE2 HE21 sing N N 99  
GLN NE2 HE22 sing N N 100 
GLN OXT HXT  sing N N 101 
GLU N   CA   sing N N 102 
GLU N   H    sing N N 103 
GLU N   H2   sing N N 104 
GLU CA  C    sing N N 105 
GLU CA  CB   sing N N 106 
GLU CA  HA   sing N N 107 
GLU C   O    doub N N 108 
GLU C   OXT  sing N N 109 
GLU CB  CG   sing N N 110 
GLU CB  HB2  sing N N 111 
GLU CB  HB3  sing N N 112 
GLU CG  CD   sing N N 113 
GLU CG  HG2  sing N N 114 
GLU CG  HG3  sing N N 115 
GLU CD  OE1  doub N N 116 
GLU CD  OE2  sing N N 117 
GLU OE2 HE2  sing N N 118 
GLU OXT HXT  sing N N 119 
GLY N   CA   sing N N 120 
GLY N   H    sing N N 121 
GLY N   H2   sing N N 122 
GLY CA  C    sing N N 123 
GLY CA  HA2  sing N N 124 
GLY CA  HA3  sing N N 125 
GLY C   O    doub N N 126 
GLY C   OXT  sing N N 127 
GLY OXT HXT  sing N N 128 
HIS N   CA   sing N N 129 
HIS N   H    sing N N 130 
HIS N   H2   sing N N 131 
HIS CA  C    sing N N 132 
HIS CA  CB   sing N N 133 
HIS CA  HA   sing N N 134 
HIS C   O    doub N N 135 
HIS C   OXT  sing N N 136 
HIS CB  CG   sing N N 137 
HIS CB  HB2  sing N N 138 
HIS CB  HB3  sing N N 139 
HIS CG  ND1  sing Y N 140 
HIS CG  CD2  doub Y N 141 
HIS ND1 CE1  doub Y N 142 
HIS ND1 HD1  sing N N 143 
HIS CD2 NE2  sing Y N 144 
HIS CD2 HD2  sing N N 145 
HIS CE1 NE2  sing Y N 146 
HIS CE1 HE1  sing N N 147 
HIS NE2 HE2  sing N N 148 
HIS OXT HXT  sing N N 149 
HOH O   H1   sing N N 150 
HOH O   H2   sing N N 151 
ILE N   CA   sing N N 152 
ILE N   H    sing N N 153 
ILE N   H2   sing N N 154 
ILE CA  C    sing N N 155 
ILE CA  CB   sing N N 156 
ILE CA  HA   sing N N 157 
ILE C   O    doub N N 158 
ILE C   OXT  sing N N 159 
ILE CB  CG1  sing N N 160 
ILE CB  CG2  sing N N 161 
ILE CB  HB   sing N N 162 
ILE CG1 CD1  sing N N 163 
ILE CG1 HG12 sing N N 164 
ILE CG1 HG13 sing N N 165 
ILE CG2 HG21 sing N N 166 
ILE CG2 HG22 sing N N 167 
ILE CG2 HG23 sing N N 168 
ILE CD1 HD11 sing N N 169 
ILE CD1 HD12 sing N N 170 
ILE CD1 HD13 sing N N 171 
ILE OXT HXT  sing N N 172 
LEU N   CA   sing N N 173 
LEU N   H    sing N N 174 
LEU N   H2   sing N N 175 
LEU CA  C    sing N N 176 
LEU CA  CB   sing N N 177 
LEU CA  HA   sing N N 178 
LEU C   O    doub N N 179 
LEU C   OXT  sing N N 180 
LEU CB  CG   sing N N 181 
LEU CB  HB2  sing N N 182 
LEU CB  HB3  sing N N 183 
LEU CG  CD1  sing N N 184 
LEU CG  CD2  sing N N 185 
LEU CG  HG   sing N N 186 
LEU CD1 HD11 sing N N 187 
LEU CD1 HD12 sing N N 188 
LEU CD1 HD13 sing N N 189 
LEU CD2 HD21 sing N N 190 
LEU CD2 HD22 sing N N 191 
LEU CD2 HD23 sing N N 192 
LEU OXT HXT  sing N N 193 
LYS N   CA   sing N N 194 
LYS N   H    sing N N 195 
LYS N   H2   sing N N 196 
LYS CA  C    sing N N 197 
LYS CA  CB   sing N N 198 
LYS CA  HA   sing N N 199 
LYS C   O    doub N N 200 
LYS C   OXT  sing N N 201 
LYS CB  CG   sing N N 202 
LYS CB  HB2  sing N N 203 
LYS CB  HB3  sing N N 204 
LYS CG  CD   sing N N 205 
LYS CG  HG2  sing N N 206 
LYS CG  HG3  sing N N 207 
LYS CD  CE   sing N N 208 
LYS CD  HD2  sing N N 209 
LYS CD  HD3  sing N N 210 
LYS CE  NZ   sing N N 211 
LYS CE  HE2  sing N N 212 
LYS CE  HE3  sing N N 213 
LYS NZ  HZ1  sing N N 214 
LYS NZ  HZ2  sing N N 215 
LYS NZ  HZ3  sing N N 216 
LYS OXT HXT  sing N N 217 
MET N   CA   sing N N 218 
MET N   H    sing N N 219 
MET N   H2   sing N N 220 
MET CA  C    sing N N 221 
MET CA  CB   sing N N 222 
MET CA  HA   sing N N 223 
MET C   O    doub N N 224 
MET C   OXT  sing N N 225 
MET CB  CG   sing N N 226 
MET CB  HB2  sing N N 227 
MET CB  HB3  sing N N 228 
MET CG  SD   sing N N 229 
MET CG  HG2  sing N N 230 
MET CG  HG3  sing N N 231 
MET SD  CE   sing N N 232 
MET CE  HE1  sing N N 233 
MET CE  HE2  sing N N 234 
MET CE  HE3  sing N N 235 
MET OXT HXT  sing N N 236 
PHE N   CA   sing N N 237 
PHE N   H    sing N N 238 
PHE N   H2   sing N N 239 
PHE CA  C    sing N N 240 
PHE CA  CB   sing N N 241 
PHE CA  HA   sing N N 242 
PHE C   O    doub N N 243 
PHE C   OXT  sing N N 244 
PHE CB  CG   sing N N 245 
PHE CB  HB2  sing N N 246 
PHE CB  HB3  sing N N 247 
PHE CG  CD1  doub Y N 248 
PHE CG  CD2  sing Y N 249 
PHE CD1 CE1  sing Y N 250 
PHE CD1 HD1  sing N N 251 
PHE CD2 CE2  doub Y N 252 
PHE CD2 HD2  sing N N 253 
PHE CE1 CZ   doub Y N 254 
PHE CE1 HE1  sing N N 255 
PHE CE2 CZ   sing Y N 256 
PHE CE2 HE2  sing N N 257 
PHE CZ  HZ   sing N N 258 
PHE OXT HXT  sing N N 259 
PRO N   CA   sing N N 260 
PRO N   CD   sing N N 261 
PRO N   H    sing N N 262 
PRO CA  C    sing N N 263 
PRO CA  CB   sing N N 264 
PRO CA  HA   sing N N 265 
PRO C   O    doub N N 266 
PRO C   OXT  sing N N 267 
PRO CB  CG   sing N N 268 
PRO CB  HB2  sing N N 269 
PRO CB  HB3  sing N N 270 
PRO CG  CD   sing N N 271 
PRO CG  HG2  sing N N 272 
PRO CG  HG3  sing N N 273 
PRO CD  HD2  sing N N 274 
PRO CD  HD3  sing N N 275 
PRO OXT HXT  sing N N 276 
SER N   CA   sing N N 277 
SER N   H    sing N N 278 
SER N   H2   sing N N 279 
SER CA  C    sing N N 280 
SER CA  CB   sing N N 281 
SER CA  HA   sing N N 282 
SER C   O    doub N N 283 
SER C   OXT  sing N N 284 
SER CB  OG   sing N N 285 
SER CB  HB2  sing N N 286 
SER CB  HB3  sing N N 287 
SER OG  HG   sing N N 288 
SER OXT HXT  sing N N 289 
THR N   CA   sing N N 290 
THR N   H    sing N N 291 
THR N   H2   sing N N 292 
THR CA  C    sing N N 293 
THR CA  CB   sing N N 294 
THR CA  HA   sing N N 295 
THR C   O    doub N N 296 
THR C   OXT  sing N N 297 
THR CB  OG1  sing N N 298 
THR CB  CG2  sing N N 299 
THR CB  HB   sing N N 300 
THR OG1 HG1  sing N N 301 
THR CG2 HG21 sing N N 302 
THR CG2 HG22 sing N N 303 
THR CG2 HG23 sing N N 304 
THR OXT HXT  sing N N 305 
TYR N   CA   sing N N 306 
TYR N   H    sing N N 307 
TYR N   H2   sing N N 308 
TYR CA  C    sing N N 309 
TYR CA  CB   sing N N 310 
TYR CA  HA   sing N N 311 
TYR C   O    doub N N 312 
TYR C   OXT  sing N N 313 
TYR CB  CG   sing N N 314 
TYR CB  HB2  sing N N 315 
TYR CB  HB3  sing N N 316 
TYR CG  CD1  doub Y N 317 
TYR CG  CD2  sing Y N 318 
TYR CD1 CE1  sing Y N 319 
TYR CD1 HD1  sing N N 320 
TYR CD2 CE2  doub Y N 321 
TYR CD2 HD2  sing N N 322 
TYR CE1 CZ   doub Y N 323 
TYR CE1 HE1  sing N N 324 
TYR CE2 CZ   sing Y N 325 
TYR CE2 HE2  sing N N 326 
TYR CZ  OH   sing N N 327 
TYR OH  HH   sing N N 328 
TYR OXT HXT  sing N N 329 
VAL N   CA   sing N N 330 
VAL N   H    sing N N 331 
VAL N   H2   sing N N 332 
VAL CA  C    sing N N 333 
VAL CA  CB   sing N N 334 
VAL CA  HA   sing N N 335 
VAL C   O    doub N N 336 
VAL C   OXT  sing N N 337 
VAL CB  CG1  sing N N 338 
VAL CB  CG2  sing N N 339 
VAL CB  HB   sing N N 340 
VAL CG1 HG11 sing N N 341 
VAL CG1 HG12 sing N N 342 
VAL CG1 HG13 sing N N 343 
VAL CG2 HG21 sing N N 344 
VAL CG2 HG22 sing N N 345 
VAL CG2 HG23 sing N N 346 
VAL OXT HXT  sing N N 347 
# 
_atom_sites.entry_id                    5N7H 
_atom_sites.fract_transf_matrix[1][1]   0.01185506 
_atom_sites.fract_transf_matrix[1][2]   0.00748399 
_atom_sites.fract_transf_matrix[1][3]   0.02215688 
_atom_sites.fract_transf_matrix[2][1]   -0.00859953 
_atom_sites.fract_transf_matrix[2][2]   0.02108895 
_atom_sites.fract_transf_matrix[2][3]   0.01299202 
_atom_sites.fract_transf_matrix[3][1]   -0.00306405 
_atom_sites.fract_transf_matrix[3][2]   -0.00285312 
_atom_sites.fract_transf_matrix[3][3]   0.00260312 
_atom_sites.fract_transf_vector[1]      0.305892 
_atom_sites.fract_transf_vector[2]      0.238519 
_atom_sites.fract_transf_vector[3]      0.501920 
# 
loop_
_atom_type.symbol 
C 
N 
O 
S 
# 
loop_
_atom_site.group_PDB 
_atom_site.id 
_atom_site.type_symbol 
_atom_site.label_atom_id 
_atom_site.label_alt_id 
_atom_site.label_comp_id 
_atom_site.label_asym_id 
_atom_site.label_entity_id 
_atom_site.label_seq_id 
_atom_site.pdbx_PDB_ins_code 
_atom_site.Cartn_x 
_atom_site.Cartn_y 
_atom_site.Cartn_z 
_atom_site.occupancy 
_atom_site.B_iso_or_equiv 
_atom_site.pdbx_formal_charge 
_atom_site.auth_seq_id 
_atom_site.auth_comp_id 
_atom_site.auth_asym_id 
_atom_site.auth_atom_id 
_atom_site.pdbx_PDB_model_num 
ATOM   1   N N   . SER A 1 2   ? -8.118  12.091  4.866   1.00 62.04  ? 438 SER A N   1 
ATOM   2   C CA  . SER A 1 2   ? -6.921  11.249  4.777   1.00 60.73  ? 438 SER A CA  1 
ATOM   3   C C   . SER A 1 2   ? -6.338  11.030  3.365   1.00 60.54  ? 438 SER A C   1 
ATOM   4   O O   . SER A 1 2   ? -5.172  10.645  3.266   1.00 59.81  ? 438 SER A O   1 
ATOM   5   C CB  . SER A 1 2   ? -7.139  9.885   5.440   1.00 67.61  ? 438 SER A CB  1 
ATOM   6   O OG  . SER A 1 2   ? -8.357  9.225   5.118   1.00 81.19  ? 438 SER A OG  1 
ATOM   7   N N   . MET A 1 3   ? -7.114  11.246  2.280   1.00 54.96  ? 439 MET A N   1 
ATOM   8   C CA  . MET A 1 3   ? -6.622  10.963  0.920   1.00 50.97  ? 439 MET A CA  1 
ATOM   9   C C   . MET A 1 3   ? -6.813  12.125  -0.043  1.00 53.11  ? 439 MET A C   1 
ATOM   10  O O   . MET A 1 3   ? -7.779  12.139  -0.795  1.00 52.11  ? 439 MET A O   1 
ATOM   11  C CB  . MET A 1 3   ? -7.235  9.666   0.369   1.00 51.45  ? 439 MET A CB  1 
ATOM   12  C CG  . MET A 1 3   ? -6.869  8.431   1.195   1.00 53.91  ? 439 MET A CG  1 
ATOM   13  S SD  . MET A 1 3   ? -7.695  6.889   0.644   1.00 56.62  ? 439 MET A SD  1 
ATOM   14  C CE  . MET A 1 3   ? -9.332  7.121   1.389   1.00 54.94  ? 439 MET A CE  1 
ATOM   15  N N   . PRO A 1 4   ? -5.884  13.111  -0.026  1.00 47.13  ? 440 PRO A N   1 
ATOM   16  C CA  . PRO A 1 4   ? -5.981  14.236  -0.963  1.00 45.00  ? 440 PRO A CA  1 
ATOM   17  C C   . PRO A 1 4   ? -5.955  13.833  -2.441  1.00 43.96  ? 440 PRO A C   1 
ATOM   18  O O   . PRO A 1 4   ? -5.370  12.827  -2.838  1.00 41.78  ? 440 PRO A O   1 
ATOM   19  C CB  . PRO A 1 4   ? -4.741  15.086  -0.624  1.00 46.61  ? 440 PRO A CB  1 
ATOM   20  C CG  . PRO A 1 4   ? -4.397  14.697  0.808   1.00 51.47  ? 440 PRO A CG  1 
ATOM   21  C CD  . PRO A 1 4   ? -4.674  13.225  0.817   1.00 47.68  ? 440 PRO A CD  1 
ATOM   22  N N   . ASP A 1 5   ? -6.544  14.696  -3.259  1.00 38.73  ? 441 ASP A N   1 
ATOM   23  C CA  . ASP A 1 5   ? -6.589  14.535  -4.703  1.00 36.99  ? 441 ASP A CA  1 
ATOM   24  C C   . ASP A 1 5   ? -5.202  14.837  -5.244  1.00 42.15  ? 441 ASP A C   1 
ATOM   25  O O   . ASP A 1 5   ? -4.824  15.995  -5.375  1.00 42.50  ? 441 ASP A O   1 
ATOM   26  C CB  . ASP A 1 5   ? -7.645  15.484  -5.272  1.00 37.58  ? 441 ASP A CB  1 
ATOM   27  C CG  . ASP A 1 5   ? -7.843  15.365  -6.755  1.00 40.54  ? 441 ASP A CG  1 
ATOM   28  O OD1 . ASP A 1 5   ? -7.074  14.607  -7.407  1.00 36.17  ? 441 ASP A OD1 1 
ATOM   29  O OD2 . ASP A 1 5   ? -8.690  16.091  -7.287  1.00 42.70  ? 441 ASP A OD2 1 
ATOM   30  N N   . TYR A 1 6   ? -4.434  13.792  -5.530  1.00 39.19  ? 442 TYR A N   1 
ATOM   31  C CA  . TYR A 1 6   ? -3.076  13.936  -6.050  1.00 37.67  ? 442 TYR A CA  1 
ATOM   32  C C   . TYR A 1 6   ? -3.045  14.380  -7.522  1.00 39.55  ? 442 TYR A C   1 
ATOM   33  O O   . TYR A 1 6   ? -2.006  14.828  -8.003  1.00 41.21  ? 442 TYR A O   1 
ATOM   34  C CB  . TYR A 1 6   ? -2.236  12.650  -5.811  1.00 38.51  ? 442 TYR A CB  1 
ATOM   35  C CG  . TYR A 1 6   ? -2.928  11.385  -6.269  1.00 39.48  ? 442 TYR A CG  1 
ATOM   36  C CD1 . TYR A 1 6   ? -2.982  11.047  -7.614  1.00 40.00  ? 442 TYR A CD1 1 
ATOM   37  C CD2 . TYR A 1 6   ? -3.514  10.515  -5.351  1.00 40.56  ? 442 TYR A CD2 1 
ATOM   38  C CE1 . TYR A 1 6   ? -3.592  9.876   -8.039  1.00 40.05  ? 442 TYR A CE1 1 
ATOM   39  C CE2 . TYR A 1 6   ? -4.146  9.339   -5.771  1.00 40.21  ? 442 TYR A CE2 1 
ATOM   40  C CZ  . TYR A 1 6   ? -4.177  9.027   -7.113  1.00 44.29  ? 442 TYR A CZ  1 
ATOM   41  O OH  . TYR A 1 6   ? -4.815  7.896   -7.557  1.00 46.12  ? 442 TYR A OH  1 
ATOM   42  N N   . VAL A 1 7   ? -4.154  14.261  -8.240  1.00 32.97  ? 443 VAL A N   1 
ATOM   43  C CA  . VAL A 1 7   ? -4.221  14.715  -9.653  1.00 33.01  ? 443 VAL A CA  1 
ATOM   44  C C   . VAL A 1 7   ? -4.236  16.238  -9.646  1.00 39.68  ? 443 VAL A C   1 
ATOM   45  O O   . VAL A 1 7   ? -3.433  16.861  -10.331 1.00 42.57  ? 443 VAL A O   1 
ATOM   46  C CB  . VAL A 1 7   ? -5.417  14.095  -10.439 1.00 36.43  ? 443 VAL A CB  1 
ATOM   47  C CG1 . VAL A 1 7   ? -5.522  14.693  -11.858 1.00 36.80  ? 443 VAL A CG1 1 
ATOM   48  C CG2 . VAL A 1 7   ? -5.286  12.559  -10.494 1.00 35.45  ? 443 VAL A CG2 1 
ATOM   49  N N   . ALA A 1 8   ? -5.082  16.840  -8.801  1.00 37.49  ? 444 ALA A N   1 
ATOM   50  C CA  . ALA A 1 8   ? -5.191  18.295  -8.665  1.00 38.10  ? 444 ALA A CA  1 
ATOM   51  C C   . ALA A 1 8   ? -3.912  18.885  -8.032  1.00 41.09  ? 444 ALA A C   1 
ATOM   52  O O   . ALA A 1 8   ? -3.493  19.969  -8.411  1.00 42.16  ? 444 ALA A O   1 
ATOM   53  C CB  . ALA A 1 8   ? -6.398  18.635  -7.800  1.00 39.34  ? 444 ALA A CB  1 
ATOM   54  N N   . LYS A 1 9   ? -3.287  18.177  -7.096  1.00 38.46  ? 445 LYS A N   1 
ATOM   55  C CA  . LYS A 1 9   ? -2.104  18.704  -6.425  1.00 40.37  ? 445 LYS A CA  1 
ATOM   56  C C   . LYS A 1 9   ? -0.863  18.539  -7.283  1.00 46.95  ? 445 LYS A C   1 
ATOM   57  O O   . LYS A 1 9   ? 0.094   19.304  -7.115  1.00 48.38  ? 445 LYS A O   1 
ATOM   58  C CB  . LYS A 1 9   ? -1.898  18.084  -5.000  1.00 43.57  ? 445 LYS A CB  1 
ATOM   59  C CG  . LYS A 1 9   ? -3.069  18.310  -4.014  1.00 73.55  ? 445 LYS A CG  1 
ATOM   60  C CD  . LYS A 1 9   ? -3.305  19.785  -3.596  1.00 92.42  ? 445 LYS A CD  1 
ATOM   61  C CE  . LYS A 1 9   ? -2.996  20.012  -2.129  1.00 111.29 ? 445 LYS A CE  1 
ATOM   62  N NZ  . LYS A 1 9   ? -3.404  21.364  -1.664  1.00 121.85 ? 445 LYS A NZ  1 
ATOM   63  N N   . TYR A 1 10  ? -0.865  17.553  -8.213  1.00 41.76  ? 446 TYR A N   1 
ATOM   64  C CA  . TYR A 1 10  ? 0.309   17.325  -9.075  1.00 41.21  ? 446 TYR A CA  1 
ATOM   65  C C   . TYR A 1 10  ? -0.039  17.446  -10.547 1.00 45.16  ? 446 TYR A C   1 
ATOM   66  O O   . TYR A 1 10  ? -0.079  16.420  -11.215 1.00 43.86  ? 446 TYR A O   1 
ATOM   67  C CB  . TYR A 1 10  ? 1.011   15.988  -8.720  1.00 41.26  ? 446 TYR A CB  1 
ATOM   68  C CG  . TYR A 1 10  ? 1.585   16.093  -7.325  1.00 41.17  ? 446 TYR A CG  1 
ATOM   69  C CD1 . TYR A 1 10  ? 2.803   16.739  -7.100  1.00 44.34  ? 446 TYR A CD1 1 
ATOM   70  C CD2 . TYR A 1 10  ? 0.825   15.739  -6.213  1.00 40.26  ? 446 TYR A CD2 1 
ATOM   71  C CE1 . TYR A 1 10  ? 3.267   16.983  -5.811  1.00 43.06  ? 446 TYR A CE1 1 
ATOM   72  C CE2 . TYR A 1 10  ? 1.281   15.983  -4.917  1.00 40.73  ? 446 TYR A CE2 1 
ATOM   73  C CZ  . TYR A 1 10  ? 2.496   16.611  -4.727  1.00 46.31  ? 446 TYR A CZ  1 
ATOM   74  O OH  . TYR A 1 10  ? 2.920   16.898  -3.470  1.00 48.11  ? 446 TYR A OH  1 
ATOM   75  N N   . PRO A 1 11  ? -0.261  18.700  -11.072 1.00 42.87  ? 447 PRO A N   1 
ATOM   76  C CA  . PRO A 1 11  ? -0.557  18.874  -12.517 1.00 43.57  ? 447 PRO A CA  1 
ATOM   77  C C   . PRO A 1 11  ? 0.671   18.636  -13.391 1.00 51.50  ? 447 PRO A C   1 
ATOM   78  O O   . PRO A 1 11  ? 1.749   18.339  -12.882 1.00 52.34  ? 447 PRO A O   1 
ATOM   79  C CB  . PRO A 1 11  ? -0.970  20.350  -12.604 1.00 45.56  ? 447 PRO A CB  1 
ATOM   80  C CG  . PRO A 1 11  ? -0.240  21.024  -11.515 1.00 49.97  ? 447 PRO A CG  1 
ATOM   81  C CD  . PRO A 1 11  ? -0.224  20.016  -10.384 1.00 44.72  ? 447 PRO A CD  1 
ATOM   82  N N   . VAL A 1 12  ? 0.512   18.753  -14.695 1.00 49.68  ? 448 VAL A N   1 
ATOM   83  C CA  . VAL A 1 12  ? 1.575   18.615  -15.694 1.00 51.81  ? 448 VAL A CA  1 
ATOM   84  C C   . VAL A 1 12  ? 2.795   19.481  -15.280 1.00 56.17  ? 448 VAL A C   1 
ATOM   85  O O   . VAL A 1 12  ? 2.629   20.654  -14.915 1.00 56.87  ? 448 VAL A O   1 
ATOM   86  C CB  . VAL A 1 12  ? 1.011   19.019  -17.090 1.00 57.82  ? 448 VAL A CB  1 
ATOM   87  C CG1 . VAL A 1 12  ? 2.127   19.260  -18.106 1.00 59.64  ? 448 VAL A CG1 1 
ATOM   88  C CG2 . VAL A 1 12  ? 0.037   17.965  -17.605 1.00 57.66  ? 448 VAL A CG2 1 
ATOM   89  N N   . ILE A 1 13  ? 4.006   18.900  -15.309 1.00 51.90  ? 449 ILE A N   1 
ATOM   90  C CA  . ILE A 1 13  ? 5.208   19.639  -14.913 1.00 52.31  ? 449 ILE A CA  1 
ATOM   91  C C   . ILE A 1 13  ? 5.527   20.651  -15.977 1.00 62.96  ? 449 ILE A C   1 
ATOM   92  O O   . ILE A 1 13  ? 5.422   20.359  -17.176 1.00 64.21  ? 449 ILE A O   1 
ATOM   93  C CB  . ILE A 1 13  ? 6.414   18.717  -14.583 1.00 54.82  ? 449 ILE A CB  1 
ATOM   94  C CG1 . ILE A 1 13  ? 6.066   17.746  -13.430 1.00 51.37  ? 449 ILE A CG1 1 
ATOM   95  C CG2 . ILE A 1 13  ? 7.686   19.539  -14.238 1.00 57.32  ? 449 ILE A CG2 1 
ATOM   96  C CD1 . ILE A 1 13  ? 7.083   16.636  -13.212 1.00 54.48  ? 449 ILE A CD1 1 
ATOM   97  N N   . GLN A 1 14  ? 5.894   21.854  -15.541 1.00 61.77  ? 450 GLN A N   1 
ATOM   98  C CA  . GLN A 1 14  ? 6.214   22.909  -16.473 1.00 64.20  ? 450 GLN A CA  1 
ATOM   99  C C   . GLN A 1 14  ? 7.674   23.341  -16.418 1.00 69.66  ? 450 GLN A C   1 
ATOM   100 O O   . GLN A 1 14  ? 8.223   23.692  -17.459 1.00 71.27  ? 450 GLN A O   1 
ATOM   101 C CB  . GLN A 1 14  ? 5.258   24.076  -16.284 1.00 65.59  ? 450 GLN A CB  1 
ATOM   102 C CG  . GLN A 1 14  ? 3.884   23.746  -16.833 1.00 81.74  ? 450 GLN A CG  1 
ATOM   103 C CD  . GLN A 1 14  ? 3.227   24.945  -17.405 1.00 104.78 ? 450 GLN A CD  1 
ATOM   104 O OE1 . GLN A 1 14  ? 2.414   25.590  -16.743 1.00 99.69  ? 450 GLN A OE1 1 
ATOM   105 N NE2 . GLN A 1 14  ? 3.583   25.280  -18.640 1.00 105.53 ? 450 GLN A NE2 1 
ATOM   106 N N   . THR A 1 15  ? 8.309   23.293  -15.217 1.00 64.15  ? 451 THR A N   1 
ATOM   107 C CA  . THR A 1 15  ? 9.693   23.742  -15.007 1.00 65.80  ? 451 THR A CA  1 
ATOM   108 C C   . THR A 1 15  ? 10.526  22.683  -14.323 1.00 69.36  ? 451 THR A C   1 
ATOM   109 O O   . THR A 1 15  ? 9.964   21.785  -13.709 1.00 68.28  ? 451 THR A O   1 
ATOM   110 C CB  . THR A 1 15  ? 9.714   25.077  -14.197 1.00 71.34  ? 451 THR A CB  1 
ATOM   111 O OG1 . THR A 1 15  ? 9.306   24.848  -12.845 1.00 66.45  ? 451 THR A OG1 1 
ATOM   112 C CG2 . THR A 1 15  ? 8.833   26.169  -14.811 1.00 67.20  ? 451 THR A CG2 1 
ATOM   113 N N   . ASP A 1 16  ? 11.866  22.791  -14.397 1.00 69.18  ? 452 ASP A N   1 
ATOM   114 C CA  . ASP A 1 16  ? 12.775  21.879  -13.700 1.00 69.49  ? 452 ASP A CA  1 
ATOM   115 C C   . ASP A 1 16  ? 12.572  22.017  -12.188 1.00 72.22  ? 452 ASP A C   1 
ATOM   116 O O   . ASP A 1 16  ? 12.592  20.999  -11.500 1.00 71.66  ? 452 ASP A O   1 
ATOM   117 C CB  . ASP A 1 16  ? 14.245  22.127  -14.086 1.00 75.68  ? 452 ASP A CB  1 
ATOM   118 C CG  . ASP A 1 16  ? 14.646  21.675  -15.483 1.00 86.03  ? 452 ASP A CG  1 
ATOM   119 O OD1 . ASP A 1 16  ? 13.858  20.940  -16.128 1.00 81.30  ? 452 ASP A OD1 1 
ATOM   120 O OD2 . ASP A 1 16  ? 15.756  22.048  -15.930 1.00 102.86 ? 452 ASP A OD2 1 
ATOM   121 N N   . ASP A 1 17  ? 12.298  23.252  -11.680 1.00 68.42  ? 453 ASP A N   1 
ATOM   122 C CA  . ASP A 1 17  ? 12.011  23.493  -10.260 1.00 67.74  ? 453 ASP A CA  1 
ATOM   123 C C   . ASP A 1 17  ? 10.810  22.672  -9.839  1.00 66.65  ? 453 ASP A C   1 
ATOM   124 O O   . ASP A 1 17  ? 10.854  22.058  -8.790  1.00 64.51  ? 453 ASP A O   1 
ATOM   125 C CB  . ASP A 1 17  ? 11.760  24.977  -9.948  1.00 71.60  ? 453 ASP A CB  1 
ATOM   126 C CG  . ASP A 1 17  ? 13.012  25.841  -9.948  1.00 86.05  ? 453 ASP A CG  1 
ATOM   127 O OD1 . ASP A 1 17  ? 14.104  25.314  -9.621  1.00 85.81  ? 453 ASP A OD1 1 
ATOM   128 O OD2 . ASP A 1 17  ? 12.901  27.044  -10.272 1.00 100.04 ? 453 ASP A OD2 1 
ATOM   129 N N   . GLU A 1 18  ? 9.769   22.607  -10.683 1.00 60.93  ? 454 GLU A N   1 
ATOM   130 C CA  . GLU A 1 18  ? 8.600   21.801  -10.391 1.00 57.10  ? 454 GLU A CA  1 
ATOM   131 C C   . GLU A 1 18  ? 8.952   20.326  -10.411 1.00 56.58  ? 454 GLU A C   1 
ATOM   132 O O   . GLU A 1 18  ? 8.564   19.625  -9.489  1.00 53.96  ? 454 GLU A O   1 
ATOM   133 C CB  . GLU A 1 18  ? 7.449   22.123  -11.331 1.00 57.99  ? 454 GLU A CB  1 
ATOM   134 C CG  . GLU A 1 18  ? 6.612   23.292  -10.848 1.00 70.48  ? 454 GLU A CG  1 
ATOM   135 C CD  . GLU A 1 18  ? 5.817   23.974  -11.946 1.00 91.89  ? 454 GLU A CD  1 
ATOM   136 O OE1 . GLU A 1 18  ? 5.248   23.257  -12.800 1.00 71.55  ? 454 GLU A OE1 1 
ATOM   137 O OE2 . GLU A 1 18  ? 5.773   25.225  -11.964 1.00 94.48  ? 454 GLU A OE2 1 
ATOM   138 N N   . ARG A 1 19  ? 9.752   19.872  -11.406 1.00 53.09  ? 455 ARG A N   1 
ATOM   139 C CA  . ARG A 1 19  ? 10.204  18.482  -11.515 1.00 51.83  ? 455 ARG A CA  1 
ATOM   140 C C   . ARG A 1 19  ? 10.944  18.068  -10.233 1.00 54.90  ? 455 ARG A C   1 
ATOM   141 O O   . ARG A 1 19  ? 10.710  16.975  -9.730  1.00 53.54  ? 455 ARG A O   1 
ATOM   142 C CB  . ARG A 1 19  ? 11.137  18.304  -12.734 1.00 51.58  ? 455 ARG A CB  1 
ATOM   143 C CG  . ARG A 1 19  ? 11.476  16.852  -13.042 1.00 51.70  ? 455 ARG A CG  1 
ATOM   144 C CD  . ARG A 1 19  ? 12.905  16.678  -13.556 1.00 58.89  ? 455 ARG A CD  1 
ATOM   145 N NE  . ARG A 1 19  ? 13.168  15.277  -13.902 1.00 60.90  ? 455 ARG A NE  1 
ATOM   146 C CZ  . ARG A 1 19  ? 13.723  14.382  -13.083 1.00 88.26  ? 455 ARG A CZ  1 
ATOM   147 N NH1 . ARG A 1 19  ? 14.138  14.743  -11.867 1.00 78.19  ? 455 ARG A NH1 1 
ATOM   148 N NH2 . ARG A 1 19  ? 13.905  13.129  -13.485 1.00 75.08  ? 455 ARG A NH2 1 
ATOM   149 N N   . GLU A 1 20  ? 11.825  18.942  -9.709  1.00 51.69  ? 456 GLU A N   1 
ATOM   150 C CA  . GLU A 1 20  ? 12.580  18.666  -8.484  1.00 52.39  ? 456 GLU A CA  1 
ATOM   151 C C   . GLU A 1 20  ? 11.680  18.534  -7.297  1.00 56.81  ? 456 GLU A C   1 
ATOM   152 O O   . GLU A 1 20  ? 11.905  17.653  -6.458  1.00 58.90  ? 456 GLU A O   1 
ATOM   153 C CB  . GLU A 1 20  ? 13.662  19.718  -8.239  1.00 57.05  ? 456 GLU A CB  1 
ATOM   154 C CG  . GLU A 1 20  ? 14.804  19.595  -9.243  1.00 70.28  ? 456 GLU A CG  1 
ATOM   155 C CD  . GLU A 1 20  ? 15.339  18.184  -9.436  1.00 91.17  ? 456 GLU A CD  1 
ATOM   156 O OE1 . GLU A 1 20  ? 16.050  17.697  -8.525  1.00 76.12  ? 456 GLU A OE1 1 
ATOM   157 O OE2 . GLU A 1 20  ? 14.991  17.546  -10.461 1.00 77.05  ? 456 GLU A OE2 1 
ATOM   158 N N   . ARG A 1 21  ? 10.635  19.379  -7.240  1.00 50.93  ? 457 ARG A N   1 
ATOM   159 C CA  . ARG A 1 21  ? 9.657   19.330  -6.175  1.00 50.15  ? 457 ARG A CA  1 
ATOM   160 C C   . ARG A 1 21  ? 8.876   18.000  -6.244  1.00 50.60  ? 457 ARG A C   1 
ATOM   161 O O   . ARG A 1 21  ? 8.604   17.398  -5.205  1.00 46.39  ? 457 ARG A O   1 
ATOM   162 C CB  . ARG A 1 21  ? 8.702   20.519  -6.285  1.00 50.32  ? 457 ARG A CB  1 
ATOM   163 C CG  . ARG A 1 21  ? 9.262   21.823  -5.731  1.00 62.92  ? 457 ARG A CG  1 
ATOM   164 C CD  . ARG A 1 21  ? 8.170   22.882  -5.722  1.00 76.90  ? 457 ARG A CD  1 
ATOM   165 N NE  . ARG A 1 21  ? 8.459   23.959  -6.675  1.00 98.47  ? 457 ARG A NE  1 
ATOM   166 C CZ  . ARG A 1 21  ? 7.552   24.552  -7.448  1.00 115.72 ? 457 ARG A CZ  1 
ATOM   167 N NH1 . ARG A 1 21  ? 6.278   24.174  -7.402  1.00 102.01 ? 457 ARG A NH1 1 
ATOM   168 N NH2 . ARG A 1 21  ? 7.912   25.524  -8.276  1.00 104.44 ? 457 ARG A NH2 1 
ATOM   169 N N   . TYR A 1 22  ? 8.551   17.525  -7.463  1.00 47.52  ? 458 TYR A N   1 
ATOM   170 C CA  . TYR A 1 22  ? 7.788   16.269  -7.578  1.00 45.61  ? 458 TYR A CA  1 
ATOM   171 C C   . TYR A 1 22  ? 8.663   15.100  -7.180  1.00 48.89  ? 458 TYR A C   1 
ATOM   172 O O   . TYR A 1 22  ? 8.166   14.194  -6.530  1.00 46.27  ? 458 TYR A O   1 
ATOM   173 C CB  . TYR A 1 22  ? 7.238   16.041  -8.987  1.00 45.15  ? 458 TYR A CB  1 
ATOM   174 C CG  . TYR A 1 22  ? 6.014   16.841  -9.378  1.00 45.38  ? 458 TYR A CG  1 
ATOM   175 C CD1 . TYR A 1 22  ? 5.868   18.171  -8.985  1.00 47.26  ? 458 TYR A CD1 1 
ATOM   176 C CD2 . TYR A 1 22  ? 5.055   16.305  -10.240 1.00 44.30  ? 458 TYR A CD2 1 
ATOM   177 C CE1 . TYR A 1 22  ? 4.783   18.934  -9.405  1.00 46.25  ? 458 TYR A CE1 1 
ATOM   178 C CE2 . TYR A 1 22  ? 3.976   17.069  -10.687 1.00 43.90  ? 458 TYR A CE2 1 
ATOM   179 C CZ  . TYR A 1 22  ? 3.840   18.378  -10.255 1.00 48.06  ? 458 TYR A CZ  1 
ATOM   180 O OH  . TYR A 1 22  ? 2.756   19.116  -10.644 1.00 46.02  ? 458 TYR A OH  1 
ATOM   181 N N   . LYS A 1 23  ? 9.959   15.136  -7.553  1.00 48.85  ? 459 LYS A N   1 
ATOM   182 C CA  . LYS A 1 23  ? 10.950  14.111  -7.205  1.00 50.35  ? 459 LYS A CA  1 
ATOM   183 C C   . LYS A 1 23  ? 11.096  13.979  -5.681  1.00 55.29  ? 459 LYS A C   1 
ATOM   184 O O   . LYS A 1 23  ? 11.058  12.867  -5.156  1.00 56.87  ? 459 LYS A O   1 
ATOM   185 C CB  . LYS A 1 23  ? 12.300  14.410  -7.894  1.00 55.85  ? 459 LYS A CB  1 
ATOM   186 C CG  . LYS A 1 23  ? 13.484  13.622  -7.372  1.00 68.64  ? 459 LYS A CG  1 
ATOM   187 C CD  . LYS A 1 23  ? 14.804  14.281  -7.778  1.00 84.70  ? 459 LYS A CD  1 
ATOM   188 C CE  . LYS A 1 23  ? 15.814  14.346  -6.644  1.00 91.49  ? 459 LYS A CE  1 
ATOM   189 N NZ  . LYS A 1 23  ? 17.142  14.821  -7.117  1.00 100.82 ? 459 LYS A NZ  1 
ATOM   190 N N   . ALA A 1 24  ? 11.233  15.102  -4.979  1.00 50.77  ? 460 ALA A N   1 
ATOM   191 C CA  . ALA A 1 24  ? 11.360  15.092  -3.526  1.00 50.79  ? 460 ALA A CA  1 
ATOM   192 C C   . ALA A 1 24  ? 10.081  14.501  -2.873  1.00 50.82  ? 460 ALA A C   1 
ATOM   193 O O   . ALA A 1 24  ? 10.188  13.687  -1.965  1.00 49.11  ? 460 ALA A O   1 
ATOM   194 C CB  . ALA A 1 24  ? 11.607  16.503  -3.028  1.00 53.11  ? 460 ALA A CB  1 
ATOM   195 N N   . VAL A 1 25  ? 8.888   14.843  -3.383  1.00 45.88  ? 461 VAL A N   1 
ATOM   196 C CA  . VAL A 1 25  ? 7.658   14.279  -2.820  1.00 44.77  ? 461 VAL A CA  1 
ATOM   197 C C   . VAL A 1 25  ? 7.629   12.741  -3.053  1.00 48.94  ? 461 VAL A C   1 
ATOM   198 O O   . VAL A 1 25  ? 7.325   11.968  -2.147  1.00 47.14  ? 461 VAL A O   1 
ATOM   199 C CB  . VAL A 1 25  ? 6.391   15.007  -3.343  1.00 46.02  ? 461 VAL A CB  1 
ATOM   200 C CG1 . VAL A 1 25  ? 5.123   14.301  -2.874  1.00 42.48  ? 461 VAL A CG1 1 
ATOM   201 C CG2 . VAL A 1 25  ? 6.387   16.454  -2.868  1.00 47.96  ? 461 VAL A CG2 1 
ATOM   202 N N   . PHE A 1 26  ? 8.034   12.321  -4.249  1.00 46.97  ? 462 PHE A N   1 
ATOM   203 C CA  . PHE A 1 26  ? 8.107   10.908  -4.603  1.00 46.13  ? 462 PHE A CA  1 
ATOM   204 C C   . PHE A 1 26  ? 9.039   10.156  -3.619  1.00 49.81  ? 462 PHE A C   1 
ATOM   205 O O   . PHE A 1 26  ? 8.632   9.140   -3.074  1.00 49.07  ? 462 PHE A O   1 
ATOM   206 C CB  . PHE A 1 26  ? 8.526   10.735  -6.098  1.00 47.53  ? 462 PHE A CB  1 
ATOM   207 C CG  . PHE A 1 26  ? 8.536   9.288   -6.517  1.00 48.49  ? 462 PHE A CG  1 
ATOM   208 C CD1 . PHE A 1 26  ? 9.611   8.449   -6.182  1.00 54.96  ? 462 PHE A CD1 1 
ATOM   209 C CD2 . PHE A 1 26  ? 7.434   8.726   -7.150  1.00 46.64  ? 462 PHE A CD2 1 
ATOM   210 C CE1 . PHE A 1 26  ? 9.571   7.074   -6.486  1.00 55.58  ? 462 PHE A CE1 1 
ATOM   211 C CE2 . PHE A 1 26  ? 7.419   7.366   -7.490  1.00 49.37  ? 462 PHE A CE2 1 
ATOM   212 C CZ  . PHE A 1 26  ? 8.471   6.547   -7.145  1.00 49.04  ? 462 PHE A CZ  1 
ATOM   213 N N   . GLN A 1 27  ? 10.258  10.679  -3.362  1.00 48.02  ? 463 GLN A N   1 
ATOM   214 C CA  . GLN A 1 27  ? 11.214  10.075  -2.440  1.00 48.80  ? 463 GLN A CA  1 
ATOM   215 C C   . GLN A 1 27  ? 10.658  10.016  -1.005  1.00 54.69  ? 463 GLN A C   1 
ATOM   216 O O   . GLN A 1 27  ? 10.815  8.992   -0.346  1.00 55.32  ? 463 GLN A O   1 
ATOM   217 C CB  . GLN A 1 27  ? 12.557  10.823  -2.443  1.00 52.64  ? 463 GLN A CB  1 
ATOM   218 C CG  . GLN A 1 27  ? 13.278  10.832  -3.792  1.00 72.38  ? 463 GLN A CG  1 
ATOM   219 C CD  . GLN A 1 27  ? 14.568  11.634  -3.790  1.00 92.28  ? 463 GLN A CD  1 
ATOM   220 O OE1 . GLN A 1 27  ? 14.647  12.768  -3.289  1.00 85.03  ? 463 GLN A OE1 1 
ATOM   221 N NE2 . GLN A 1 27  ? 15.606  11.070  -4.387  1.00 88.90  ? 463 GLN A NE2 1 
ATOM   222 N N   . ASP A 1 28  ? 10.051  11.111  -0.504  1.00 53.00  ? 464 ASP A N   1 
ATOM   223 C CA  . ASP A 1 28  ? 9.484   11.111  0.850   1.00 53.01  ? 464 ASP A CA  1 
ATOM   224 C C   . ASP A 1 28  ? 8.399   10.042  0.985   1.00 54.63  ? 464 ASP A C   1 
ATOM   225 O O   . ASP A 1 28  ? 8.421   9.271   1.946   1.00 55.10  ? 464 ASP A O   1 
ATOM   226 C CB  . ASP A 1 28  ? 8.888   12.476  1.231   1.00 53.63  ? 464 ASP A CB  1 
ATOM   227 C CG  . ASP A 1 28  ? 8.279   12.480  2.633   1.00 48.46  ? 464 ASP A CG  1 
ATOM   228 O OD1 . ASP A 1 28  ? 9.050   12.480  3.622   1.00 49.34  ? 464 ASP A OD1 1 
ATOM   229 O OD2 . ASP A 1 28  ? 7.059   12.455  2.738   1.00 45.96  ? 464 ASP A OD2 1 
ATOM   230 N N   . GLN A 1 29  ? 7.478   9.986   0.014   1.00 49.99  ? 465 GLN A N   1 
ATOM   231 C CA  . GLN A 1 29  ? 6.322   9.081   0.029   1.00 47.97  ? 465 GLN A CA  1 
ATOM   232 C C   . GLN A 1 29  ? 6.693   7.634   -0.277  1.00 54.30  ? 465 GLN A C   1 
ATOM   233 O O   . GLN A 1 29  ? 6.161   6.746   0.376   1.00 53.71  ? 465 GLN A O   1 
ATOM   234 C CB  . GLN A 1 29  ? 5.196   9.596   -0.887  1.00 47.37  ? 465 GLN A CB  1 
ATOM   235 C CG  . GLN A 1 29  ? 4.591   10.955  -0.500  1.00 51.82  ? 465 GLN A CG  1 
ATOM   236 C CD  . GLN A 1 29  ? 3.907   10.962  0.854   1.00 66.41  ? 465 GLN A CD  1 
ATOM   237 O OE1 . GLN A 1 29  ? 2.681   10.863  0.941   1.00 62.23  ? 465 GLN A OE1 1 
ATOM   238 N NE2 . GLN A 1 29  ? 4.675   11.147  1.936   1.00 55.36  ? 465 GLN A NE2 1 
ATOM   239 N N   . PHE A 1 30  ? 7.641   7.391   -1.214  1.00 53.19  ? 466 PHE A N   1 
ATOM   240 C CA  . PHE A 1 30  ? 8.093   6.051   -1.577  1.00 54.35  ? 466 PHE A CA  1 
ATOM   241 C C   . PHE A 1 30  ? 8.704   5.338   -0.396  1.00 60.94  ? 466 PHE A C   1 
ATOM   242 O O   . PHE A 1 30  ? 8.437   4.158   -0.224  1.00 60.56  ? 466 PHE A O   1 
ATOM   243 C CB  . PHE A 1 30  ? 9.046   6.068   -2.785  1.00 58.77  ? 466 PHE A CB  1 
ATOM   244 C CG  . PHE A 1 30  ? 9.414   4.697   -3.320  1.00 62.73  ? 466 PHE A CG  1 
ATOM   245 C CD1 . PHE A 1 30  ? 8.543   3.998   -4.155  1.00 65.30  ? 466 PHE A CD1 1 
ATOM   246 C CD2 . PHE A 1 30  ? 10.639  4.120   -3.013  1.00 68.21  ? 466 PHE A CD2 1 
ATOM   247 C CE1 . PHE A 1 30  ? 8.871   2.725   -4.629  1.00 67.35  ? 466 PHE A CE1 1 
ATOM   248 C CE2 . PHE A 1 30  ? 10.972  2.851   -3.498  1.00 72.71  ? 466 PHE A CE2 1 
ATOM   249 C CZ  . PHE A 1 30  ? 10.083  2.162   -4.300  1.00 69.58  ? 466 PHE A CZ  1 
ATOM   250 N N   . SER A 1 31  ? 9.441   6.055   0.471   1.00 60.14  ? 467 SER A N   1 
ATOM   251 C CA  . SER A 1 31  ? 10.018  5.432   1.670   1.00 63.05  ? 467 SER A CA  1 
ATOM   252 C C   . SER A 1 31  ? 8.912   5.061   2.656   1.00 66.28  ? 467 SER A C   1 
ATOM   253 O O   . SER A 1 31  ? 8.914   3.959   3.206   1.00 67.28  ? 467 SER A O   1 
ATOM   254 C CB  . SER A 1 31  ? 11.097  6.311   2.302   1.00 68.65  ? 467 SER A CB  1 
ATOM   255 O OG  . SER A 1 31  ? 10.553  7.259   3.202   1.00 79.32  ? 467 SER A OG  1 
ATOM   256 N N   . GLU A 1 32  ? 7.931   5.946   2.812   1.00 62.05  ? 468 GLU A N   1 
ATOM   257 C CA  . GLU A 1 32  ? 6.774   5.686   3.660   1.00 61.31  ? 468 GLU A CA  1 
ATOM   258 C C   . GLU A 1 32  ? 5.986   4.472   3.107   1.00 61.99  ? 468 GLU A C   1 
ATOM   259 O O   . GLU A 1 32  ? 5.651   3.583   3.883   1.00 63.71  ? 468 GLU A O   1 
ATOM   260 C CB  . GLU A 1 32  ? 5.905   6.938   3.727   1.00 61.91  ? 468 GLU A CB  1 
ATOM   261 C CG  . GLU A 1 32  ? 4.833   6.872   4.789   1.00 76.58  ? 468 GLU A CG  1 
ATOM   262 C CD  . GLU A 1 32  ? 3.852   8.028   4.788   1.00 101.62 ? 468 GLU A CD  1 
ATOM   263 O OE1 . GLU A 1 32  ? 4.290   9.203   4.861   1.00 94.96  ? 468 GLU A OE1 1 
ATOM   264 O OE2 . GLU A 1 32  ? 2.633   7.739   4.822   1.00 90.40  ? 468 GLU A OE2 1 
ATOM   265 N N   . TYR A 1 33  ? 5.777   4.400   1.760   1.00 53.84  ? 469 TYR A N   1 
ATOM   266 C CA  . TYR A 1 33  ? 5.075   3.301   1.073   1.00 49.50  ? 469 TYR A CA  1 
ATOM   267 C C   . TYR A 1 33  ? 5.840   1.971   1.197   1.00 54.70  ? 469 TYR A C   1 
ATOM   268 O O   . TYR A 1 33  ? 5.207   0.936   1.365   1.00 53.04  ? 469 TYR A O   1 
ATOM   269 C CB  . TYR A 1 33  ? 4.897   3.641   -0.405  1.00 47.80  ? 469 TYR A CB  1 
ATOM   270 C CG  . TYR A 1 33  ? 4.454   2.486   -1.278  1.00 48.41  ? 469 TYR A CG  1 
ATOM   271 C CD1 . TYR A 1 33  ? 3.125   2.047   -1.270  1.00 49.86  ? 469 TYR A CD1 1 
ATOM   272 C CD2 . TYR A 1 33  ? 5.337   1.878   -2.168  1.00 49.75  ? 469 TYR A CD2 1 
ATOM   273 C CE1 . TYR A 1 33  ? 2.698   1.010   -2.103  1.00 50.84  ? 469 TYR A CE1 1 
ATOM   274 C CE2 . TYR A 1 33  ? 4.924   0.828   -2.992  1.00 51.13  ? 469 TYR A CE2 1 
ATOM   275 C CZ  . TYR A 1 33  ? 3.612   0.375   -2.928  1.00 57.05  ? 469 TYR A CZ  1 
ATOM   276 O OH  . TYR A 1 33  ? 3.176   -0.633  -3.747  1.00 60.02  ? 469 TYR A OH  1 
ATOM   277 N N   . LYS A 1 34  ? 7.180   2.001   1.051   1.00 54.70  ? 470 LYS A N   1 
ATOM   278 C CA  . LYS A 1 34  ? 8.036   0.816   1.150   1.00 59.42  ? 470 LYS A CA  1 
ATOM   279 C C   . LYS A 1 34  ? 7.852   0.120   2.511   1.00 63.02  ? 470 LYS A C   1 
ATOM   280 O O   . LYS A 1 34  ? 7.688   -1.097  2.563   1.00 62.37  ? 470 LYS A O   1 
ATOM   281 C CB  . LYS A 1 34  ? 9.509   1.203   0.909   1.00 65.92  ? 470 LYS A CB  1 
ATOM   282 C CG  . LYS A 1 34  ? 10.490  0.039   0.899   1.00 97.33  ? 470 LYS A CG  1 
ATOM   283 C CD  . LYS A 1 34  ? 11.942  0.497   0.667   1.00 112.40 ? 470 LYS A CD  1 
ATOM   284 C CE  . LYS A 1 34  ? 12.515  1.318   1.803   1.00 123.24 ? 470 LYS A CE  1 
ATOM   285 N NZ  . LYS A 1 34  ? 13.936  1.678   1.557   1.00 132.48 ? 470 LYS A NZ  1 
ATOM   286 N N   . GLU A 1 35  ? 7.807   0.917   3.586   1.00 62.13  ? 471 GLU A N   1 
ATOM   287 C CA  . GLU A 1 35  ? 7.625   0.464   4.982   1.00 63.15  ? 471 GLU A CA  1 
ATOM   288 C C   . GLU A 1 35  ? 6.224   -0.105  5.225   1.00 64.21  ? 471 GLU A C   1 
ATOM   289 O O   . GLU A 1 35  ? 6.116   -1.089  5.948   1.00 66.98  ? 471 GLU A O   1 
ATOM   290 C CB  . GLU A 1 35  ? 7.899   1.608   5.961   1.00 65.88  ? 471 GLU A CB  1 
ATOM   291 C CG  . GLU A 1 35  ? 9.370   1.914   6.167   1.00 84.17  ? 471 GLU A CG  1 
ATOM   292 C CD  . GLU A 1 35  ? 9.662   2.792   7.367   1.00 115.51 ? 471 GLU A CD  1 
ATOM   293 O OE1 . GLU A 1 35  ? 9.383   2.354   8.507   1.00 109.60 ? 471 GLU A OE1 1 
ATOM   294 O OE2 . GLU A 1 35  ? 10.199  3.907   7.171   1.00 114.51 ? 471 GLU A OE2 1 
ATOM   295 N N   . LEU A 1 36  ? 5.154   0.489   4.619   1.00 54.83  ? 472 LEU A N   1 
ATOM   296 C CA  . LEU A 1 36  ? 3.766   0.007   4.769   1.00 51.18  ? 472 LEU A CA  1 
ATOM   297 C C   . LEU A 1 36  ? 3.505   -1.220  3.955   1.00 56.82  ? 472 LEU A C   1 
ATOM   298 O O   . LEU A 1 36  ? 2.744   -2.080  4.386   1.00 56.32  ? 472 LEU A O   1 
ATOM   299 C CB  . LEU A 1 36  ? 2.756   1.040   4.296   1.00 47.55  ? 472 LEU A CB  1 
ATOM   300 C CG  . LEU A 1 36  ? 2.221   2.016   5.262   1.00 50.11  ? 472 LEU A CG  1 
ATOM   301 C CD1 . LEU A 1 36  ? 1.321   2.977   4.543   1.00 46.62  ? 472 LEU A CD1 1 
ATOM   302 C CD2 . LEU A 1 36  ? 1.467   1.359   6.388   1.00 49.67  ? 472 LEU A CD2 1 
ATOM   303 N N   . SER A 1 37  ? 3.994   -1.213  2.698   1.00 54.81  ? 473 SER A N   1 
ATOM   304 C CA  . SER A 1 37  ? 3.855   -2.283  1.719   1.00 54.59  ? 473 SER A CA  1 
ATOM   305 C C   . SER A 1 37  ? 4.385   -3.609  2.293   1.00 60.92  ? 473 SER A C   1 
ATOM   306 O O   . SER A 1 37  ? 3.691   -4.626  2.193   1.00 60.60  ? 473 SER A O   1 
ATOM   307 C CB  . SER A 1 37  ? 4.605   -1.925  0.441   1.00 55.60  ? 473 SER A CB  1 
ATOM   308 O OG  . SER A 1 37  ? 4.169   -2.767  -0.606  1.00 67.52  ? 473 SER A OG  1 
ATOM   309 N N   . ALA A 1 38  ? 5.573   -3.575  2.931   1.00 58.95  ? 474 ALA A N   1 
ATOM   310 C CA  . ALA A 1 38  ? 6.221   -4.749  3.536   1.00 62.74  ? 474 ALA A CA  1 
ATOM   311 C C   . ALA A 1 38  ? 5.316   -5.348  4.626   1.00 68.94  ? 474 ALA A C   1 
ATOM   312 O O   . ALA A 1 38  ? 4.963   -6.540  4.578   1.00 70.30  ? 474 ALA A O   1 
ATOM   313 C CB  . ALA A 1 38  ? 7.574   -4.353  4.144   1.00 65.66  ? 474 ALA A CB  1 
ATOM   314 N N   . GLU A 1 39  ? 4.929   -4.487  5.582   1.00 62.89  ? 475 GLU A N   1 
ATOM   315 C CA  . GLU A 1 39  ? 4.045   -4.779  6.694   1.00 62.18  ? 475 GLU A CA  1 
ATOM   316 C C   . GLU A 1 39  ? 2.710   -5.347  6.191   1.00 64.46  ? 475 GLU A C   1 
ATOM   317 O O   . GLU A 1 39  ? 2.274   -6.356  6.710   1.00 65.81  ? 475 GLU A O   1 
ATOM   318 C CB  . GLU A 1 39  ? 3.841   -3.506  7.520   1.00 62.84  ? 475 GLU A CB  1 
ATOM   319 C CG  . GLU A 1 39  ? 3.143   -3.731  8.838   1.00 71.99  ? 475 GLU A CG  1 
ATOM   320 C CD  . GLU A 1 39  ? 2.620   -2.485  9.514   1.00 88.79  ? 475 GLU A CD  1 
ATOM   321 O OE1 . GLU A 1 39  ? 3.235   -1.406  9.353   1.00 90.70  ? 475 GLU A OE1 1 
ATOM   322 O OE2 . GLU A 1 39  ? 1.607   -2.600  10.244  1.00 82.03  ? 475 GLU A OE2 1 
ATOM   323 N N   . VAL A 1 40  ? 2.083   -4.742  5.168   1.00 58.67  ? 476 VAL A N   1 
ATOM   324 C CA  . VAL A 1 40  ? 0.809   -5.242  4.628   1.00 57.59  ? 476 VAL A CA  1 
ATOM   325 C C   . VAL A 1 40  ? 0.989   -6.617  3.960   1.00 63.30  ? 476 VAL A C   1 
ATOM   326 O O   . VAL A 1 40  ? 0.223   -7.549  4.218   1.00 64.52  ? 476 VAL A O   1 
ATOM   327 C CB  . VAL A 1 40  ? 0.124   -4.205  3.694   1.00 59.28  ? 476 VAL A CB  1 
ATOM   328 C CG1 . VAL A 1 40  ? -0.960  -4.852  2.843   1.00 58.27  ? 476 VAL A CG1 1 
ATOM   329 C CG2 . VAL A 1 40  ? -0.448  -3.041  4.503   1.00 58.72  ? 476 VAL A CG2 1 
ATOM   330 N N   . GLN A 1 41  ? 2.020   -6.742  3.131   1.00 61.32  ? 477 GLN A N   1 
ATOM   331 C CA  . GLN A 1 41  ? 2.312   -7.961  2.386   1.00 62.63  ? 477 GLN A CA  1 
ATOM   332 C C   . GLN A 1 41  ? 2.648   -9.128  3.291   1.00 69.83  ? 477 GLN A C   1 
ATOM   333 O O   . GLN A 1 41  ? 2.192   -10.249 3.033   1.00 71.82  ? 477 GLN A O   1 
ATOM   334 C CB  . GLN A 1 41  ? 3.440   -7.701  1.396   1.00 64.89  ? 477 GLN A CB  1 
ATOM   335 C CG  . GLN A 1 41  ? 3.293   -8.470  0.089   1.00 96.86  ? 477 GLN A CG  1 
ATOM   336 C CD  . GLN A 1 41  ? 4.485   -8.234  -0.807  1.00 121.74 ? 477 GLN A CD  1 
ATOM   337 O OE1 . GLN A 1 41  ? 4.805   -7.089  -1.175  1.00 116.80 ? 477 GLN A OE1 1 
ATOM   338 N NE2 . GLN A 1 41  ? 5.177   -9.314  -1.164  1.00 111.54 ? 477 GLN A NE2 1 
ATOM   339 N N   . ALA A 1 42  ? 3.415   -8.876  4.368   1.00 66.61  ? 478 ALA A N   1 
ATOM   340 C CA  . ALA A 1 42  ? 3.777   -9.928  5.312   1.00 68.82  ? 478 ALA A CA  1 
ATOM   341 C C   . ALA A 1 42  ? 2.518   -10.523 5.942   1.00 72.85  ? 478 ALA A C   1 
ATOM   342 O O   . ALA A 1 42  ? 2.416   -11.742 6.044   1.00 75.12  ? 478 ALA A O   1 
ATOM   343 C CB  . ALA A 1 42  ? 4.711   -9.389  6.380   1.00 70.91  ? 478 ALA A CB  1 
ATOM   344 N N   . VAL A 1 43  ? 1.528   -9.681  6.268   1.00 67.01  ? 479 VAL A N   1 
ATOM   345 C CA  . VAL A 1 43  ? 0.275   -10.145 6.862   1.00 68.17  ? 479 VAL A CA  1 
ATOM   346 C C   . VAL A 1 43  ? -0.541  -11.031 5.888   1.00 72.81  ? 479 VAL A C   1 
ATOM   347 O O   . VAL A 1 43  ? -0.922  -12.150 6.254   1.00 74.66  ? 479 VAL A O   1 
ATOM   348 C CB  . VAL A 1 43  ? -0.544  -8.964  7.436   1.00 71.12  ? 479 VAL A CB  1 
ATOM   349 C CG1 . VAL A 1 43  ? -1.882  -9.429  7.986   1.00 71.84  ? 479 VAL A CG1 1 
ATOM   350 C CG2 . VAL A 1 43  ? 0.235   -8.221  8.523   1.00 72.05  ? 479 VAL A CG2 1 
ATOM   351 N N   . LEU A 1 44  ? -0.777  -10.540 4.655   1.00 69.08  ? 480 LEU A N   1 
ATOM   352 C CA  . LEU A 1 44  ? -1.551  -11.252 3.627   1.00 70.99  ? 480 LEU A CA  1 
ATOM   353 C C   . LEU A 1 44  ? -0.970  -12.617 3.218   1.00 81.11  ? 480 LEU A C   1 
ATOM   354 O O   . LEU A 1 44  ? -1.733  -13.585 3.102   1.00 83.28  ? 480 LEU A O   1 
ATOM   355 C CB  . LEU A 1 44  ? -1.766  -10.361 2.401   1.00 68.60  ? 480 LEU A CB  1 
ATOM   356 C CG  . LEU A 1 44  ? -2.472  -9.022  2.666   1.00 70.81  ? 480 LEU A CG  1 
ATOM   357 C CD1 . LEU A 1 44  ? -2.548  -8.191  1.409   1.00 67.79  ? 480 LEU A CD1 1 
ATOM   358 C CD2 . LEU A 1 44  ? -3.848  -9.216  3.298   1.00 74.32  ? 480 LEU A CD2 1 
ATOM   359 N N   . ARG A 1 45  ? 0.377   -12.703 3.061   1.00 87.16  ? 481 ARG A N   1 
ATOM   360 C CA  . ARG A 1 45  ? 1.097   -13.943 2.723   1.00 88.23  ? 481 ARG A CA  1 
ATOM   361 C C   . ARG A 1 45  ? 0.898   -14.982 3.809   1.00 93.14  ? 481 ARG A C   1 
ATOM   362 O O   . ARG A 1 45  ? 0.660   -16.151 3.499   1.00 93.68  ? 481 ARG A O   1 
ATOM   363 C CB  . ARG A 1 45  ? 2.598   -13.687 2.542   1.00 87.73  ? 481 ARG A CB  1 
ATOM   364 C CG  . ARG A 1 45  ? 2.974   -13.087 1.201   1.00 102.84 ? 481 ARG A CG  1 
ATOM   365 C CD  . ARG A 1 45  ? 4.456   -12.740 1.139   1.00 118.08 ? 481 ARG A CD  1 
ATOM   366 N NE  . ARG A 1 45  ? 4.842   -11.704 2.105   1.00 124.13 ? 481 ARG A NE  1 
ATOM   367 C CZ  . ARG A 1 45  ? 6.021   -11.088 2.115   1.00 135.45 ? 481 ARG A CZ  1 
ATOM   368 N NH1 . ARG A 1 45  ? 6.941   -11.384 1.205   1.00 130.67 ? 481 ARG A NH1 1 
ATOM   369 N NH2 . ARG A 1 45  ? 6.285   -10.162 3.027   1.00 111.73 ? 481 ARG A NH2 1 
ATOM   370 N N   . LYS A 1 46  ? 0.974   -14.549 5.083   1.00 90.03  ? 482 LYS A N   1 
ATOM   371 C CA  . LYS A 1 46  ? 0.791   -15.406 6.254   1.00 89.94  ? 482 LYS A CA  1 
ATOM   372 C C   . LYS A 1 46  ? -0.585  -16.059 6.217   1.00 97.00  ? 482 LYS A C   1 
ATOM   373 O O   . LYS A 1 46  ? -0.709  -17.250 6.513   1.00 97.06  ? 482 LYS A O   1 
ATOM   374 C CB  . LYS A 1 46  ? 1.006   -14.616 7.554   1.00 90.98  ? 482 LYS A CB  1 
ATOM   375 C CG  . LYS A 1 46  ? 0.905   -15.481 8.803   1.00 109.31 ? 482 LYS A CG  1 
ATOM   376 C CD  . LYS A 1 46  ? 1.121   -14.687 10.081  1.00 121.72 ? 482 LYS A CD  1 
ATOM   377 C CE  . LYS A 1 46  ? 0.983   -15.548 11.319  1.00 132.96 ? 482 LYS A CE  1 
ATOM   378 N NZ  . LYS A 1 46  ? 1.980   -16.657 11.364  1.00 138.95 ? 482 LYS A NZ  1 
ATOM   379 N N   . PHE A 1 47  ? -1.602  -15.292 5.799   1.00 95.80  ? 483 PHE A N   1 
ATOM   380 C CA  . PHE A 1 47  ? -2.960  -15.801 5.679   1.00 97.38  ? 483 PHE A CA  1 
ATOM   381 C C   . PHE A 1 47  ? -3.026  -16.920 4.663   1.00 103.48 ? 483 PHE A C   1 
ATOM   382 O O   . PHE A 1 47  ? -3.615  -17.965 4.955   1.00 103.23 ? 483 PHE A O   1 
ATOM   383 C CB  . PHE A 1 47  ? -3.934  -14.671 5.342   1.00 100.46 ? 483 PHE A CB  1 
ATOM   384 C CG  . PHE A 1 47  ? -4.057  -13.653 6.450   1.00 101.20 ? 483 PHE A CG  1 
ATOM   385 C CD1 . PHE A 1 47  ? -3.930  -14.031 7.786   1.00 103.01 ? 483 PHE A CD1 1 
ATOM   386 C CD2 . PHE A 1 47  ? -4.280  -12.317 6.162   1.00 104.19 ? 483 PHE A CD2 1 
ATOM   387 C CE1 . PHE A 1 47  ? -4.026  -13.093 8.806   1.00 103.12 ? 483 PHE A CE1 1 
ATOM   388 C CE2 . PHE A 1 47  ? -4.369  -11.378 7.185   1.00 106.14 ? 483 PHE A CE2 1 
ATOM   389 C CZ  . PHE A 1 47  ? -4.257  -11.777 8.498   1.00 103.13 ? 483 PHE A CZ  1 
ATOM   390 N N   . ASP A 1 48  ? -2.349  -16.738 3.513   1.00 101.43 ? 484 ASP A N   1 
ATOM   391 C CA  . ASP A 1 48  ? -2.278  -17.749 2.457   1.00 102.93 ? 484 ASP A CA  1 
ATOM   392 C C   . ASP A 1 48  ? -1.624  -19.045 2.944   1.00 106.73 ? 484 ASP A C   1 
ATOM   393 O O   . ASP A 1 48  ? -2.181  -20.116 2.705   1.00 106.23 ? 484 ASP A O   1 
ATOM   394 C CB  . ASP A 1 48  ? -1.618  -17.180 1.196   1.00 106.05 ? 484 ASP A CB  1 
ATOM   395 C CG  . ASP A 1 48  ? -2.422  -16.057 0.554   1.00 116.43 ? 484 ASP A CG  1 
ATOM   396 O OD1 . ASP A 1 48  ? -3.672  -16.062 0.692   1.00 117.18 ? 484 ASP A OD1 1 
ATOM   397 O OD2 . ASP A 1 48  ? -1.803  -15.166 -0.080  1.00 120.84 ? 484 ASP A OD2 1 
ATOM   398 N N   . GLU A 1 49  ? -0.504  -18.943 3.702   1.00 103.68 ? 485 GLU A N   1 
ATOM   399 C CA  . GLU A 1 49  ? 0.184   -20.091 4.322   1.00 103.64 ? 485 GLU A CA  1 
ATOM   400 C C   . GLU A 1 49  ? -0.778  -20.833 5.262   1.00 108.11 ? 485 GLU A C   1 
ATOM   401 O O   . GLU A 1 49  ? -0.865  -22.065 5.224   1.00 108.20 ? 485 GLU A O   1 
ATOM   402 C CB  . GLU A 1 49  ? 1.369   -19.632 5.201   1.00 103.74 ? 485 GLU A CB  1 
ATOM   403 C CG  . GLU A 1 49  ? 2.529   -18.967 4.490   1.00 114.87 ? 485 GLU A CG  1 
ATOM   404 C CD  . GLU A 1 49  ? 3.552   -18.361 5.434   1.00 134.47 ? 485 GLU A CD  1 
ATOM   405 O OE1 . GLU A 1 49  ? 3.142   -17.691 6.410   1.00 125.37 ? 485 GLU A OE1 1 
ATOM   406 O OE2 . GLU A 1 49  ? 4.767   -18.549 5.197   1.00 130.60 ? 485 GLU A OE2 1 
ATOM   407 N N   . LEU A 1 50  ? -1.473  -20.070 6.127   1.00 104.05 ? 486 LEU A N   1 
ATOM   408 C CA  . LEU A 1 50  ? -2.368  -20.606 7.141   1.00 103.76 ? 486 LEU A CA  1 
ATOM   409 C C   . LEU A 1 50  ? -3.543  -21.399 6.584   1.00 109.31 ? 486 LEU A C   1 
ATOM   410 O O   . LEU A 1 50  ? -3.846  -22.454 7.135   1.00 108.43 ? 486 LEU A O   1 
ATOM   411 C CB  . LEU A 1 50  ? -2.827  -19.505 8.094   1.00 103.05 ? 486 LEU A CB  1 
ATOM   412 C CG  . LEU A 1 50  ? -2.129  -19.529 9.465   1.00 107.03 ? 486 LEU A CG  1 
ATOM   413 C CD1 . LEU A 1 50  ? -0.609  -19.296 9.351   1.00 106.60 ? 486 LEU A CD1 1 
ATOM   414 C CD2 . LEU A 1 50  ? -2.755  -18.531 10.412  1.00 109.43 ? 486 LEU A CD2 1 
ATOM   415 N N   . ASP A 1 51  ? -4.152  -20.947 5.474   1.00 108.29 ? 487 ASP A N   1 
ATOM   416 C CA  . ASP A 1 51  ? -5.255  -21.655 4.815   1.00 109.89 ? 487 ASP A CA  1 
ATOM   417 C C   . ASP A 1 51  ? -4.827  -23.037 4.307   1.00 114.90 ? 487 ASP A C   1 
ATOM   418 O O   . ASP A 1 51  ? -5.627  -23.973 4.308   1.00 114.37 ? 487 ASP A O   1 
ATOM   419 C CB  . ASP A 1 51  ? -5.789  -20.822 3.639   1.00 113.60 ? 487 ASP A CB  1 
ATOM   420 C CG  . ASP A 1 51  ? -6.735  -19.710 4.031   1.00 124.76 ? 487 ASP A CG  1 
ATOM   421 O OD1 . ASP A 1 51  ? -7.201  -19.706 5.191   1.00 123.96 ? 487 ASP A OD1 1 
ATOM   422 O OD2 . ASP A 1 51  ? -7.039  -18.861 3.166   1.00 132.56 ? 487 ASP A OD2 1 
ATOM   423 N N   . ALA A 1 52  ? -3.558  -23.150 3.888   1.00 112.41 ? 488 ALA A N   1 
ATOM   424 C CA  . ALA A 1 52  ? -2.944  -24.361 3.363   1.00 113.21 ? 488 ALA A CA  1 
ATOM   425 C C   . ALA A 1 52  ? -2.755  -25.507 4.390   1.00 117.24 ? 488 ALA A C   1 
ATOM   426 O O   . ALA A 1 52  ? -2.560  -26.638 3.969   1.00 117.33 ? 488 ALA A O   1 
ATOM   427 C CB  . ALA A 1 52  ? -1.619  -24.011 2.703   1.00 114.30 ? 488 ALA A CB  1 
ATOM   428 N N   . VAL A 1 53  ? -2.805  -25.233 5.712   1.00 112.99 ? 489 VAL A N   1 
ATOM   429 C CA  . VAL A 1 53  ? -2.610  -26.257 6.758   1.00 112.37 ? 489 VAL A CA  1 
ATOM   430 C C   . VAL A 1 53  ? -3.761  -27.301 6.794   1.00 116.39 ? 489 VAL A C   1 
ATOM   431 O O   . VAL A 1 53  ? -3.496  -28.496 6.973   1.00 116.03 ? 489 VAL A O   1 
ATOM   432 C CB  . VAL A 1 53  ? -2.342  -25.603 8.146   1.00 115.18 ? 489 VAL A CB  1 
ATOM   433 C CG1 . VAL A 1 53  ? -2.539  -26.588 9.300   1.00 114.95 ? 489 VAL A CG1 1 
ATOM   434 C CG2 . VAL A 1 53  ? -0.942  -25.000 8.200   1.00 114.72 ? 489 VAL A CG2 1 
ATOM   435 N N   . MET A 1 54  ? -5.014  -26.847 6.627   1.00 113.02 ? 490 MET A N   1 
ATOM   436 C CA  . MET A 1 54  ? -6.200  -27.704 6.657   1.00 151.04 ? 490 MET A CA  1 
ATOM   437 C C   . MET A 1 54  ? -6.298  -28.569 5.408   1.00 174.73 ? 490 MET A C   1 
ATOM   438 O O   . MET A 1 54  ? -6.476  -29.780 5.518   1.00 135.03 ? 490 MET A O   1 
ATOM   439 C CB  . MET A 1 54  ? -7.475  -26.870 6.819   1.00 153.55 ? 490 MET A CB  1 
ATOM   440 C CG  . MET A 1 54  ? -7.490  -26.010 8.070   1.00 156.71 ? 490 MET A CG  1 
ATOM   441 S SD  . MET A 1 54  ? -9.034  -25.084 8.280   1.00 161.45 ? 490 MET A SD  1 
ATOM   442 C CE  . MET A 1 54  ? -8.896  -23.891 6.965   1.00 158.79 ? 490 MET A CE  1 
ATOM   443 N N   . SER A 1 63  ? -10.809 -36.554 15.192  1.00 92.28  ? 499 SER A N   1 
ATOM   444 C CA  . SER A 1 63  ? -11.362 -36.091 16.462  1.00 93.11  ? 499 SER A CA  1 
ATOM   445 C C   . SER A 1 63  ? -12.219 -34.821 16.385  1.00 98.71  ? 499 SER A C   1 
ATOM   446 O O   . SER A 1 63  ? -12.133 -34.065 15.421  1.00 96.87  ? 499 SER A O   1 
ATOM   447 C CB  . SER A 1 63  ? -10.261 -35.906 17.503  1.00 96.18  ? 499 SER A CB  1 
ATOM   448 O OG  . SER A 1 63  ? -10.814 -35.639 18.783  1.00 102.29 ? 499 SER A OG  1 
ATOM   449 N N   . ARG A 1 64  ? -13.040 -34.592 17.449  1.00 98.41  ? 500 ARG A N   1 
ATOM   450 C CA  . ARG A 1 64  ? -13.851 -33.385 17.641  1.00 98.49  ? 500 ARG A CA  1 
ATOM   451 C C   . ARG A 1 64  ? -12.923 -32.260 18.131  1.00 102.55 ? 500 ARG A C   1 
ATOM   452 O O   . ARG A 1 64  ? -13.297 -31.087 18.161  1.00 101.72 ? 500 ARG A O   1 
ATOM   453 C CB  . ARG A 1 64  ? -15.118 -33.622 18.521  1.00 100.03 ? 500 ARG A CB  1 
ATOM   454 C CG  . ARG A 1 64  ? -14.939 -34.199 19.936  1.00 110.47 ? 500 ARG A CG  1 
ATOM   455 C CD  . ARG A 1 64  ? -16.239 -34.777 20.500  1.00 120.47 ? 500 ARG A CD  1 
ATOM   456 N NE  . ARG A 1 64  ? -17.259 -33.762 20.795  1.00 127.81 ? 500 ARG A NE  1 
ATOM   457 C CZ  . ARG A 1 64  ? -18.572 -33.969 20.731  1.00 142.54 ? 500 ARG A CZ  1 
ATOM   458 N NH1 . ARG A 1 64  ? -19.050 -35.151 20.365  1.00 130.09 ? 500 ARG A NH1 1 
ATOM   459 N NH2 . ARG A 1 64  ? -19.418 -32.989 21.020  1.00 129.33 ? 500 ARG A NH2 1 
ATOM   460 N N   . GLN A 1 65  ? -11.661 -32.632 18.408  1.00 100.19 ? 501 GLN A N   1 
ATOM   461 C CA  . GLN A 1 65  ? -10.596 -31.716 18.769  1.00 100.21 ? 501 GLN A CA  1 
ATOM   462 C C   . GLN A 1 65  ? -10.192 -30.945 17.510  1.00 102.14 ? 501 GLN A C   1 
ATOM   463 O O   . GLN A 1 65  ? -9.966  -29.739 17.584  1.00 101.62 ? 501 GLN A O   1 
ATOM   464 C CB  . GLN A 1 65  ? -9.404  -32.496 19.324  1.00 103.02 ? 501 GLN A CB  1 
ATOM   465 C CG  . GLN A 1 65  ? -8.234  -31.611 19.737  1.00 132.86 ? 501 GLN A CG  1 
ATOM   466 C CD  . GLN A 1 65  ? -7.097  -32.395 20.343  1.00 161.32 ? 501 GLN A CD  1 
ATOM   467 O OE1 . GLN A 1 65  ? -6.859  -33.570 20.025  1.00 156.22 ? 501 GLN A OE1 1 
ATOM   468 N NE2 . GLN A 1 65  ? -6.363  -31.749 21.235  1.00 158.50 ? 501 GLN A NE2 1 
ATOM   469 N N   . GLU A 1 66  ? -10.126 -31.632 16.348  1.00 97.60  ? 502 GLU A N   1 
ATOM   470 C CA  . GLU A 1 66  ? -9.792  -30.990 15.076  1.00 96.29  ? 502 GLU A CA  1 
ATOM   471 C C   . GLU A 1 66  ? -10.755 -29.837 14.808  1.00 100.47 ? 502 GLU A C   1 
ATOM   472 O O   . GLU A 1 66  ? -10.313 -28.744 14.456  1.00 98.60  ? 502 GLU A O   1 
ATOM   473 C CB  . GLU A 1 66  ? -9.814  -31.996 13.921  1.00 97.27  ? 502 GLU A CB  1 
ATOM   474 C CG  . GLU A 1 66  ? -9.441  -31.391 12.579  1.00 106.54 ? 502 GLU A CG  1 
ATOM   475 C CD  . GLU A 1 66  ? -8.599  -32.253 11.657  1.00 126.09 ? 502 GLU A CD  1 
ATOM   476 O OE1 . GLU A 1 66  ? -8.543  -33.488 11.857  1.00 118.75 ? 502 GLU A OE1 1 
ATOM   477 O OE2 . GLU A 1 66  ? -7.984  -31.681 10.728  1.00 117.22 ? 502 GLU A OE2 1 
ATOM   478 N N   . HIS A 1 67  ? -12.065 -30.075 15.035  1.00 98.46  ? 503 HIS A N   1 
ATOM   479 C CA  . HIS A 1 67  ? -13.123 -29.077 14.892  1.00 98.43  ? 503 HIS A CA  1 
ATOM   480 C C   . HIS A 1 67  ? -12.822 -27.884 15.806  1.00 103.48 ? 503 HIS A C   1 
ATOM   481 O O   . HIS A 1 67  ? -12.894 -26.746 15.345  1.00 103.21 ? 503 HIS A O   1 
ATOM   482 C CB  . HIS A 1 67  ? -14.486 -29.700 15.239  1.00 99.42  ? 503 HIS A CB  1 
ATOM   483 C CG  . HIS A 1 67  ? -15.662 -29.026 14.598  1.00 102.75 ? 503 HIS A CG  1 
ATOM   484 N ND1 . HIS A 1 67  ? -16.448 -28.119 15.295  1.00 105.08 ? 503 HIS A ND1 1 
ATOM   485 C CD2 . HIS A 1 67  ? -16.174 -29.178 13.356  1.00 104.22 ? 503 HIS A CD2 1 
ATOM   486 C CE1 . HIS A 1 67  ? -17.396 -27.740 14.453  1.00 104.60 ? 503 HIS A CE1 1 
ATOM   487 N NE2 . HIS A 1 67  ? -17.273 -28.351 13.273  1.00 104.57 ? 503 HIS A NE2 1 
ATOM   488 N N   . GLU A 1 68  ? -12.428 -28.143 17.072  1.00 101.23 ? 504 GLU A N   1 
ATOM   489 C CA  . GLU A 1 68  ? -12.091 -27.087 18.028  1.00 102.12 ? 504 GLU A CA  1 
ATOM   490 C C   . GLU A 1 68  ? -10.928 -26.252 17.515  1.00 104.29 ? 504 GLU A C   1 
ATOM   491 O O   . GLU A 1 68  ? -11.020 -25.029 17.499  1.00 103.72 ? 504 GLU A O   1 
ATOM   492 C CB  . GLU A 1 68  ? -11.706 -27.662 19.400  1.00 105.35 ? 504 GLU A CB  1 
ATOM   493 C CG  . GLU A 1 68  ? -12.774 -28.471 20.111  1.00 120.72 ? 504 GLU A CG  1 
ATOM   494 C CD  . GLU A 1 68  ? -12.265 -29.182 21.352  1.00 148.80 ? 504 GLU A CD  1 
ATOM   495 O OE1 . GLU A 1 68  ? -11.410 -28.600 22.061  1.00 146.44 ? 504 GLU A OE1 1 
ATOM   496 O OE2 . GLU A 1 68  ? -12.721 -30.319 21.619  1.00 141.34 ? 504 GLU A OE2 1 
ATOM   497 N N   . ARG A 1 69  ? -9.839  -26.914 17.097  1.00 100.26 ? 505 ARG A N   1 
ATOM   498 C CA  . ARG A 1 69  ? -8.627  -26.267 16.600  1.00 99.27  ? 505 ARG A CA  1 
ATOM   499 C C   . ARG A 1 69  ? -8.853  -25.419 15.346  1.00 102.71 ? 505 ARG A C   1 
ATOM   500 O O   . ARG A 1 69  ? -8.331  -24.307 15.268  1.00 102.08 ? 505 ARG A O   1 
ATOM   501 C CB  . ARG A 1 69  ? -7.531  -27.312 16.390  1.00 99.10  ? 505 ARG A CB  1 
ATOM   502 C CG  . ARG A 1 69  ? -6.325  -26.834 15.589  1.00 109.23 ? 505 ARG A CG  1 
ATOM   503 C CD  . ARG A 1 69  ? -5.228  -27.873 15.548  1.00 120.53 ? 505 ARG A CD  1 
ATOM   504 N NE  . ARG A 1 69  ? -5.753  -29.202 15.237  1.00 132.37 ? 505 ARG A NE  1 
ATOM   505 C CZ  . ARG A 1 69  ? -5.008  -30.287 15.049  1.00 147.16 ? 505 ARG A CZ  1 
ATOM   506 N NH1 . ARG A 1 69  ? -5.582  -31.453 14.789  1.00 131.32 ? 505 ARG A NH1 1 
ATOM   507 N NH2 . ARG A 1 69  ? -3.684  -30.212 15.113  1.00 136.23 ? 505 ARG A NH2 1 
ATOM   508 N N   . ILE A 1 70  ? -9.611  -25.941 14.369  1.00 99.19  ? 506 ILE A N   1 
ATOM   509 C CA  . ILE A 1 70  ? -9.916  -25.219 13.132  1.00 98.40  ? 506 ILE A CA  1 
ATOM   510 C C   . ILE A 1 70  ? -10.570 -23.909 13.479  1.00 101.70 ? 506 ILE A C   1 
ATOM   511 O O   . ILE A 1 70  ? -10.060 -22.864 13.112  1.00 99.96  ? 506 ILE A O   1 
ATOM   512 C CB  . ILE A 1 70  ? -10.841 -26.038 12.197  1.00 101.70 ? 506 ILE A CB  1 
ATOM   513 C CG1 . ILE A 1 70  ? -10.102 -27.263 11.623  1.00 102.54 ? 506 ILE A CG1 1 
ATOM   514 C CG2 . ILE A 1 70  ? -11.431 -25.147 11.076  1.00 101.96 ? 506 ILE A CG2 1 
ATOM   515 C CD1 . ILE A 1 70  ? -10.965 -28.200 10.669  1.00 111.18 ? 506 ILE A CD1 1 
ATOM   516 N N   . SER A 1 71  ? -11.702 -23.985 14.195  1.00 99.26  ? 507 SER A N   1 
ATOM   517 C CA  . SER A 1 71  ? -12.515 -22.846 14.594  1.00 99.23  ? 507 SER A CA  1 
ATOM   518 C C   . SER A 1 71  ? -11.703 -21.817 15.345  1.00 102.50 ? 507 SER A C   1 
ATOM   519 O O   . SER A 1 71  ? -11.879 -20.624 15.114  1.00 101.69 ? 507 SER A O   1 
ATOM   520 C CB  . SER A 1 71  ? -13.724 -23.313 15.398  1.00 103.88 ? 507 SER A CB  1 
ATOM   521 O OG  . SER A 1 71  ? -14.548 -24.170 14.619  1.00 112.59 ? 507 SER A OG  1 
ATOM   522 N N   . ARG A 1 72  ? -10.774 -22.274 16.191  1.00 99.67  ? 508 ARG A N   1 
ATOM   523 C CA  . ARG A 1 72  ? -9.863  -21.422 16.952  1.00 99.45  ? 508 ARG A CA  1 
ATOM   524 C C   . ARG A 1 72  ? -8.960  -20.680 15.980  1.00 102.79 ? 508 ARG A C   1 
ATOM   525 O O   . ARG A 1 72  ? -8.913  -19.448 16.020  1.00 102.30 ? 508 ARG A O   1 
ATOM   526 C CB  . ARG A 1 72  ? -9.069  -22.290 17.935  1.00 100.71 ? 508 ARG A CB  1 
ATOM   527 C CG  . ARG A 1 72  ? -7.742  -21.741 18.433  1.00 111.37 ? 508 ARG A CG  1 
ATOM   528 C CD  . ARG A 1 72  ? -7.349  -22.493 19.689  1.00 122.92 ? 508 ARG A CD  1 
ATOM   529 N NE  . ARG A 1 72  ? -8.335  -22.271 20.752  1.00 133.52 ? 508 ARG A NE  1 
ATOM   530 C CZ  . ARG A 1 72  ? -8.808  -23.212 21.566  1.00 149.08 ? 508 ARG A CZ  1 
ATOM   531 N NH1 . ARG A 1 72  ? -8.366  -24.462 21.477  1.00 136.25 ? 508 ARG A NH1 1 
ATOM   532 N NH2 . ARG A 1 72  ? -9.713  -22.906 22.484  1.00 136.55 ? 508 ARG A NH2 1 
ATOM   533 N N   . ILE A 1 73  ? -8.297  -21.427 15.069  1.00 99.44  ? 509 ILE A N   1 
ATOM   534 C CA  . ILE A 1 73  ? -7.429  -20.863 14.031  1.00 98.69  ? 509 ILE A CA  1 
ATOM   535 C C   . ILE A 1 73  ? -8.224  -19.886 13.169  1.00 103.23 ? 509 ILE A C   1 
ATOM   536 O O   . ILE A 1 73  ? -7.800  -18.745 13.002  1.00 101.92 ? 509 ILE A O   1 
ATOM   537 C CB  . ILE A 1 73  ? -6.785  -21.966 13.139  1.00 101.68 ? 509 ILE A CB  1 
ATOM   538 C CG1 . ILE A 1 73  ? -5.788  -22.837 13.924  1.00 102.60 ? 509 ILE A CG1 1 
ATOM   539 C CG2 . ILE A 1 73  ? -6.128  -21.348 11.894  1.00 101.02 ? 509 ILE A CG2 1 
ATOM   540 C CD1 . ILE A 1 73  ? -5.086  -23.948 13.091  1.00 110.78 ? 509 ILE A CD1 1 
ATOM   541 N N   . HIS A 1 74  ? -9.365  -20.352 12.622  1.00 101.49 ? 510 HIS A N   1 
ATOM   542 C CA  . HIS A 1 74  ? -10.242 -19.608 11.728  1.00 102.64 ? 510 HIS A CA  1 
ATOM   543 C C   . HIS A 1 74  ? -10.648 -18.284 12.308  1.00 103.63 ? 510 HIS A C   1 
ATOM   544 O O   . HIS A 1 74  ? -10.616 -17.291 11.590  1.00 103.36 ? 510 HIS A O   1 
ATOM   545 C CB  . HIS A 1 74  ? -11.477 -20.429 11.316  1.00 105.48 ? 510 HIS A CB  1 
ATOM   546 C CG  . HIS A 1 74  ? -12.331 -19.739 10.295  1.00 110.94 ? 510 HIS A CG  1 
ATOM   547 N ND1 . HIS A 1 74  ? -13.353 -18.873 10.667  1.00 113.93 ? 510 HIS A ND1 1 
ATOM   548 C CD2 . HIS A 1 74  ? -12.267 -19.780 8.943   1.00 114.26 ? 510 HIS A CD2 1 
ATOM   549 C CE1 . HIS A 1 74  ? -13.875 -18.424 9.536   1.00 114.74 ? 510 HIS A CE1 1 
ATOM   550 N NE2 . HIS A 1 74  ? -13.258 -18.945 8.471   1.00 115.30 ? 510 HIS A NE2 1 
ATOM   551 N N   . GLU A 1 75  ? -11.030 -18.259 13.587  1.00 98.40  ? 511 GLU A N   1 
ATOM   552 C CA  . GLU A 1 75  ? -11.418 -17.014 14.223  1.00 97.75  ? 511 GLU A CA  1 
ATOM   553 C C   . GLU A 1 75  ? -10.225 -16.098 14.342  1.00 98.47  ? 511 GLU A C   1 
ATOM   554 O O   . GLU A 1 75  ? -10.318 -14.963 13.896  1.00 97.37  ? 511 GLU A O   1 
ATOM   555 C CB  . GLU A 1 75  ? -12.123 -17.240 15.567  1.00 99.97  ? 511 GLU A CB  1 
ATOM   556 C CG  . GLU A 1 75  ? -13.626 -17.438 15.426  1.00 113.91 ? 511 GLU A CG  1 
ATOM   557 C CD  . GLU A 1 75  ? -14.415 -16.285 14.826  1.00 142.86 ? 511 GLU A CD  1 
ATOM   558 O OE1 . GLU A 1 75  ? -14.162 -15.121 15.216  1.00 144.15 ? 511 GLU A OE1 1 
ATOM   559 O OE2 . GLU A 1 75  ? -15.304 -16.547 13.984  1.00 137.71 ? 511 GLU A OE2 1 
ATOM   560 N N   . GLU A 1 76  ? -9.085  -16.609 14.838  1.00 94.40  ? 512 GLU A N   1 
ATOM   561 C CA  . GLU A 1 76  ? -7.840  -15.841 14.975  1.00 93.83  ? 512 GLU A CA  1 
ATOM   562 C C   . GLU A 1 76  ? -7.390  -15.251 13.628  1.00 96.50  ? 512 GLU A C   1 
ATOM   563 O O   . GLU A 1 76  ? -6.988  -14.087 13.565  1.00 95.51  ? 512 GLU A O   1 
ATOM   564 C CB  . GLU A 1 76  ? -6.732  -16.726 15.592  1.00 95.54  ? 512 GLU A CB  1 
ATOM   565 C CG  . GLU A 1 76  ? -5.370  -16.055 15.766  1.00 108.63 ? 512 GLU A CG  1 
ATOM   566 C CD  . GLU A 1 76  ? -4.553  -15.810 14.506  1.00 133.52 ? 512 GLU A CD  1 
ATOM   567 O OE1 . GLU A 1 76  ? -3.798  -14.811 14.480  1.00 132.94 ? 512 GLU A OE1 1 
ATOM   568 O OE2 . GLU A 1 76  ? -4.718  -16.568 13.523  1.00 129.95 ? 512 GLU A OE2 1 
ATOM   569 N N   . PHE A 1 77  ? -7.401  -16.082 12.577  1.00 92.44  ? 513 PHE A N   1 
ATOM   570 C CA  . PHE A 1 77  ? -7.002  -15.727 11.221  1.00 91.65  ? 513 PHE A CA  1 
ATOM   571 C C   . PHE A 1 77  ? -7.912  -14.630 10.662  1.00 92.24  ? 513 PHE A C   1 
ATOM   572 O O   . PHE A 1 77  ? -7.425  -13.614 10.185  1.00 89.85  ? 513 PHE A O   1 
ATOM   573 C CB  . PHE A 1 77  ? -6.988  -17.003 10.347  1.00 94.56  ? 513 PHE A CB  1 
ATOM   574 C CG  . PHE A 1 77  ? -7.278  -16.843 8.873   1.00 98.10  ? 513 PHE A CG  1 
ATOM   575 C CD1 . PHE A 1 77  ? -8.573  -16.967 8.384   1.00 102.73 ? 513 PHE A CD1 1 
ATOM   576 C CD2 . PHE A 1 77  ? -6.250  -16.626 7.967   1.00 101.33 ? 513 PHE A CD2 1 
ATOM   577 C CE1 . PHE A 1 77  ? -8.840  -16.823 7.023   1.00 105.34 ? 513 PHE A CE1 1 
ATOM   578 C CE2 . PHE A 1 77  ? -6.518  -16.488 6.603   1.00 105.68 ? 513 PHE A CE2 1 
ATOM   579 C CZ  . PHE A 1 77  ? -7.811  -16.579 6.141   1.00 105.08 ? 513 PHE A CZ  1 
ATOM   580 N N   . LYS A 1 78  ? -9.231  -14.837 10.763  1.00 89.17  ? 514 LYS A N   1 
ATOM   581 C CA  . LYS A 1 78  ? -10.264 -13.933 10.280  1.00 89.53  ? 514 LYS A CA  1 
ATOM   582 C C   . LYS A 1 78  ? -10.192 -12.581 10.981  1.00 91.94  ? 514 LYS A C   1 
ATOM   583 O O   . LYS A 1 78  ? -10.399 -11.551 10.334  1.00 92.69  ? 514 LYS A O   1 
ATOM   584 C CB  . LYS A 1 78  ? -11.631 -14.579 10.481  1.00 92.97  ? 514 LYS A CB  1 
ATOM   585 C CG  . LYS A 1 78  ? -12.761 -13.793 9.894   1.00 108.73 ? 514 LYS A CG  1 
ATOM   586 C CD  . LYS A 1 78  ? -14.053 -14.444 10.218  1.00 119.64 ? 514 LYS A CD  1 
ATOM   587 C CE  . LYS A 1 78  ? -15.151 -13.493 9.870   1.00 129.87 ? 514 LYS A CE  1 
ATOM   588 N NZ  . LYS A 1 78  ? -15.330 -12.423 10.899  1.00 139.16 ? 514 LYS A NZ  1 
ATOM   589 N N   . LYS A 1 79  ? -9.886  -12.598 12.295  1.00 85.29  ? 515 LYS A N   1 
ATOM   590 C CA  . LYS A 1 79  ? -9.765  -11.425 13.149  1.00 83.68  ? 515 LYS A CA  1 
ATOM   591 C C   . LYS A 1 79  ? -8.601  -10.512 12.723  1.00 83.02  ? 515 LYS A C   1 
ATOM   592 O O   . LYS A 1 79  ? -8.755  -9.295  12.767  1.00 81.06  ? 515 LYS A O   1 
ATOM   593 C CB  . LYS A 1 79  ? -9.613  -11.857 14.618  1.00 86.11  ? 515 LYS A CB  1 
ATOM   594 C CG  . LYS A 1 79  ? -9.760  -10.721 15.621  1.00 104.68 ? 515 LYS A CG  1 
ATOM   595 C CD  . LYS A 1 79  ? -9.536  -11.195 17.041  1.00 113.17 ? 515 LYS A CD  1 
ATOM   596 C CE  . LYS A 1 79  ? -9.367  -10.039 17.990  1.00 122.20 ? 515 LYS A CE  1 
ATOM   597 N NZ  . LYS A 1 79  ? -9.099  -10.508 19.374  1.00 134.81 ? 515 LYS A NZ  1 
ATOM   598 N N   . LYS A 1 80  ? -7.453  -11.103 12.322  1.00 77.23  ? 516 LYS A N   1 
ATOM   599 C CA  . LYS A 1 80  ? -6.244  -10.376 11.925  1.00 75.59  ? 516 LYS A CA  1 
ATOM   600 C C   . LYS A 1 80  ? -6.392  -9.674  10.566  1.00 75.65  ? 516 LYS A C   1 
ATOM   601 O O   . LYS A 1 80  ? -5.989  -8.522  10.434  1.00 72.20  ? 516 LYS A O   1 
ATOM   602 C CB  . LYS A 1 80  ? -5.024  -11.303 11.962  1.00 81.75  ? 516 LYS A CB  1 
ATOM   603 C CG  . LYS A 1 80  ? -3.698  -10.580 11.721  1.00 106.38 ? 516 LYS A CG  1 
ATOM   604 C CD  . LYS A 1 80  ? -2.494  -11.526 11.686  1.00 124.81 ? 516 LYS A CD  1 
ATOM   605 C CE  . LYS A 1 80  ? -2.171  -12.159 13.022  1.00 143.66 ? 516 LYS A CE  1 
ATOM   606 N NZ  . LYS A 1 80  ? -1.837  -11.144 14.059  1.00 153.12 ? 516 LYS A NZ  1 
ATOM   607 N N   . LYS A 1 81  ? -6.969  -10.367 9.575   1.00 73.20  ? 517 LYS A N   1 
ATOM   608 C CA  . LYS A 1 81  ? -7.179  -9.832  8.234   1.00 71.87  ? 517 LYS A CA  1 
ATOM   609 C C   . LYS A 1 81  ? -8.187  -8.717  8.205   1.00 70.96  ? 517 LYS A C   1 
ATOM   610 O O   . LYS A 1 81  ? -7.963  -7.734  7.509   1.00 67.47  ? 517 LYS A O   1 
ATOM   611 C CB  . LYS A 1 81  ? -7.522  -10.927 7.189   1.00 77.85  ? 517 LYS A CB  1 
ATOM   612 C CG  . LYS A 1 81  ? -8.640  -11.900 7.526   1.00 95.30  ? 517 LYS A CG  1 
ATOM   613 C CD  . LYS A 1 81  ? -8.932  -12.817 6.342   1.00 107.30 ? 517 LYS A CD  1 
ATOM   614 C CE  . LYS A 1 81  ? -10.278 -13.492 6.462   1.00 120.58 ? 517 LYS A CE  1 
ATOM   615 N NZ  . LYS A 1 81  ? -11.410 -12.542 6.270   1.00 129.41 ? 517 LYS A NZ  1 
ATOM   616 N N   . ASN A 1 82  ? -9.264  -8.844  8.990   1.00 67.53  ? 518 ASN A N   1 
ATOM   617 C CA  . ASN A 1 82  ? -10.336 -7.837  9.051   1.00 65.08  ? 518 ASN A CA  1 
ATOM   618 C C   . ASN A 1 82  ? -10.047 -6.683  10.026  1.00 61.15  ? 518 ASN A C   1 
ATOM   619 O O   . ASN A 1 82  ? -10.866 -5.756  10.114  1.00 57.62  ? 518 ASN A O   1 
ATOM   620 C CB  . ASN A 1 82  ? -11.704 -8.504  9.370   1.00 69.19  ? 518 ASN A CB  1 
ATOM   621 C CG  . ASN A 1 82  ? -11.963 -8.915  10.819  1.00 103.62 ? 518 ASN A CG  1 
ATOM   622 O OD1 . ASN A 1 82  ? -11.659 -8.207  11.799  1.00 94.89  ? 518 ASN A OD1 1 
ATOM   623 N ND2 . ASN A 1 82  ? -12.631 -10.043 10.983  1.00 100.02 ? 518 ASN A ND2 1 
ATOM   624 N N   . ASP A 1 83  ? -8.959  -6.794  10.838  1.00 53.20  ? 519 ASP A N   1 
ATOM   625 C CA  . ASP A 1 83  ? -8.656  -5.780  11.849  1.00 50.55  ? 519 ASP A CA  1 
ATOM   626 C C   . ASP A 1 83  ? -8.656  -4.339  11.270  1.00 51.19  ? 519 ASP A C   1 
ATOM   627 O O   . ASP A 1 83  ? -7.928  -4.066  10.322  1.00 49.36  ? 519 ASP A O   1 
ATOM   628 C CB  . ASP A 1 83  ? -7.351  -6.083  12.563  1.00 53.35  ? 519 ASP A CB  1 
ATOM   629 C CG  . ASP A 1 83  ? -7.004  -5.034  13.589  1.00 75.68  ? 519 ASP A CG  1 
ATOM   630 O OD1 . ASP A 1 83  ? -7.797  -4.836  14.521  1.00 80.72  ? 519 ASP A OD1 1 
ATOM   631 O OD2 . ASP A 1 83  ? -5.981  -4.366  13.419  1.00 84.50  ? 519 ASP A OD2 1 
ATOM   632 N N   . PRO A 1 84  ? -9.451  -3.409  11.850  1.00 47.26  ? 520 PRO A N   1 
ATOM   633 C CA  . PRO A 1 84  ? -9.513  -2.043  11.307  1.00 43.61  ? 520 PRO A CA  1 
ATOM   634 C C   . PRO A 1 84  ? -8.180  -1.296  11.245  1.00 45.60  ? 520 PRO A C   1 
ATOM   635 O O   . PRO A 1 84  ? -8.020  -0.498  10.333  1.00 43.82  ? 520 PRO A O   1 
ATOM   636 C CB  . PRO A 1 84  ? -10.523 -1.352  12.222  1.00 46.47  ? 520 PRO A CB  1 
ATOM   637 C CG  . PRO A 1 84  ? -11.392 -2.441  12.733  1.00 53.75  ? 520 PRO A CG  1 
ATOM   638 C CD  . PRO A 1 84  ? -10.421 -3.581  12.962  1.00 50.54  ? 520 PRO A CD  1 
ATOM   639 N N   . THR A 1 85  ? -7.220  -1.550  12.173  1.00 41.39  ? 521 THR A N   1 
ATOM   640 C CA  . THR A 1 85  ? -5.922  -0.872  12.102  1.00 41.40  ? 521 THR A CA  1 
ATOM   641 C C   . THR A 1 85  ? -5.171  -1.392  10.890  1.00 42.62  ? 521 THR A C   1 
ATOM   642 O O   . THR A 1 85  ? -4.586  -0.612  10.158  1.00 40.57  ? 521 THR A O   1 
ATOM   643 C CB  . THR A 1 85  ? -5.075  -0.942  13.402  1.00 47.59  ? 521 THR A CB  1 
ATOM   644 O OG1 . THR A 1 85  ? -4.508  -2.252  13.566  1.00 48.61  ? 521 THR A OG1 1 
ATOM   645 C CG2 . THR A 1 85  ? -5.847  -0.482  14.676  1.00 48.29  ? 521 THR A CG2 1 
ATOM   646 N N   . PHE A 1 86  ? -5.247  -2.699  10.644  1.00 39.59  ? 522 PHE A N   1 
ATOM   647 C CA  . PHE A 1 86  ? -4.598  -3.286  9.481   1.00 39.10  ? 522 PHE A CA  1 
ATOM   648 C C   . PHE A 1 86  ? -5.270  -2.734  8.167   1.00 45.41  ? 522 PHE A C   1 
ATOM   649 O O   . PHE A 1 86  ? -4.581  -2.379  7.204   1.00 45.92  ? 522 PHE A O   1 
ATOM   650 C CB  . PHE A 1 86  ? -4.708  -4.825  9.565   1.00 42.20  ? 522 PHE A CB  1 
ATOM   651 C CG  . PHE A 1 86  ? -4.170  -5.473  8.319   1.00 45.67  ? 522 PHE A CG  1 
ATOM   652 C CD1 . PHE A 1 86  ? -2.799  -5.486  8.059   1.00 50.99  ? 522 PHE A CD1 1 
ATOM   653 C CD2 . PHE A 1 86  ? -5.035  -5.959  7.341   1.00 48.39  ? 522 PHE A CD2 1 
ATOM   654 C CE1 . PHE A 1 86  ? -2.303  -6.020  6.867   1.00 54.06  ? 522 PHE A CE1 1 
ATOM   655 C CE2 . PHE A 1 86  ? -4.537  -6.486  6.143   1.00 53.29  ? 522 PHE A CE2 1 
ATOM   656 C CZ  . PHE A 1 86  ? -3.172  -6.534  5.923   1.00 53.01  ? 522 PHE A CZ  1 
ATOM   657 N N   . LEU A 1 87  ? -6.611  -2.689  8.134   1.00 40.63  ? 523 LEU A N   1 
ATOM   658 C CA  . LEU A 1 87  ? -7.317  -2.253  6.933   1.00 39.84  ? 523 LEU A CA  1 
ATOM   659 C C   . LEU A 1 87  ? -7.092  -0.758  6.643   1.00 44.34  ? 523 LEU A C   1 
ATOM   660 O O   . LEU A 1 87  ? -6.948  -0.404  5.471   1.00 42.81  ? 523 LEU A O   1 
ATOM   661 C CB  . LEU A 1 87  ? -8.805  -2.639  6.992   1.00 40.30  ? 523 LEU A CB  1 
ATOM   662 C CG  . LEU A 1 87  ? -9.117  -4.137  7.081   1.00 44.93  ? 523 LEU A CG  1 
ATOM   663 C CD1 . LEU A 1 87  ? -10.600 -4.340  7.150   1.00 45.80  ? 523 LEU A CD1 1 
ATOM   664 C CD2 . LEU A 1 87  ? -8.525  -4.925  5.865   1.00 45.86  ? 523 LEU A CD2 1 
ATOM   665 N N   . GLU A 1 88  ? -6.953  0.094   7.700   1.00 39.38  ? 524 GLU A N   1 
ATOM   666 C CA  . GLU A 1 88  ? -6.549  1.511   7.522   1.00 38.98  ? 524 GLU A CA  1 
ATOM   667 C C   . GLU A 1 88  ? -5.150  1.583   6.874   1.00 42.06  ? 524 GLU A C   1 
ATOM   668 O O   . GLU A 1 88  ? -4.937  2.418   6.027   1.00 41.26  ? 524 GLU A O   1 
ATOM   669 C CB  . GLU A 1 88  ? -6.467  2.273   8.867   1.00 40.09  ? 524 GLU A CB  1 
ATOM   670 C CG  . GLU A 1 88  ? -7.798  2.811   9.325   1.00 45.64  ? 524 GLU A CG  1 
ATOM   671 C CD  . GLU A 1 88  ? -8.420  3.881   8.450   1.00 46.58  ? 524 GLU A CD  1 
ATOM   672 O OE1 . GLU A 1 88  ? -7.715  4.477   7.609   1.00 50.23  ? 524 GLU A OE1 1 
ATOM   673 O OE2 . GLU A 1 88  ? -9.618  4.157   8.647   1.00 51.01  ? 524 GLU A OE2 1 
ATOM   674 N N   . LYS A 1 89  ? -4.210  0.718   7.299   1.00 39.60  ? 525 LYS A N   1 
ATOM   675 C CA  . LYS A 1 89  ? -2.845  0.691   6.737   1.00 39.31  ? 525 LYS A CA  1 
ATOM   676 C C   . LYS A 1 89  ? -2.831  0.209   5.286   1.00 44.02  ? 525 LYS A C   1 
ATOM   677 O O   . LYS A 1 89  ? -2.084  0.750   4.474   1.00 43.14  ? 525 LYS A O   1 
ATOM   678 C CB  . LYS A 1 89  ? -1.910  -0.137  7.630   1.00 39.85  ? 525 LYS A CB  1 
ATOM   679 C CG  . LYS A 1 89  ? -1.668  0.620   8.941   1.00 50.36  ? 525 LYS A CG  1 
ATOM   680 C CD  . LYS A 1 89  ? -0.559  0.037   9.788   1.00 56.99  ? 525 LYS A CD  1 
ATOM   681 C CE  . LYS A 1 89  ? -1.143  -0.533  11.028  1.00 51.36  ? 525 LYS A CE  1 
ATOM   682 N NZ  . LYS A 1 89  ? -0.091  -1.167  11.887  1.00 48.73  ? 525 LYS A NZ  1 
ATOM   683 N N   . LYS A 1 90  ? -3.644  -0.835  4.976   1.00 39.92  ? 526 LYS A N   1 
ATOM   684 C CA  . LYS A 1 90  ? -3.786  -1.370  3.623   1.00 38.55  ? 526 LYS A CA  1 
ATOM   685 C C   . LYS A 1 90  ? -4.367  -0.288  2.698   1.00 41.91  ? 526 LYS A C   1 
ATOM   686 O O   . LYS A 1 90  ? -3.954  -0.176  1.542   1.00 43.15  ? 526 LYS A O   1 
ATOM   687 C CB  . LYS A 1 90  ? -4.677  -2.631  3.623   1.00 39.42  ? 526 LYS A CB  1 
ATOM   688 C CG  . LYS A 1 90  ? -4.548  -3.395  2.337   1.00 47.02  ? 526 LYS A CG  1 
ATOM   689 C CD  . LYS A 1 90  ? -5.548  -4.499  2.186   1.00 57.10  ? 526 LYS A CD  1 
ATOM   690 C CE  . LYS A 1 90  ? -5.636  -4.914  0.729   1.00 68.98  ? 526 LYS A CE  1 
ATOM   691 N NZ  . LYS A 1 90  ? -6.104  -3.806  -0.176  1.00 60.00  ? 526 LYS A NZ  1 
ATOM   692 N N   . GLU A 1 91  ? -5.340  0.485   3.207   1.00 37.31  ? 527 GLU A N   1 
ATOM   693 C CA  . GLU A 1 91  ? -6.001  1.595   2.503   1.00 36.62  ? 527 GLU A CA  1 
ATOM   694 C C   . GLU A 1 91  ? -4.988  2.728   2.222   1.00 39.81  ? 527 GLU A C   1 
ATOM   695 O O   . GLU A 1 91  ? -4.946  3.249   1.093   1.00 37.96  ? 527 GLU A O   1 
ATOM   696 C CB  . GLU A 1 91  ? -7.193  2.133   3.326   1.00 37.25  ? 527 GLU A CB  1 
ATOM   697 C CG  . GLU A 1 91  ? -7.907  3.328   2.681   1.00 35.50  ? 527 GLU A CG  1 
ATOM   698 C CD  . GLU A 1 91  ? -9.075  3.871   3.482   1.00 51.57  ? 527 GLU A CD  1 
ATOM   699 O OE1 . GLU A 1 91  ? -8.985  3.875   4.729   1.00 40.65  ? 527 GLU A OE1 1 
ATOM   700 O OE2 . GLU A 1 91  ? -10.083 4.288   2.871   1.00 49.54  ? 527 GLU A OE2 1 
ATOM   701 N N   . ARG A 1 92  ? -4.155  3.079   3.228   1.00 37.12  ? 528 ARG A N   1 
ATOM   702 C CA  . ARG A 1 92  ? -3.101  4.111   3.052   1.00 37.28  ? 528 ARG A CA  1 
ATOM   703 C C   . ARG A 1 92  ? -2.080  3.614   2.003   1.00 41.55  ? 528 ARG A C   1 
ATOM   704 O O   . ARG A 1 92  ? -1.662  4.337   1.102   1.00 37.77  ? 528 ARG A O   1 
ATOM   705 C CB  . ARG A 1 92  ? -2.435  4.405   4.405   1.00 40.39  ? 528 ARG A CB  1 
ATOM   706 C CG  . ARG A 1 92  ? -1.157  5.269   4.348   1.00 55.52  ? 528 ARG A CG  1 
ATOM   707 C CD  . ARG A 1 92  ? -1.427  6.745   4.182   1.00 63.88  ? 528 ARG A CD  1 
ATOM   708 N NE  . ARG A 1 92  ? -0.195  7.528   4.073   1.00 60.09  ? 528 ARG A NE  1 
ATOM   709 C CZ  . ARG A 1 92  ? -0.106  8.686   3.429   1.00 71.17  ? 528 ARG A CZ  1 
ATOM   710 N NH1 . ARG A 1 92  ? -1.177  9.214   2.844   1.00 53.17  ? 528 ARG A NH1 1 
ATOM   711 N NH2 . ARG A 1 92  ? 1.049   9.327   3.364   1.00 71.05  ? 528 ARG A NH2 1 
ATOM   712 N N   . CYS A 1 93  ? -1.756  2.338   2.086   1.00 41.21  ? 529 CYS A N   1 
ATOM   713 C CA  . CYS A 1 93  ? -0.847  1.686   1.168   1.00 42.85  ? 529 CYS A CA  1 
ATOM   714 C C   . CYS A 1 93  ? -1.333  1.699   -0.295  1.00 44.41  ? 529 CYS A C   1 
ATOM   715 O O   . CYS A 1 93  ? -0.560  1.989   -1.189  1.00 44.81  ? 529 CYS A O   1 
ATOM   716 C CB  . CYS A 1 93  ? -0.606  0.270   1.665   1.00 46.31  ? 529 CYS A CB  1 
ATOM   717 S SG  . CYS A 1 93  ? 0.816   -0.510  0.924   1.00 53.47  ? 529 CYS A SG  1 
ATOM   718 N N   . ASP A 1 94  ? -2.612  1.373   -0.539  1.00 41.15  ? 530 ASP A N   1 
ATOM   719 C CA  . ASP A 1 94  ? -3.243  1.356   -1.858  1.00 40.64  ? 530 ASP A CA  1 
ATOM   720 C C   . ASP A 1 94  ? -3.307  2.764   -2.394  1.00 44.84  ? 530 ASP A C   1 
ATOM   721 O O   . ASP A 1 94  ? -3.054  2.974   -3.571  1.00 44.70  ? 530 ASP A O   1 
ATOM   722 C CB  . ASP A 1 94  ? -4.656  0.746   -1.782  1.00 42.63  ? 530 ASP A CB  1 
ATOM   723 C CG  . ASP A 1 94  ? -4.647  -0.715  -1.360  1.00 52.80  ? 530 ASP A CG  1 
ATOM   724 O OD1 . ASP A 1 94  ? -3.576  -1.339  -1.432  1.00 54.72  ? 530 ASP A OD1 1 
ATOM   725 O OD2 . ASP A 1 94  ? -5.699  -1.208  -0.880  1.00 49.47  ? 530 ASP A OD2 1 
ATOM   726 N N   . TYR A 1 95  ? -3.585  3.738   -1.522  1.00 41.91  ? 531 TYR A N   1 
ATOM   727 C CA  . TYR A 1 95  ? -3.601  5.158   -1.904  1.00 40.48  ? 531 TYR A CA  1 
ATOM   728 C C   . TYR A 1 95  ? -2.199  5.592   -2.361  1.00 43.14  ? 531 TYR A C   1 
ATOM   729 O O   . TYR A 1 95  ? -2.041  6.173   -3.434  1.00 43.23  ? 531 TYR A O   1 
ATOM   730 C CB  . TYR A 1 95  ? -4.033  6.013   -0.718  1.00 40.05  ? 531 TYR A CB  1 
ATOM   731 C CG  . TYR A 1 95  ? -3.853  7.497   -0.958  1.00 39.43  ? 531 TYR A CG  1 
ATOM   732 C CD1 . TYR A 1 95  ? -4.725  8.202   -1.785  1.00 39.64  ? 531 TYR A CD1 1 
ATOM   733 C CD2 . TYR A 1 95  ? -2.790  8.194   -0.380  1.00 38.43  ? 531 TYR A CD2 1 
ATOM   734 C CE1 . TYR A 1 95  ? -4.559  9.561   -2.014  1.00 38.23  ? 531 TYR A CE1 1 
ATOM   735 C CE2 . TYR A 1 95  ? -2.625  9.559   -0.590  1.00 38.64  ? 531 TYR A CE2 1 
ATOM   736 C CZ  . TYR A 1 95  ? -3.505  10.233  -1.420  1.00 41.11  ? 531 TYR A CZ  1 
ATOM   737 O OH  . TYR A 1 95  ? -3.344  11.573  -1.657  1.00 44.89  ? 531 TYR A OH  1 
ATOM   738 N N   . LEU A 1 96  ? -1.194  5.340   -1.536  1.00 38.95  ? 532 LEU A N   1 
ATOM   739 C CA  . LEU A 1 96  ? 0.175   5.719   -1.840  1.00 38.64  ? 532 LEU A CA  1 
ATOM   740 C C   . LEU A 1 96  ? 0.689   5.137   -3.144  1.00 43.56  ? 532 LEU A C   1 
ATOM   741 O O   . LEU A 1 96  ? 1.387   5.825   -3.858  1.00 45.69  ? 532 LEU A O   1 
ATOM   742 C CB  . LEU A 1 96  ? 1.131   5.392   -0.682  1.00 39.70  ? 532 LEU A CB  1 
ATOM   743 C CG  . LEU A 1 96  ? 1.106   6.372   0.506   1.00 44.13  ? 532 LEU A CG  1 
ATOM   744 C CD1 . LEU A 1 96  ? 2.044   5.880   1.633   1.00 43.59  ? 532 LEU A CD1 1 
ATOM   745 C CD2 . LEU A 1 96  ? 1.555   7.767   0.080   1.00 45.67  ? 532 LEU A CD2 1 
ATOM   746 N N   . LYS A 1 97  ? 0.349   3.898   -3.462  1.00 41.10  ? 533 LYS A N   1 
ATOM   747 C CA  . LYS A 1 97  ? 0.771   3.238   -4.699  1.00 42.23  ? 533 LYS A CA  1 
ATOM   748 C C   . LYS A 1 97  ? 0.292   4.043   -5.915  1.00 44.78  ? 533 LYS A C   1 
ATOM   749 O O   . LYS A 1 97  ? 1.060   4.261   -6.850  1.00 46.69  ? 533 LYS A O   1 
ATOM   750 C CB  . LYS A 1 97  ? 0.187   1.813   -4.758  1.00 45.36  ? 533 LYS A CB  1 
ATOM   751 C CG  . LYS A 1 97  ? 0.576   1.051   -6.009  1.00 55.62  ? 533 LYS A CG  1 
ATOM   752 C CD  . LYS A 1 97  ? -0.062  -0.331  -6.067  1.00 69.71  ? 533 LYS A CD  1 
ATOM   753 C CE  . LYS A 1 97  ? 0.402   -1.079  -7.306  1.00 79.48  ? 533 LYS A CE  1 
ATOM   754 N NZ  . LYS A 1 97  ? -0.692  -1.878  -7.923  1.00 83.70  ? 533 LYS A NZ  1 
ATOM   755 N N   . ASN A 1 98  ? -0.980  4.445   -5.902  1.00 39.71  ? 534 ASN A N   1 
ATOM   756 C CA  . ASN A 1 98  ? -1.617  5.199   -6.964  1.00 39.65  ? 534 ASN A CA  1 
ATOM   757 C C   . ASN A 1 98  ? -1.072  6.608   -6.995  1.00 44.33  ? 534 ASN A C   1 
ATOM   758 O O   . ASN A 1 98  ? -0.813  7.120   -8.075  1.00 45.69  ? 534 ASN A O   1 
ATOM   759 C CB  . ASN A 1 98  ? -3.133  5.216   -6.760  1.00 40.99  ? 534 ASN A CB  1 
ATOM   760 C CG  . ASN A 1 98  ? -3.772  3.861   -6.925  1.00 56.30  ? 534 ASN A CG  1 
ATOM   761 O OD1 . ASN A 1 98  ? -3.389  3.080   -7.789  1.00 52.15  ? 534 ASN A OD1 1 
ATOM   762 N ND2 . ASN A 1 98  ? -4.799  3.568   -6.117  1.00 43.76  ? 534 ASN A ND2 1 
ATOM   763 N N   . LYS A 1 99  ? -0.883  7.238   -5.812  1.00 38.53  ? 535 LYS A N   1 
ATOM   764 C CA  . LYS A 1 99  ? -0.330  8.589   -5.744  1.00 37.85  ? 535 LYS A CA  1 
ATOM   765 C C   . LYS A 1 99  ? 1.084   8.595   -6.349  1.00 40.60  ? 535 LYS A C   1 
ATOM   766 O O   . LYS A 1 99  ? 1.387   9.438   -7.193  1.00 41.46  ? 535 LYS A O   1 
ATOM   767 C CB  . LYS A 1 99  ? -0.293  9.104   -4.295  1.00 37.25  ? 535 LYS A CB  1 
ATOM   768 C CG  . LYS A 1 99  ? 0.512   10.381  -4.140  1.00 36.28  ? 535 LYS A CG  1 
ATOM   769 C CD  . LYS A 1 99  ? 0.358   10.988  -2.736  1.00 36.30  ? 535 LYS A CD  1 
ATOM   770 C CE  . LYS A 1 99  ? 1.328   12.147  -2.530  1.00 37.38  ? 535 LYS A CE  1 
ATOM   771 N NZ  . LYS A 1 99  ? 1.228   12.677  -1.138  1.00 40.31  ? 535 LYS A NZ  1 
ATOM   772 N N   . LEU A 1 100 ? 1.914   7.638   -5.947  1.00 36.81  ? 536 LEU A N   1 
ATOM   773 C CA  . LEU A 1 100 ? 3.305   7.504   -6.421  1.00 37.70  ? 536 LEU A CA  1 
ATOM   774 C C   . LEU A 1 100 ? 3.369   7.238   -7.923  1.00 43.91  ? 536 LEU A C   1 
ATOM   775 O O   . LEU A 1 100 ? 4.202   7.836   -8.585  1.00 44.27  ? 536 LEU A O   1 
ATOM   776 C CB  . LEU A 1 100 ? 4.074   6.414   -5.662  1.00 37.80  ? 536 LEU A CB  1 
ATOM   777 C CG  . LEU A 1 100 ? 4.448   6.741   -4.202  1.00 43.22  ? 536 LEU A CG  1 
ATOM   778 C CD1 . LEU A 1 100 ? 4.963   5.457   -3.472  1.00 44.29  ? 536 LEU A CD1 1 
ATOM   779 C CD2 . LEU A 1 100 ? 5.585   7.825   -4.129  1.00 44.35  ? 536 LEU A CD2 1 
ATOM   780 N N   . SER A 1 101 ? 2.487   6.348   -8.458  1.00 41.42  ? 537 SER A N   1 
ATOM   781 C CA  . SER A 1 101 ? 2.431   6.047   -9.894  1.00 43.72  ? 537 SER A CA  1 
ATOM   782 C C   . SER A 1 101 ? 2.064   7.331   -10.614 1.00 45.90  ? 537 SER A C   1 
ATOM   783 O O   . SER A 1 101 ? 2.602   7.563   -11.676 1.00 47.05  ? 537 SER A O   1 
ATOM   784 C CB  . SER A 1 101 ? 1.358   4.997   -10.211 1.00 49.18  ? 537 SER A CB  1 
ATOM   785 O OG  . SER A 1 101 ? 1.554   3.789   -9.494  1.00 62.31  ? 537 SER A OG  1 
ATOM   786 N N   . HIS A 1 102 ? 1.135   8.154   -10.048 1.00 42.50  ? 538 HIS A N   1 
ATOM   787 C CA  . HIS A 1 102 ? 0.728   9.443   -10.659 1.00 41.27  ? 538 HIS A CA  1 
ATOM   788 C C   . HIS A 1 102 ? 1.926   10.366  -10.766 1.00 43.94  ? 538 HIS A C   1 
ATOM   789 O O   . HIS A 1 102 ? 2.240   10.832  -11.850 1.00 46.22  ? 538 HIS A O   1 
ATOM   790 C CB  . HIS A 1 102 ? -0.420  10.136  -9.891  1.00 39.80  ? 538 HIS A CB  1 
ATOM   791 C CG  . HIS A 1 102 ? -0.713  11.506  -10.438 1.00 42.56  ? 538 HIS A CG  1 
ATOM   792 N ND1 . HIS A 1 102 ? -1.442  11.674  -11.589 1.00 44.88  ? 538 HIS A ND1 1 
ATOM   793 C CD2 . HIS A 1 102 ? -0.272  12.719  -10.023 1.00 43.44  ? 538 HIS A CD2 1 
ATOM   794 C CE1 . HIS A 1 102 ? -1.416  12.976  -11.850 1.00 45.22  ? 538 HIS A CE1 1 
ATOM   795 N NE2 . HIS A 1 102 ? -0.732  13.645  -10.930 1.00 44.39  ? 538 HIS A NE2 1 
ATOM   796 N N   . ILE A 1 103 ? 2.642   10.569  -9.653  1.00 41.53  ? 539 ILE A N   1 
ATOM   797 C CA  . ILE A 1 103 ? 3.822   11.441  -9.607  1.00 39.43  ? 539 ILE A CA  1 
ATOM   798 C C   . ILE A 1 103 ? 4.891   10.934  -10.537 1.00 42.39  ? 539 ILE A C   1 
ATOM   799 O O   . ILE A 1 103 ? 5.414   11.728  -11.303 1.00 41.58  ? 539 ILE A O   1 
ATOM   800 C CB  . ILE A 1 103 ? 4.331   11.702  -8.174  1.00 41.44  ? 539 ILE A CB  1 
ATOM   801 C CG1 . ILE A 1 103 ? 3.223   12.381  -7.326  1.00 42.75  ? 539 ILE A CG1 1 
ATOM   802 C CG2 . ILE A 1 103 ? 5.599   12.563  -8.208  1.00 43.17  ? 539 ILE A CG2 1 
ATOM   803 C CD1 . ILE A 1 103 ? 3.565   12.658  -5.784  1.00 48.08  ? 539 ILE A CD1 1 
ATOM   804 N N   . LYS A 1 104 ? 5.179   9.613   -10.523 1.00 41.68  ? 540 LYS A N   1 
ATOM   805 C CA  . LYS A 1 104 ? 6.212   8.996   -11.383 1.00 44.02  ? 540 LYS A CA  1 
ATOM   806 C C   . LYS A 1 104 ? 5.931   9.335   -12.846 1.00 47.72  ? 540 LYS A C   1 
ATOM   807 O O   . LYS A 1 104 ? 6.825   9.789   -13.537 1.00 44.90  ? 540 LYS A O   1 
ATOM   808 C CB  . LYS A 1 104 ? 6.254   7.468   -11.188 1.00 46.49  ? 540 LYS A CB  1 
ATOM   809 C CG  . LYS A 1 104 ? 7.334   6.753   -11.981 1.00 56.19  ? 540 LYS A CG  1 
ATOM   810 C CD  . LYS A 1 104 ? 7.296   5.268   -11.660 1.00 71.94  ? 540 LYS A CD  1 
ATOM   811 C CE  . LYS A 1 104 ? 8.472   4.501   -12.204 1.00 86.33  ? 540 LYS A CE  1 
ATOM   812 N NZ  . LYS A 1 104 ? 8.365   3.062   -11.861 1.00 101.14 ? 540 LYS A NZ  1 
ATOM   813 N N   . GLN A 1 105 ? 4.659   9.139   -13.276 1.00 46.67  ? 541 GLN A N   1 
ATOM   814 C CA  . GLN A 1 105 ? 4.116   9.400   -14.619 1.00 47.60  ? 541 GLN A CA  1 
ATOM   815 C C   . GLN A 1 105 ? 4.274   10.871  -14.964 1.00 50.77  ? 541 GLN A C   1 
ATOM   816 O O   . GLN A 1 105 ? 4.678   11.143  -16.079 1.00 53.08  ? 541 GLN A O   1 
ATOM   817 C CB  . GLN A 1 105 ? 2.627   8.977   -14.667 1.00 48.83  ? 541 GLN A CB  1 
ATOM   818 C CG  . GLN A 1 105 ? 1.890   9.232   -15.994 1.00 85.10  ? 541 GLN A CG  1 
ATOM   819 C CD  . GLN A 1 105 ? 0.903   10.399  -15.984 1.00 101.84 ? 541 GLN A CD  1 
ATOM   820 O OE1 . GLN A 1 105 ? 0.419   10.861  -14.929 1.00 92.80  ? 541 GLN A OE1 1 
ATOM   821 N NE2 . GLN A 1 105 ? 0.564   10.882  -17.181 1.00 84.36  ? 541 GLN A NE2 1 
ATOM   822 N N   . ARG A 1 106 ? 3.993   11.826  -14.023 1.00 45.65  ? 542 ARG A N   1 
ATOM   823 C CA  . ARG A 1 106 ? 4.205   13.272  -14.296 1.00 46.04  ? 542 ARG A CA  1 
ATOM   824 C C   . ARG A 1 106 ? 5.674   13.575  -14.601 1.00 52.11  ? 542 ARG A C   1 
ATOM   825 O O   . ARG A 1 106 ? 5.969   14.352  -15.512 1.00 52.97  ? 542 ARG A O   1 
ATOM   826 C CB  . ARG A 1 106 ? 3.733   14.154  -13.121 1.00 42.28  ? 542 ARG A CB  1 
ATOM   827 C CG  . ARG A 1 106 ? 2.200   14.305  -12.999 1.00 43.53  ? 542 ARG A CG  1 
ATOM   828 C CD  . ARG A 1 106 ? 1.641   15.134  -14.145 1.00 46.81  ? 542 ARG A CD  1 
ATOM   829 N NE  . ARG A 1 106 ? 0.234   15.492  -13.953 1.00 58.14  ? 542 ARG A NE  1 
ATOM   830 C CZ  . ARG A 1 106 ? -0.672  15.543  -14.924 1.00 73.15  ? 542 ARG A CZ  1 
ATOM   831 N NH1 . ARG A 1 106 ? -0.333  15.256  -16.177 1.00 59.48  ? 542 ARG A NH1 1 
ATOM   832 N NH2 . ARG A 1 106 ? -1.927  15.867  -14.650 1.00 67.13  ? 542 ARG A NH2 1 
ATOM   833 N N   . ILE A 1 107 ? 6.595   12.950  -13.839 1.00 48.04  ? 543 ILE A N   1 
ATOM   834 C CA  . ILE A 1 107 ? 8.035   13.157  -14.001 1.00 49.14  ? 543 ILE A CA  1 
ATOM   835 C C   . ILE A 1 107 ? 8.516   12.614  -15.347 1.00 56.10  ? 543 ILE A C   1 
ATOM   836 O O   . ILE A 1 107 ? 9.199   13.329  -16.081 1.00 56.07  ? 543 ILE A O   1 
ATOM   837 C CB  . ILE A 1 107 ? 8.851   12.598  -12.793 1.00 51.45  ? 543 ILE A CB  1 
ATOM   838 C CG1 . ILE A 1 107 ? 8.555   13.396  -11.501 1.00 49.99  ? 543 ILE A CG1 1 
ATOM   839 C CG2 . ILE A 1 107 ? 10.392  12.572  -13.106 1.00 53.53  ? 543 ILE A CG2 1 
ATOM   840 C CD1 . ILE A 1 107 ? 8.943   12.593  -10.106 1.00 42.78  ? 543 ILE A CD1 1 
ATOM   841 N N   . GLN A 1 108 ? 8.162   11.341  -15.651 1.00 53.21  ? 544 GLN A N   1 
ATOM   842 C CA  . GLN A 1 108 ? 8.550   10.639  -16.870 1.00 54.94  ? 544 GLN A CA  1 
ATOM   843 C C   . GLN A 1 108 ? 8.067   11.383  -18.085 1.00 60.21  ? 544 GLN A C   1 
ATOM   844 O O   . GLN A 1 108 ? 8.812   11.542  -19.044 1.00 63.07  ? 544 GLN A O   1 
ATOM   845 C CB  . GLN A 1 108 ? 7.957   9.228   -16.862 1.00 56.34  ? 544 GLN A CB  1 
ATOM   846 C CG  . GLN A 1 108 ? 8.742   8.278   -15.968 1.00 67.82  ? 544 GLN A CG  1 
ATOM   847 C CD  . GLN A 1 108 ? 8.122   6.912   -15.864 1.00 80.80  ? 544 GLN A CD  1 
ATOM   848 O OE1 . GLN A 1 108 ? 6.928   6.697   -16.132 1.00 73.99  ? 544 GLN A OE1 1 
ATOM   849 N NE2 . GLN A 1 108 ? 8.923   5.959   -15.433 1.00 71.99  ? 544 GLN A NE2 1 
ATOM   850 N N   . GLU A 1 109 ? 6.845   11.883  -18.020 1.00 55.43  ? 545 GLU A N   1 
ATOM   851 C CA  . GLU A 1 109 ? 6.205   12.644  -19.088 1.00 58.39  ? 545 GLU A CA  1 
ATOM   852 C C   . GLU A 1 109 ? 7.016   13.914  -19.402 1.00 65.34  ? 545 GLU A C   1 
ATOM   853 O O   . GLU A 1 109 ? 7.326   14.173  -20.563 1.00 67.88  ? 545 GLU A O   1 
ATOM   854 C CB  . GLU A 1 109 ? 4.741   12.918  -18.678 1.00 58.50  ? 545 GLU A CB  1 
ATOM   855 C CG  . GLU A 1 109 ? 4.010   14.009  -19.420 1.00 74.81  ? 545 GLU A CG  1 
ATOM   856 C CD  . GLU A 1 109 ? 2.827   14.603  -18.678 1.00 103.54 ? 545 GLU A CD  1 
ATOM   857 O OE1 . GLU A 1 109 ? 2.252   13.916  -17.802 1.00 100.00 ? 545 GLU A OE1 1 
ATOM   858 O OE2 . GLU A 1 109 ? 2.458   15.758  -18.990 1.00 105.87 ? 545 GLU A OE2 1 
ATOM   859 N N   . TYR A 1 110 ? 7.421   14.642  -18.352 1.00 61.76  ? 546 TYR A N   1 
ATOM   860 C CA  . TYR A 1 110 ? 8.230   15.850  -18.463 1.00 62.99  ? 546 TYR A CA  1 
ATOM   861 C C   . TYR A 1 110 ? 9.621   15.567  -19.039 1.00 70.89  ? 546 TYR A C   1 
ATOM   862 O O   . TYR A 1 110 ? 10.093  16.330  -19.881 1.00 71.83  ? 546 TYR A O   1 
ATOM   863 C CB  . TYR A 1 110 ? 8.367   16.511  -17.090 1.00 61.41  ? 546 TYR A CB  1 
ATOM   864 C CG  . TYR A 1 110 ? 9.080   17.842  -17.129 1.00 62.21  ? 546 TYR A CG  1 
ATOM   865 C CD1 . TYR A 1 110 ? 8.459   18.973  -17.652 1.00 64.33  ? 546 TYR A CD1 1 
ATOM   866 C CD2 . TYR A 1 110 ? 10.376  17.976  -16.631 1.00 62.96  ? 546 TYR A CD2 1 
ATOM   867 C CE1 . TYR A 1 110 ? 9.096   20.212  -17.651 1.00 65.23  ? 546 TYR A CE1 1 
ATOM   868 C CE2 . TYR A 1 110 ? 11.028  19.208  -16.640 1.00 64.26  ? 546 TYR A CE2 1 
ATOM   869 C CZ  . TYR A 1 110 ? 10.382  20.321  -17.149 1.00 69.19  ? 546 TYR A CZ  1 
ATOM   870 O OH  . TYR A 1 110 ? 11.009  21.535  -17.167 1.00 70.31  ? 546 TYR A OH  1 
ATOM   871 N N   . ASP A 1 111 ? 10.277  14.496  -18.563 1.00 68.98  ? 547 ASP A N   1 
ATOM   872 C CA  . ASP A 1 111 ? 11.612  14.113  -19.023 1.00 72.22  ? 547 ASP A CA  1 
ATOM   873 C C   . ASP A 1 111 ? 11.615  13.804  -20.492 1.00 84.11  ? 547 ASP A C   1 
ATOM   874 O O   . ASP A 1 111 ? 12.440  14.339  -21.226 1.00 87.85  ? 547 ASP A O   1 
ATOM   875 C CB  . ASP A 1 111 ? 12.141  12.938  -18.208 1.00 72.80  ? 547 ASP A CB  1 
ATOM   876 C CG  . ASP A 1 111 ? 12.405  13.321  -16.766 1.00 68.59  ? 547 ASP A CG  1 
ATOM   877 O OD1 . ASP A 1 111 ? 12.262  14.518  -16.436 1.00 66.46  ? 547 ASP A OD1 1 
ATOM   878 O OD2 . ASP A 1 111 ? 12.813  12.436  -15.980 1.00 67.81  ? 547 ASP A OD2 1 
ATOM   879 N N   . LYS A 1 112 ? 10.639  13.011  -20.930 1.00 83.59  ? 548 LYS A N   1 
ATOM   880 C CA  . LYS A 1 112 ? 10.447  12.622  -22.320 1.00 87.92  ? 548 LYS A CA  1 
ATOM   881 C C   . LYS A 1 112 ? 10.310  13.857  -23.218 1.00 94.69  ? 548 LYS A C   1 
ATOM   882 O O   . LYS A 1 112 ? 11.022  13.959  -24.211 1.00 97.03  ? 548 LYS A O   1 
ATOM   883 C CB  . LYS A 1 112 ? 9.235   11.679  -22.411 1.00 90.94  ? 548 LYS A CB  1 
ATOM   884 C CG  . LYS A 1 112 ? 8.471   11.663  -23.730 1.00 111.97 ? 548 LYS A CG  1 
ATOM   885 C CD  . LYS A 1 112 ? 7.310   10.681  -23.649 1.00 121.54 ? 548 LYS A CD  1 
ATOM   886 C CE  . LYS A 1 112 ? 6.161   11.167  -22.796 1.00 123.79 ? 548 LYS A CE  1 
ATOM   887 N NZ  . LYS A 1 112 ? 5.181   10.083  -22.525 1.00 127.10 ? 548 LYS A NZ  1 
ATOM   888 N N   . VAL A 1 113 ? 9.453   14.809  -22.818 1.00 91.01  ? 549 VAL A N   1 
ATOM   889 C CA  . VAL A 1 113 ? 9.195   16.066  -23.530 1.00 92.63  ? 549 VAL A CA  1 
ATOM   890 C C   . VAL A 1 113 ? 10.448  16.905  -23.653 1.00 97.15  ? 549 VAL A C   1 
ATOM   891 O O   . VAL A 1 113 ? 10.750  17.419  -24.734 1.00 99.84  ? 549 VAL A O   1 
ATOM   892 C CB  . VAL A 1 113 ? 8.078   16.868  -22.811 1.00 95.38  ? 549 VAL A CB  1 
ATOM   893 C CG1 . VAL A 1 113 ? 7.999   18.320  -23.287 1.00 96.96  ? 549 VAL A CG1 1 
ATOM   894 C CG2 . VAL A 1 113 ? 6.758   16.207  -23.017 1.00 95.40  ? 549 VAL A CG2 1 
ATOM   895 N N   . MET A 1 114 ? 11.150  17.076  -22.531 1.00 90.74  ? 550 MET A N   1 
ATOM   896 C CA  . MET A 1 114 ? 12.308  17.954  -22.459 1.00 94.62  ? 550 MET A CA  1 
ATOM   897 C C   . MET A 1 114 ? 13.612  17.291  -22.902 1.00 132.98 ? 550 MET A C   1 
ATOM   898 O O   . MET A 1 114 ? 14.643  17.957  -22.988 1.00 102.74 ? 550 MET A O   1 
ATOM   899 C CB  . MET A 1 114 ? 12.415  18.551  -21.047 1.00 94.48  ? 550 MET A CB  1 
ATOM   900 C CG  . MET A 1 114 ? 11.209  19.419  -20.657 1.00 95.63  ? 550 MET A CG  1 
ATOM   901 S SD  . MET A 1 114 ? 11.190  21.134  -21.274 1.00 100.56 ? 550 MET A SD  1 
ATOM   902 C CE  . MET A 1 114 ? 12.663  21.777  -20.494 1.00 98.17  ? 550 MET A CE  1 
HETATM 903 O O   . HOH B 2 .   ? -4.078  8.270   3.210   1.00 54.29  ? 601 HOH A O   1 
HETATM 904 O O   . HOH B 2 .   ? -9.312  12.663  2.187   1.00 71.72  ? 602 HOH A O   1 
HETATM 905 O O   . HOH B 2 .   ? -10.302 10.128  6.707   1.00 58.77  ? 603 HOH A O   1 
HETATM 906 O O   . HOH B 2 .   ? -8.117  -1.518  3.340   1.00 38.44  ? 604 HOH A O   1 
HETATM 907 O O   . HOH B 2 .   ? -7.850  -0.749  0.650   1.00 41.99  ? 605 HOH A O   1 
HETATM 908 O O   . HOH B 2 .   ? -2.081  6.696   -10.428 1.00 52.83  ? 606 HOH A O   1 
HETATM 909 O O   . HOH B 2 .   ? 4.266   16.426  -16.395 1.00 45.81  ? 607 HOH A O   1 
HETATM 910 O O   . HOH B 2 .   ? -1.933  -3.249  12.165  1.00 56.43  ? 608 HOH A O   1 
HETATM 911 O O   . HOH B 2 .   ? -2.624  9.400   -12.723 1.00 41.01  ? 609 HOH A O   1 
HETATM 912 O O   . HOH B 2 .   ? 15.708  17.888  -20.346 1.00 73.12  ? 610 HOH A O   1 
HETATM 913 O O   . HOH B 2 .   ? -7.047  3.459   -0.821  1.00 50.89  ? 611 HOH A O   1 
HETATM 914 O O   . HOH B 2 .   ? -7.844  17.053  -1.997  1.00 54.24  ? 612 HOH A O   1 
HETATM 915 O O   . HOH B 2 .   ? 12.576  13.901  0.063   1.00 68.57  ? 613 HOH A O   1 
HETATM 916 O O   . HOH B 2 .   ? 15.885  28.470  -10.180 1.00 79.42  ? 614 HOH A O   1 
HETATM 917 O O   . HOH B 2 .   ? 6.849   -2.456  -2.630  1.00 66.26  ? 615 HOH A O   1 
HETATM 918 O O   . HOH B 2 .   ? -16.664 -28.699 9.896   1.00 69.62  ? 616 HOH A O   1 
HETATM 919 O O   . HOH B 2 .   ? -5.920  -22.700 1.087   1.00 82.92  ? 617 HOH A O   1 
# 
loop_
_atom_site_anisotrop.id 
_atom_site_anisotrop.type_symbol 
_atom_site_anisotrop.pdbx_label_atom_id 
_atom_site_anisotrop.pdbx_label_alt_id 
_atom_site_anisotrop.pdbx_label_comp_id 
_atom_site_anisotrop.pdbx_label_asym_id 
_atom_site_anisotrop.pdbx_label_seq_id 
_atom_site_anisotrop.pdbx_PDB_ins_code 
_atom_site_anisotrop.U[1][1] 
_atom_site_anisotrop.U[2][2] 
_atom_site_anisotrop.U[3][3] 
_atom_site_anisotrop.U[1][2] 
_atom_site_anisotrop.U[1][3] 
_atom_site_anisotrop.U[2][3] 
_atom_site_anisotrop.pdbx_auth_seq_id 
_atom_site_anisotrop.pdbx_auth_comp_id 
_atom_site_anisotrop.pdbx_auth_asym_id 
_atom_site_anisotrop.pdbx_auth_atom_id 
1   N N   . SER A 2   ? 0.8604 0.7562 0.7408 0.0768  0.0655  0.0520  438 SER A N   
2   C CA  . SER A 2   ? 0.8445 0.7617 0.7012 0.0736  0.0392  0.0487  438 SER A CA  
3   C C   . SER A 2   ? 0.8103 0.7831 0.7070 0.0681  0.0122  0.0507  438 SER A C   
4   O O   . SER A 2   ? 0.8011 0.7920 0.6796 0.0654  -0.0087 0.0482  438 SER A O   
5   C CB  . SER A 2   ? 0.9419 0.8442 0.7826 0.0828  0.0514  0.0510  438 SER A CB  
6   O OG  . SER A 2   ? 1.0955 1.0044 0.9849 0.0880  0.0720  0.0571  438 SER A OG  
7   N N   . MET A 3   ? 0.7132 0.7128 0.6624 0.0674  0.0125  0.0559  439 MET A N   
8   C CA  . MET A 3   ? 0.6384 0.6835 0.6148 0.0631  -0.0107 0.0574  439 MET A CA  
9   C C   . MET A 3   ? 0.6513 0.7133 0.6532 0.0581  -0.0181 0.0628  439 MET A C   
10  O O   . MET A 3   ? 0.6202 0.6978 0.6621 0.0603  -0.0173 0.0692  439 MET A O   
11  C CB  . MET A 3   ? 0.6286 0.6918 0.6346 0.0667  -0.0102 0.0581  439 MET A CB  
12  C CG  . MET A 3   ? 0.6745 0.7206 0.6532 0.0726  -0.0035 0.0547  439 MET A CG  
13  S SD  . MET A 3   ? 0.6939 0.7498 0.7078 0.0743  0.0018  0.0538  439 MET A SD  
14  C CE  . MET A 3   ? 0.6702 0.7015 0.7159 0.0763  0.0316  0.0597  439 MET A CE  
15  N N   . PRO A 4   ? 0.5841 0.6424 0.5642 0.0507  -0.0266 0.0614  440 PRO A N   
16  C CA  . PRO A 4   ? 0.5465 0.6164 0.5471 0.0464  -0.0320 0.0688  440 PRO A CA  
17  C C   . PRO A 4   ? 0.5113 0.6213 0.5376 0.0462  -0.0481 0.0748  440 PRO A C   
18  O O   . PRO A 4   ? 0.4785 0.6095 0.4993 0.0462  -0.0582 0.0707  440 PRO A O   
19  C CB  . PRO A 4   ? 0.5803 0.6401 0.5506 0.0352  -0.0395 0.0642  440 PRO A CB  
20  C CG  . PRO A 4   ? 0.6650 0.6949 0.5958 0.0352  -0.0344 0.0542  440 PRO A CG  
21  C CD  . PRO A 4   ? 0.6096 0.6545 0.5474 0.0448  -0.0341 0.0542  440 PRO A CD  
22  N N   . ASP A 5   ? 0.4353 0.5516 0.4848 0.0469  -0.0499 0.0852  441 ASP A N   
23  C CA  . ASP A 5   ? 0.3979 0.5453 0.4622 0.0467  -0.0661 0.0924  441 ASP A CA  
24  C C   . ASP A 5   ? 0.4674 0.6261 0.5079 0.0390  -0.0744 0.0920  441 ASP A C   
25  O O   . ASP A 5   ? 0.4764 0.6259 0.5126 0.0340  -0.0719 0.0985  441 ASP A O   
26  C CB  . ASP A 5   ? 0.3958 0.5426 0.4894 0.0517  -0.0658 0.1069  441 ASP A CB  
27  C CG  . ASP A 5   ? 0.4211 0.5957 0.5234 0.0522  -0.0856 0.1161  441 ASP A CG  
28  O OD1 . ASP A 5   ? 0.3678 0.5585 0.4480 0.0479  -0.0966 0.1098  441 ASP A OD1 
29  O OD2 . ASP A 5   ? 0.4392 0.6171 0.5661 0.0578  -0.0898 0.1306  441 ASP A OD2 
30  N N   . TYR A 6   ? 0.4280 0.6049 0.4561 0.0382  -0.0813 0.0850  442 TYR A N   
31  C CA  . TYR A 6   ? 0.4082 0.6010 0.4219 0.0323  -0.0856 0.0856  442 TYR A CA  
32  C C   . TYR A 6   ? 0.4277 0.6346 0.4405 0.0316  -0.0912 0.0963  442 TYR A C   
33  O O   . TYR A 6   ? 0.4483 0.6645 0.4530 0.0261  -0.0893 0.1007  442 TYR A O   
34  C CB  . TYR A 6   ? 0.4177 0.6241 0.4215 0.0354  -0.0873 0.0764  442 TYR A CB  
35  C CG  . TYR A 6   ? 0.4280 0.6384 0.4336 0.0426  -0.0897 0.0713  442 TYR A CG  
36  C CD1 . TYR A 6   ? 0.4321 0.6557 0.4321 0.0435  -0.0959 0.0728  442 TYR A CD1 
37  C CD2 . TYR A 6   ? 0.4452 0.6419 0.4538 0.0474  -0.0849 0.0643  442 TYR A CD2 
38  C CE1 . TYR A 6   ? 0.4336 0.6564 0.4317 0.0469  -0.0999 0.0652  442 TYR A CE1 
39  C CE2 . TYR A 6   ? 0.4390 0.6367 0.4521 0.0512  -0.0864 0.0587  442 TYR A CE2 
40  C CZ  . TYR A 6   ? 0.4880 0.6986 0.4963 0.0499  -0.0953 0.0579  442 TYR A CZ  
41  O OH  . TYR A 6   ? 0.5118 0.7189 0.5215 0.0504  -0.0991 0.0498  442 TYR A OH  
42  N N   . VAL A 7   ? 0.3411 0.5496 0.3621 0.0367  -0.0984 0.1016  443 VAL A N   
43  C CA  . VAL A 7   ? 0.3421 0.5591 0.3528 0.0372  -0.1066 0.1135  443 VAL A CA  
44  C C   . VAL A 7   ? 0.4290 0.6325 0.4461 0.0348  -0.1006 0.1278  443 VAL A C   
45  O O   . VAL A 7   ? 0.4702 0.6749 0.4722 0.0305  -0.0970 0.1363  443 VAL A O   
46  C CB  . VAL A 7   ? 0.3811 0.6055 0.3975 0.0420  -0.1227 0.1148  443 VAL A CB  
47  C CG1 . VAL A 7   ? 0.3910 0.6192 0.3879 0.0432  -0.1342 0.1295  443 VAL A CG1 
48  C CG2 . VAL A 7   ? 0.3702 0.6009 0.3757 0.0419  -0.1263 0.0986  443 VAL A CG2 
49  N N   . ALA A 8   ? 0.3997 0.5860 0.4387 0.0376  -0.0951 0.1302  444 ALA A N   
50  C CA  . ALA A 8   ? 0.4125 0.5772 0.4579 0.0367  -0.0858 0.1426  444 ALA A CA  
51  C C   . ALA A 8   ? 0.4594 0.6112 0.4905 0.0241  -0.0748 0.1363  444 ALA A C   
52  O O   . ALA A 8   ? 0.4784 0.6180 0.5057 0.0185  -0.0688 0.1469  444 ALA A O   
53  C CB  . ALA A 8   ? 0.4256 0.5717 0.4975 0.0445  -0.0777 0.1440  444 ALA A CB  
54  N N   . LYS A 9   ? 0.4275 0.5820 0.4520 0.0189  -0.0737 0.1204  445 LYS A N   
55  C CA  . LYS A 9   ? 0.4573 0.6036 0.4729 0.0052  -0.0692 0.1139  445 LYS A CA  
56  C C   . LYS A 9   ? 0.5324 0.7062 0.5453 -0.0019 -0.0721 0.1178  445 LYS A C   
57  O O   . LYS A 9   ? 0.5505 0.7214 0.5662 -0.0157 -0.0683 0.1188  445 LYS A O   
58  C CB  . LYS A 9   ? 0.5042 0.6409 0.5105 0.0030  -0.0697 0.0974  445 LYS A CB  
59  C CG  . LYS A 9   ? 0.8961 0.9981 0.9003 0.0099  -0.0596 0.0932  445 LYS A CG  
60  C CD  . LYS A 9   ? 1.1499 1.2119 1.1497 0.0040  -0.0471 0.0960  445 LYS A CD  
61  C CE  . LYS A 9   ? 1.4101 1.4362 1.3821 -0.0043 -0.0418 0.0805  445 LYS A CE  
62  N NZ  . LYS A 9   ? 1.5635 1.5403 1.5260 -0.0082 -0.0255 0.0805  445 LYS A NZ  
63  N N   . TYR A 10  ? 0.4598 0.6584 0.4684 0.0065  -0.0771 0.1196  446 TYR A N   
64  C CA  . TYR A 10  ? 0.4462 0.6687 0.4508 0.0027  -0.0739 0.1239  446 TYR A CA  
65  C C   . TYR A 10  ? 0.5009 0.7255 0.4895 0.0090  -0.0729 0.1373  446 TYR A C   
66  O O   . TYR A 10  ? 0.4851 0.7225 0.4591 0.0168  -0.0763 0.1334  446 TYR A O   
67  C CB  . TYR A 10  ? 0.4388 0.6843 0.4446 0.0065  -0.0765 0.1118  446 TYR A CB  
68  C CG  . TYR A 10  ? 0.4347 0.6781 0.4516 -0.0016 -0.0800 0.1027  446 TYR A CG  
69  C CD1 . TYR A 10  ? 0.4657 0.7212 0.4977 -0.0156 -0.0787 0.1050  446 TYR A CD1 
70  C CD2 . TYR A 10  ? 0.4314 0.6560 0.4423 0.0026  -0.0848 0.0929  446 TYR A CD2 
71  C CE1 . TYR A 10  ? 0.4499 0.6994 0.4866 -0.0261 -0.0875 0.0961  446 TYR A CE1 
72  C CE2 . TYR A 10  ? 0.4419 0.6554 0.4503 -0.0056 -0.0893 0.0848  446 TYR A CE2 
73  C CZ  . TYR A 10  ? 0.5048 0.7307 0.5240 -0.0204 -0.0932 0.0858  446 TYR A CZ  
74  O OH  . TYR A 10  ? 0.5344 0.7473 0.5462 -0.0308 -0.1026 0.0769  446 TYR A OH  
75  N N   . PRO A 11  ? 0.4783 0.6859 0.4646 0.0059  -0.0678 0.1531  447 PRO A N   
76  C CA  . PRO A 11  ? 0.4957 0.7017 0.4581 0.0129  -0.0685 0.1689  447 PRO A CA  
77  C C   . PRO A 11  ? 0.5967 0.8171 0.5428 0.0094  -0.0554 0.1731  447 PRO A C   
78  O O   . PRO A 11  ? 0.5960 0.8332 0.5595 0.0019  -0.0468 0.1650  447 PRO A O   
79  C CB  . PRO A 11  ? 0.5275 0.7079 0.4955 0.0106  -0.0631 0.1861  447 PRO A CB  
80  C CG  . PRO A 11  ? 0.5795 0.7503 0.5690 -0.0038 -0.0527 0.1791  447 PRO A CG  
81  C CD  . PRO A 11  ? 0.5052 0.6886 0.5053 -0.0040 -0.0606 0.1577  447 PRO A CD  
82  N N   . VAL A 12  ? 0.5868 0.8007 0.5000 0.0157  -0.0536 0.1868  448 VAL A N   
83  C CA  . VAL A 12  ? 0.6196 0.8397 0.5094 0.0147  -0.0353 0.1941  448 VAL A CA  
84  C C   . VAL A 12  ? 0.6621 0.8881 0.5840 0.0001  -0.0146 0.2006  448 VAL A C   
85  O O   . VAL A 12  ? 0.6713 0.8802 0.6091 -0.0083 -0.0126 0.2099  448 VAL A O   
86  C CB  . VAL A 12  ? 0.7189 0.9181 0.5600 0.0231  -0.0374 0.2129  448 VAL A CB  
87  C CG1 . VAL A 12  ? 0.7521 0.9478 0.5662 0.0212  -0.0104 0.2260  448 VAL A CG1 
88  C CG2 . VAL A 12  ? 0.7279 0.9265 0.5363 0.0339  -0.0602 0.2033  448 VAL A CG2 
89  N N   . ILE A 13  ? 0.5954 0.8458 0.5309 -0.0034 0.0008  0.1954  449 ILE A N   
90  C CA  . ILE A 13  ? 0.5826 0.8463 0.5588 -0.0198 0.0175  0.2011  449 ILE A CA  
91  C C   . ILE A 13  ? 0.7290 0.9748 0.6883 -0.0241 0.0393  0.2240  449 ILE A C   
92  O O   . ILE A 13  ? 0.7632 0.9988 0.6776 -0.0124 0.0500  0.2340  449 ILE A O   
93  C CB  . ILE A 13  ? 0.5911 0.8928 0.5991 -0.0209 0.0264  0.1916  449 ILE A CB  
94  C CG1 . ILE A 13  ? 0.5386 0.8529 0.5602 -0.0158 0.0041  0.1711  449 ILE A CG1 
95  C CG2 . ILE A 13  ? 0.5987 0.9206 0.6586 -0.0406 0.0411  0.1996  449 ILE A CG2 
96  C CD1 . ILE A 13  ? 0.5579 0.9074 0.6047 -0.0099 0.0108  0.1636  449 ILE A CD1 
97  N N   . GLN A 14  ? 0.7070 0.9431 0.6968 -0.0413 0.0464  0.2323  450 GLN A N   
98  C CA  . GLN A 14  ? 0.7492 0.9636 0.7263 -0.0470 0.0701  0.2562  450 GLN A CA  
99  C C   . GLN A 14  ? 0.7955 1.0315 0.8199 -0.0664 0.0952  0.2624  450 GLN A C   
100 O O   . GLN A 14  ? 0.8227 1.0519 0.8334 -0.0665 0.1236  0.2819  450 GLN A O   
101 C CB  . GLN A 14  ? 0.7833 0.9580 0.7507 -0.0490 0.0618  0.2660  450 GLN A CB  
102 C CG  . GLN A 14  ? 1.0098 1.1662 0.9299 -0.0274 0.0431  0.2700  450 GLN A CG  
103 C CD  . GLN A 14  ? 1.3218 1.4390 1.2204 -0.0233 0.0476  0.2941  450 GLN A CD  
104 O OE1 . GLN A 14  ? 1.2594 1.3561 1.1722 -0.0227 0.0362  0.2939  450 GLN A OE1 
105 N NE2 . GLN A 14  ? 1.3481 1.4510 1.2104 -0.0192 0.0672  0.3168  450 GLN A NE2 
106 N N   . THR A 15  ? 0.6985 0.9610 0.7781 -0.0830 0.0842  0.2469  451 THR A N   
107 C CA  . THR A 15  ? 0.6904 0.9804 0.8293 -0.1056 0.1015  0.2516  451 THR A CA  
108 C C   . THR A 15  ? 0.7035 1.0452 0.8865 -0.1060 0.0917  0.2366  451 THR A C   
109 O O   . THR A 15  ? 0.6927 1.0407 0.8611 -0.0929 0.0681  0.2197  451 THR A O   
110 C CB  . THR A 15  ? 0.7597 1.0245 0.9264 -0.1318 0.0949  0.2506  451 THR A CB  
111 O OG1 . THR A 15  ? 0.6944 0.9601 0.8704 -0.1365 0.0630  0.2274  451 THR A OG1 
112 C CG2 . THR A 15  ? 0.7396 0.9487 0.8649 -0.1287 0.1052  0.2676  451 THR A CG2 
113 N N   . ASP A 16  ? 0.6690 1.0486 0.9109 -0.1207 0.1099  0.2442  452 ASP A N   
114 C CA  . ASP A 16  ? 0.6365 1.0710 0.9330 -0.1213 0.0993  0.2337  452 ASP A CA  
115 C C   . ASP A 16  ? 0.6638 1.1006 0.9799 -0.1360 0.0599  0.2139  452 ASP A C   
116 O O   . ASP A 16  ? 0.6462 1.1079 0.9685 -0.1244 0.0395  0.2007  452 ASP A O   
117 C CB  . ASP A 16  ? 0.6767 1.1545 1.0444 -0.1361 0.1271  0.2491  452 ASP A CB  
118 C CG  . ASP A 16  ? 0.8118 1.2944 1.1624 -0.1173 0.1705  0.2670  452 ASP A CG  
119 O OD1 . ASP A 16  ? 0.7834 1.2406 1.0647 -0.0913 0.1744  0.2641  452 ASP A OD1 
120 O OD2 . ASP A 16  ? 0.9969 1.5077 1.4036 -0.1296 0.2013  0.2835  452 ASP A OD2 
121 N N   . ASP A 17  ? 0.6268 1.0297 0.9432 -0.1593 0.0510  0.2118  453 ASP A N   
122 C CA  . ASP A 17  ? 0.6213 1.0123 0.9402 -0.1737 0.0162  0.1915  453 ASP A CA  
123 C C   . ASP A 17  ? 0.6326 1.0023 0.8972 -0.1491 -0.0021 0.1778  453 ASP A C   
124 O O   . ASP A 17  ? 0.5989 0.9830 0.8690 -0.1483 -0.0276 0.1622  453 ASP A O   
125 C CB  . ASP A 17  ? 0.6877 1.0310 1.0019 -0.1996 0.0165  0.1910  453 ASP A CB  
126 C CG  . ASP A 17  ? 0.8422 1.2063 1.2208 -0.2333 0.0258  0.1985  453 ASP A CG  
127 O OD1 . ASP A 17  ? 0.8002 1.2222 1.2379 -0.2425 0.0165  0.1968  453 ASP A OD1 
128 O OD2 . ASP A 17  ? 1.0345 1.3577 1.4089 -0.2505 0.0425  0.2072  453 ASP A OD2 
129 N N   . GLU A 18  ? 0.5879 0.9255 0.8016 -0.1289 0.0105  0.1850  454 GLU A N   
130 C CA  . GLU A 18  ? 0.5594 0.8804 0.7296 -0.1066 -0.0050 0.1736  454 GLU A CA  
131 C C   . GLU A 18  ? 0.5378 0.8978 0.7141 -0.0888 -0.0091 0.1678  454 GLU A C   
132 O O   . GLU A 18  ? 0.5068 0.8683 0.6752 -0.0817 -0.0296 0.1530  454 GLU A O   
133 C CB  . GLU A 18  ? 0.5991 0.8822 0.7219 -0.0915 0.0056  0.1845  454 GLU A CB  
134 C CG  . GLU A 18  ? 0.7779 1.0137 0.8864 -0.1003 0.0008  0.1841  454 GLU A CG  
135 C CD  . GLU A 18  ? 1.0708 1.2734 1.1472 -0.0898 0.0154  0.2034  454 GLU A CD  
136 O OE1 . GLU A 18  ? 0.8216 1.0291 0.8679 -0.0691 0.0156  0.2094  454 GLU A OE1 
137 O OE2 . GLU A 18  ? 1.1135 1.2829 1.1933 -0.1025 0.0253  0.2129  454 GLU A OE2 
138 N N   . ARG A 19  ? 0.4789 0.8679 0.6705 -0.0817 0.0132  0.1797  455 ARG A N   
139 C CA  . ARG A 19  ? 0.4485 0.8719 0.6490 -0.0632 0.0153  0.1755  455 ARG A CA  
140 C C   . ARG A 19  ? 0.4602 0.9187 0.7069 -0.0708 -0.0071 0.1654  455 ARG A C   
141 O O   . ARG A 19  ? 0.4438 0.9102 0.6803 -0.0546 -0.0200 0.1554  455 ARG A O   
142 C CB  . ARG A 19  ? 0.4324 0.8787 0.6488 -0.0577 0.0494  0.1916  455 ARG A CB  
143 C CG  . ARG A 19  ? 0.4266 0.8967 0.6411 -0.0341 0.0587  0.1877  455 ARG A CG  
144 C CD  . ARG A 19  ? 0.4850 0.9984 0.7542 -0.0340 0.0879  0.2013  455 ARG A CD  
145 N NE  . ARG A 19  ? 0.5079 1.0360 0.7702 -0.0082 0.1013  0.1976  455 ARG A NE  
146 C CZ  . ARG A 19  ? 0.8283 1.3923 1.1329 0.0007  0.0887  0.1918  455 ARG A CZ  
147 N NH1 . ARG A 19  ? 0.6737 1.2668 1.0304 -0.0155 0.0596  0.1892  455 ARG A NH1 
148 N NH2 . ARG A 19  ? 0.6635 1.2323 0.9568 0.0260  0.1054  0.1891  455 ARG A NH2 
149 N N   . GLU A 20  ? 0.3968 0.8744 0.6929 -0.0960 -0.0131 0.1685  456 GLU A N   
150 C CA  . GLU A 20  ? 0.3797 0.8916 0.7192 -0.1064 -0.0403 0.1601  456 GLU A CA  
151 C C   . GLU A 20  ? 0.4599 0.9397 0.7591 -0.1054 -0.0699 0.1425  456 GLU A C   
152 O O   . GLU A 20  ? 0.4773 0.9775 0.7833 -0.0964 -0.0903 0.1353  456 GLU A O   
153 C CB  . GLU A 20  ? 0.4102 0.9466 0.8106 -0.1382 -0.0431 0.1663  456 GLU A CB  
154 C CG  . GLU A 20  ? 0.5430 1.1261 1.0014 -0.1373 -0.0124 0.1854  456 GLU A CG  
155 C CD  . GLU A 20  ? 0.7852 1.4125 1.2667 -0.1101 -0.0055 0.1894  456 GLU A CD  
156 O OE1 . GLU A 20  ? 0.5645 1.2344 1.0933 -0.1121 -0.0305 0.1865  456 GLU A OE1 
157 O OE2 . GLU A 20  ? 0.6220 1.2367 1.0687 -0.0859 0.0230  0.1949  456 GLU A OE2 
158 N N   . ARG A 21  ? 0.4174 0.8449 0.6729 -0.1119 -0.0697 0.1374  457 ARG A N   
159 C CA  . ARG A 21  ? 0.4342 0.8237 0.6475 -0.1094 -0.0903 0.1217  457 ARG A CA  
160 C C   . ARG A 21  ? 0.4513 0.8387 0.6327 -0.0802 -0.0902 0.1175  457 ARG A C   
161 O O   . ARG A 21  ? 0.4053 0.7864 0.5709 -0.0742 -0.1086 0.1064  457 ARG A O   
162 C CB  . ARG A 21  ? 0.4654 0.8006 0.6460 -0.1186 -0.0824 0.1208  457 ARG A CB  
163 C CG  . ARG A 21  ? 0.6240 0.9434 0.8234 -0.1501 -0.0889 0.1173  457 ARG A CG  
164 C CD  . ARG A 21  ? 0.8343 1.0918 0.9957 -0.1535 -0.0793 0.1155  457 ARG A CD  
165 N NE  . ARG A 21  ? 1.1055 1.3521 1.2840 -0.1666 -0.0576 0.1308  457 ARG A NE  
166 C CZ  . ARG A 21  ? 1.3450 1.5547 1.4972 -0.1564 -0.0389 0.1423  457 ARG A CZ  
167 N NH1 . ARG A 21  ? 1.1919 1.3771 1.3067 -0.1336 -0.0405 0.1397  457 ARG A NH1 
168 N NH2 . ARG A 21  ? 1.2012 1.3995 1.3675 -0.1685 -0.0184 0.1583  457 ARG A NH2 
169 N N   . TYR A 22  ? 0.4152 0.8053 0.5849 -0.0631 -0.0694 0.1262  458 TYR A N   
170 C CA  . TYR A 22  ? 0.4029 0.7871 0.5429 -0.0388 -0.0697 0.1204  458 TYR A CA  
171 C C   . TYR A 22  ? 0.4234 0.8453 0.5889 -0.0280 -0.0753 0.1188  458 TYR A C   
172 O O   . TYR A 22  ? 0.3997 0.8125 0.5458 -0.0147 -0.0858 0.1101  458 TYR A O   
173 C CB  . TYR A 22  ? 0.4090 0.7828 0.5237 -0.0256 -0.0501 0.1279  458 TYR A CB  
174 C CG  . TYR A 22  ? 0.4361 0.7704 0.5179 -0.0269 -0.0490 0.1303  458 TYR A CG  
175 C CD1 . TYR A 22  ? 0.4655 0.7779 0.5523 -0.0439 -0.0514 0.1331  458 TYR A CD1 
176 C CD2 . TYR A 22  ? 0.4389 0.7577 0.4865 -0.0115 -0.0453 0.1311  458 TYR A CD2 
177 C CE1 . TYR A 22  ? 0.4727 0.7499 0.5347 -0.0420 -0.0480 0.1390  458 TYR A CE1 
178 C CE2 . TYR A 22  ? 0.4515 0.7404 0.4762 -0.0113 -0.0465 0.1374  458 TYR A CE2 
179 C CZ  . TYR A 22  ? 0.5078 0.7768 0.5417 -0.0248 -0.0467 0.1424  458 TYR A CZ  
180 O OH  . TYR A 22  ? 0.4975 0.7374 0.5137 -0.0214 -0.0472 0.1506  458 TYR A OH  
181 N N   . LYS A 23  ? 0.3934 0.8572 0.6057 -0.0328 -0.0667 0.1289  459 LYS A N   
182 C CA  . LYS A 23  ? 0.3856 0.8922 0.6353 -0.0212 -0.0708 0.1316  459 LYS A CA  
183 C C   . LYS A 23  ? 0.4447 0.9557 0.7003 -0.0272 -0.1034 0.1234  459 LYS A C   
184 O O   . LYS A 23  ? 0.4655 0.9817 0.7136 -0.0088 -0.1117 0.1205  459 LYS A O   
185 C CB  . LYS A 23  ? 0.4198 0.9729 0.7296 -0.0282 -0.0531 0.1465  459 LYS A CB  
186 C CG  . LYS A 23  ? 0.5447 1.1511 0.9122 -0.0200 -0.0614 0.1526  459 LYS A CG  
187 C CD  . LYS A 23  ? 0.7071 1.3626 1.1484 -0.0359 -0.0495 0.1676  459 LYS A CD  
188 C CE  . LYS A 23  ? 0.7561 1.4598 1.2605 -0.0490 -0.0819 0.1702  459 LYS A CE  
189 N NZ  . LYS A 23  ? 0.8267 1.5870 1.4169 -0.0626 -0.0677 0.1868  459 LYS A NZ  
190 N N   . ALA A 24  ? 0.3881 0.8908 0.6501 -0.0526 -0.1211 0.1194  460 ALA A N   
191 C CA  . ALA A 24  ? 0.3920 0.8908 0.6469 -0.0608 -0.1538 0.1102  460 ALA A CA  
192 C C   . ALA A 24  ? 0.4293 0.8803 0.6213 -0.0454 -0.1586 0.0988  460 ALA A C   
193 O O   . ALA A 24  ? 0.4100 0.8645 0.5915 -0.0345 -0.1758 0.0960  460 ALA A O   
194 C CB  . ALA A 24  ? 0.4236 0.9090 0.6854 -0.0933 -0.1682 0.1050  460 ALA A CB  
195 N N   . VAL A 25  ? 0.3933 0.8026 0.5474 -0.0424 -0.1419 0.0946  461 VAL A N   
196 C CA  . VAL A 25  ? 0.4090 0.7775 0.5145 -0.0285 -0.1428 0.0854  461 VAL A CA  
197 C C   . VAL A 25  ? 0.4567 0.8408 0.5620 -0.0027 -0.1365 0.0880  461 VAL A C   
198 O O   . VAL A 25  ? 0.4460 0.8161 0.5289 0.0082  -0.1461 0.0834  461 VAL A O   
199 C CB  . VAL A 25  ? 0.4480 0.7751 0.5252 -0.0306 -0.1277 0.0828  461 VAL A CB  
200 C CG1 . VAL A 25  ? 0.4268 0.7201 0.4673 -0.0149 -0.1251 0.0755  461 VAL A CG1 
201 C CG2 . VAL A 25  ? 0.4830 0.7844 0.5549 -0.0539 -0.1332 0.0788  461 VAL A CG2 
202 N N   . PHE A 26  ? 0.4154 0.8255 0.5436 0.0065  -0.1188 0.0959  462 PHE A N   
203 C CA  . PHE A 26  ? 0.4013 0.8220 0.5294 0.0300  -0.1088 0.0975  462 PHE A CA  
204 C C   . PHE A 26  ? 0.4314 0.8793 0.5821 0.0388  -0.1251 0.1015  462 PHE A C   
205 O O   . PHE A 26  ? 0.4347 0.8663 0.5635 0.0552  -0.1276 0.0985  462 PHE A O   
206 C CB  . PHE A 26  ? 0.4073 0.8472 0.5516 0.0366  -0.0841 0.1048  462 PHE A CB  
207 C CG  . PHE A 26  ? 0.4217 0.8622 0.5584 0.0604  -0.0705 0.1037  462 PHE A CG  
208 C CD1 . PHE A 26  ? 0.4812 0.9547 0.6524 0.0745  -0.0702 0.1107  462 PHE A CD1 
209 C CD2 . PHE A 26  ? 0.4233 0.8293 0.5195 0.0690  -0.0603 0.0954  462 PHE A CD2 
210 C CE1 . PHE A 26  ? 0.4951 0.9606 0.6560 0.0982  -0.0555 0.1090  462 PHE A CE1 
211 C CE2 . PHE A 26  ? 0.4639 0.8627 0.5491 0.0888  -0.0477 0.0916  462 PHE A CE2 
212 C CZ  . PHE A 26  ? 0.4409 0.8659 0.5562 0.1040  -0.0435 0.0981  462 PHE A CZ  
213 N N   . GLN A 27  ? 0.3799 0.8687 0.5758 0.0270  -0.1377 0.1094  463 GLN A N   
214 C CA  . GLN A 27  ? 0.3694 0.8910 0.5936 0.0344  -0.1590 0.1160  463 GLN A CA  
215 C C   . GLN A 27  ? 0.4704 0.9582 0.6495 0.0322  -0.1850 0.1078  463 GLN A C   
216 O O   . GLN A 27  ? 0.4802 0.9701 0.6518 0.0509  -0.1940 0.1121  463 GLN A O   
217 C CB  . GLN A 27  ? 0.3791 0.9538 0.6671 0.0168  -0.1714 0.1258  463 GLN A CB  
218 C CG  . GLN A 27  ? 0.6003 1.2116 0.9380 0.0208  -0.1416 0.1371  463 GLN A CG  
219 C CD  . GLN A 27  ? 0.8105 1.4757 1.2201 0.0005  -0.1512 0.1478  463 GLN A CD  
220 O OE1 . GLN A 27  ? 0.7191 1.3795 1.1320 -0.0285 -0.1712 0.1426  463 GLN A OE1 
221 N NE2 . GLN A 27  ? 0.7299 1.4461 1.2018 0.0144  -0.1343 0.1629  463 GLN A NE2 
222 N N   . ASP A 28  ? 0.4714 0.9245 0.6180 0.0105  -0.1947 0.0973  464 ASP A N   
223 C CA  . ASP A 28  ? 0.5023 0.9150 0.5967 0.0085  -0.2141 0.0885  464 ASP A CA  
224 C C   . ASP A 28  ? 0.5492 0.9246 0.6019 0.0314  -0.1980 0.0859  464 ASP A C   
225 O O   . ASP A 28  ? 0.5673 0.9310 0.5952 0.0442  -0.2101 0.0880  464 ASP A O   
226 C CB  . ASP A 28  ? 0.5344 0.9066 0.5967 -0.0164 -0.2182 0.0763  464 ASP A CB  
227 C CG  . ASP A 28  ? 0.5065 0.8289 0.5059 -0.0174 -0.2329 0.0664  464 ASP A CG  
228 O OD1 . ASP A 28  ? 0.5171 0.8486 0.5089 -0.0242 -0.2631 0.0664  464 ASP A OD1 
229 O OD2 . ASP A 28  ? 0.5040 0.7795 0.4628 -0.0107 -0.2144 0.0597  464 ASP A OD2 
230 N N   . GLN A 29  ? 0.4985 0.8560 0.5449 0.0361  -0.1718 0.0824  465 GLN A N   
231 C CA  . GLN A 29  ? 0.4956 0.8174 0.5095 0.0529  -0.1556 0.0783  465 GLN A CA  
232 C C   . GLN A 29  ? 0.5656 0.9043 0.5932 0.0762  -0.1474 0.0852  465 GLN A C   
233 O O   . GLN A 29  ? 0.5764 0.8877 0.5765 0.0900  -0.1446 0.0845  465 GLN A O   
234 C CB  . GLN A 29  ? 0.4982 0.7977 0.5042 0.0471  -0.1365 0.0725  465 GLN A CB  
235 C CG  . GLN A 29  ? 0.5701 0.8410 0.5578 0.0286  -0.1393 0.0664  465 GLN A CG  
236 C CD  . GLN A 29  ? 0.7836 1.0111 0.7287 0.0292  -0.1436 0.0598  465 GLN A CD  
237 O OE1 . GLN A 29  ? 0.7484 0.9422 0.6739 0.0343  -0.1285 0.0559  465 GLN A OE1 
238 N NE2 . GLN A 29  ? 0.6493 0.8759 0.5785 0.0229  -0.1641 0.0586  465 GLN A NE2 
239 N N   . PHE A 30  ? 0.5236 0.9040 0.5933 0.0816  -0.1407 0.0928  466 PHE A N   
240 C CA  . PHE A 30  ? 0.5284 0.9229 0.6136 0.1055  -0.1288 0.0994  466 PHE A CA  
241 C C   . PHE A 30  ? 0.6094 1.0111 0.6949 0.1193  -0.1466 0.1083  466 PHE A C   
242 O O   . PHE A 30  ? 0.6160 0.9983 0.6866 0.1397  -0.1366 0.1105  466 PHE A O   
243 C CB  . PHE A 30  ? 0.5557 0.9916 0.6856 0.1087  -0.1139 0.1063  466 PHE A CB  
244 C CG  . PHE A 30  ? 0.6005 1.0415 0.7414 0.1346  -0.0940 0.1110  466 PHE A CG  
245 C CD1 . PHE A 30  ? 0.6549 1.0608 0.7655 0.1427  -0.0714 0.1013  466 PHE A CD1 
246 C CD2 . PHE A 30  ? 0.6428 1.1229 0.8261 0.1508  -0.0980 0.1253  466 PHE A CD2 
247 C CE1 . PHE A 30  ? 0.6809 1.0825 0.7957 0.1658  -0.0511 0.1032  466 PHE A CE1 
248 C CE2 . PHE A 30  ? 0.6968 1.1760 0.8899 0.1773  -0.0756 0.1300  466 PHE A CE2 
249 C CZ  . PHE A 30  ? 0.6842 1.1203 0.8394 0.1842  -0.0509 0.1176  466 PHE A CZ  
250 N N   . SER A 31  ? 0.5883 1.0118 0.6848 0.1071  -0.1748 0.1129  467 SER A N   
251 C CA  . SER A 31  ? 0.6254 1.0547 0.7154 0.1199  -0.1983 0.1230  467 SER A CA  
252 C C   . SER A 31  ? 0.7083 1.0780 0.7318 0.1247  -0.1984 0.1167  467 SER A C   
253 O O   . SER A 31  ? 0.7315 1.0867 0.7383 0.1467  -0.1974 0.1252  467 SER A O   
254 C CB  . SER A 31  ? 0.6736 1.1427 0.7919 0.1026  -0.2330 0.1285  467 SER A CB  
255 O OG  . SER A 31  ? 0.8373 1.2700 0.9067 0.0809  -0.2515 0.1168  467 SER A OG  
256 N N   . GLU A 32  ? 0.6792 1.0116 0.6666 0.1062  -0.1944 0.1032  468 GLU A N   
257 C CA  . GLU A 32  ? 0.7090 0.9832 0.6374 0.1099  -0.1867 0.0971  468 GLU A CA  
258 C C   . GLU A 32  ? 0.7257 0.9783 0.6515 0.1288  -0.1577 0.0975  468 GLU A C   
259 O O   . GLU A 32  ? 0.7682 0.9897 0.6626 0.1441  -0.1535 0.1025  468 GLU A O   
260 C CB  . GLU A 32  ? 0.7349 0.9789 0.6386 0.0875  -0.1824 0.0836  468 GLU A CB  
261 C CG  . GLU A 32  ? 0.9607 1.1448 0.8042 0.0895  -0.1745 0.0781  468 GLU A CG  
262 C CD  . GLU A 32  ? 1.2954 1.4464 1.1195 0.0721  -0.1628 0.0659  468 GLU A CD  
263 O OE1 . GLU A 32  ? 1.2081 1.3660 1.0341 0.0529  -0.1774 0.0604  468 GLU A OE1 
264 O OE2 . GLU A 32  ? 1.1711 1.2860 0.9779 0.0780  -0.1386 0.0627  468 GLU A OE2 
265 N N   . TYR A 33  ? 0.6068 0.8750 0.5638 0.1277  -0.1388 0.0928  469 TYR A N   
266 C CA  . TYR A 33  ? 0.5588 0.8070 0.5149 0.1411  -0.1138 0.0900  469 TYR A CA  
267 C C   . TYR A 33  ? 0.6181 0.8750 0.5853 0.1659  -0.1102 0.1012  469 TYR A C   
268 O O   . TYR A 33  ? 0.6151 0.8370 0.5629 0.1786  -0.0944 0.1008  469 TYR A O   
269 C CB  . TYR A 33  ? 0.5235 0.7885 0.5041 0.1327  -0.1008 0.0827  469 TYR A CB  
270 C CG  . TYR A 33  ? 0.5363 0.7859 0.5173 0.1450  -0.0793 0.0782  469 TYR A CG  
271 C CD1 . TYR A 33  ? 0.5750 0.7848 0.5346 0.1424  -0.0674 0.0693  469 TYR A CD1 
272 C CD2 . TYR A 33  ? 0.5374 0.8110 0.5419 0.1573  -0.0692 0.0816  469 TYR A CD2 
273 C CE1 . TYR A 33  ? 0.5934 0.7861 0.5521 0.1492  -0.0505 0.0623  469 TYR A CE1 
274 C CE2 . TYR A 33  ? 0.5651 0.8160 0.5616 0.1668  -0.0487 0.0742  469 TYR A CE2 
275 C CZ  . TYR A 33  ? 0.6620 0.8715 0.6341 0.1618  -0.0415 0.0639  469 TYR A CZ  
276 O OH  . TYR A 33  ? 0.7111 0.8954 0.6740 0.1668  -0.0244 0.0541  469 TYR A OH  
277 N N   . LYS A 34  ? 0.5904 0.8938 0.5941 0.1729  -0.1224 0.1121  470 LYS A N   
278 C CA  . LYS A 34  ? 0.6388 0.9564 0.6624 0.1995  -0.1189 0.1261  470 LYS A CA  
279 C C   . LYS A 34  ? 0.7078 0.9929 0.6940 0.2138  -0.1288 0.1357  470 LYS A C   
280 O O   . LYS A 34  ? 0.7111 0.9706 0.6883 0.2350  -0.1118 0.1414  470 LYS A O   
281 C CB  . LYS A 34  ? 0.6819 1.0626 0.7603 0.2017  -0.1339 0.1384  470 LYS A CB  
282 C CG  . LYS A 34  ? 1.0609 1.4642 1.1729 0.2321  -0.1281 0.1557  470 LYS A CG  
283 C CD  . LYS A 34  ? 1.2060 1.6794 1.3853 0.2331  -0.1424 0.1697  470 LYS A CD  
284 C CE  . LYS A 34  ? 1.3317 1.8335 1.5172 0.2192  -0.1853 0.1776  470 LYS A CE  
285 N NZ  . LYS A 34  ? 1.3985 1.9736 1.6615 0.2194  -0.1996 0.1925  470 LYS A NZ  
286 N N   . GLU A 35  ? 0.7082 0.9869 0.6657 0.2010  -0.1541 0.1365  471 GLU A N   
287 C CA  . GLU A 35  ? 0.7495 0.9922 0.6576 0.2118  -0.1662 0.1459  471 GLU A CA  
288 C C   . GLU A 35  ? 0.7994 0.9782 0.6619 0.2143  -0.1385 0.1385  471 GLU A C   
289 O O   . GLU A 35  ? 0.8545 1.0015 0.6888 0.2338  -0.1325 0.1500  471 GLU A O   
290 C CB  . GLU A 35  ? 0.7918 1.0384 0.6728 0.1932  -0.1993 0.1443  471 GLU A CB  
291 C CG  . GLU A 35  ? 0.9902 1.2962 0.9116 0.1938  -0.2347 0.1570  471 GLU A CG  
292 C CD  . GLU A 35  ? 1.4028 1.7020 1.2839 0.1774  -0.2727 0.1561  471 GLU A CD  
293 O OE1 . GLU A 35  ? 1.3627 1.6194 1.1819 0.1880  -0.2820 0.1626  471 GLU A OE1 
294 O OE2 . GLU A 35  ? 1.3697 1.7029 1.2781 0.1535  -0.2930 0.1489  471 GLU A OE2 
295 N N   . LEU A 36  ? 0.6874 0.8487 0.5471 0.1952  -0.1211 0.1213  472 LEU A N   
296 C CA  . LEU A 36  ? 0.6687 0.7766 0.4994 0.1946  -0.0943 0.1144  472 LEU A CA  
297 C C   . LEU A 36  ? 0.7367 0.8346 0.5878 0.2077  -0.0699 0.1137  472 LEU A C   
298 O O   . LEU A 36  ? 0.7527 0.8061 0.5809 0.2157  -0.0506 0.1158  472 LEU A O   
299 C CB  . LEU A 36  ? 0.6243 0.7251 0.4574 0.1714  -0.0863 0.0986  472 LEU A CB  
300 C CG  . LEU A 36  ? 0.6783 0.7524 0.4733 0.1587  -0.0918 0.0948  472 LEU A CG  
301 C CD1 . LEU A 36  ? 0.6281 0.7030 0.4405 0.1397  -0.0819 0.0817  472 LEU A CD1 
302 C CD2 . LEU A 36  ? 0.7071 0.7259 0.4543 0.1688  -0.0756 0.1005  472 LEU A CD2 
303 N N   . SER A 37  ? 0.6857 0.8193 0.5774 0.2063  -0.0675 0.1082  473 SER A N   
304 C CA  . SER A 37  ? 0.6807 0.8045 0.5891 0.2162  -0.0449 0.1035  473 SER A CA  
305 C C   . SER A 37  ? 0.7699 0.8741 0.6708 0.2437  -0.0366 0.1186  473 SER A C   
306 O O   . SER A 37  ? 0.7838 0.8456 0.6731 0.2500  -0.0139 0.1151  473 SER A O   
307 C CB  . SER A 37  ? 0.6670 0.8340 0.6115 0.2132  -0.0459 0.0985  473 SER A CB  
308 O OG  . SER A 37  ? 0.8238 0.9703 0.7712 0.2160  -0.0231 0.0876  473 SER A OG  
309 N N   . ALA A 38  ? 0.7324 0.8662 0.6414 0.2591  -0.0565 0.1361  474 ALA A N   
310 C CA  . ALA A 38  ? 0.7858 0.9069 0.6912 0.2891  -0.0530 0.1555  474 ALA A CA  
311 C C   . ALA A 38  ? 0.9013 0.9617 0.7563 0.2942  -0.0430 0.1610  474 ALA A C   
312 O O   . ALA A 38  ? 0.9349 0.9543 0.7818 0.3092  -0.0178 0.1645  474 ALA A O   
313 C CB  . ALA A 38  ? 0.7996 0.9705 0.7249 0.3002  -0.0850 0.1745  474 ALA A CB  
314 N N   . GLU A 39  ? 0.8396 0.8905 0.6592 0.2805  -0.0597 0.1613  475 GLU A N   
315 C CA  . GLU A 39  ? 0.8679 0.8612 0.6336 0.2821  -0.0492 0.1664  475 GLU A CA  
316 C C   . GLU A 39  ? 0.9110 0.8608 0.6773 0.2729  -0.0134 0.1529  475 GLU A C   
317 O O   . GLU A 39  ? 0.9517 0.8537 0.6949 0.2860  0.0077  0.1621  475 GLU A O   
318 C CB  . GLU A 39  ? 0.8877 0.8813 0.6185 0.2641  -0.0704 0.1624  475 GLU A CB  
319 C CG  . GLU A 39  ? 1.0456 0.9790 0.7106 0.2690  -0.0609 0.1710  475 GLU A CG  
320 C CD  . GLU A 39  ? 1.2768 1.1950 0.9019 0.2485  -0.0695 0.1612  475 GLU A CD  
321 O OE1 . GLU A 39  ? 1.2834 1.2418 0.9212 0.2344  -0.0976 0.1539  475 GLU A OE1 
322 O OE2 . GLU A 39  ? 1.2244 1.0872 0.8051 0.2471  -0.0457 0.1613  475 GLU A OE2 
323 N N   . VAL A 40  ? 0.8226 0.7890 0.6177 0.2505  -0.0076 0.1326  476 VAL A N   
324 C CA  . VAL A 40  ? 0.8174 0.7496 0.6208 0.2386  0.0203  0.1192  476 VAL A CA  
325 C C   . VAL A 40  ? 0.8907 0.8045 0.7101 0.2530  0.0399  0.1191  476 VAL A C   
326 O O   . VAL A 40  ? 0.9260 0.7911 0.7346 0.2553  0.0644  0.1200  476 VAL A O   
327 C CB  . VAL A 40  ? 0.8218 0.7795 0.6512 0.2123  0.0160  0.0998  476 VAL A CB  
328 C CG1 . VAL A 40  ? 0.8095 0.7449 0.6598 0.2007  0.0374  0.0856  476 VAL A CG1 
329 C CG2 . VAL A 40  ? 0.8230 0.7762 0.6317 0.1987  0.0089  0.0993  476 VAL A CG2 
330 N N   . GLN A 41  ? 0.8455 0.7945 0.6900 0.2627  0.0319  0.1185  477 GLN A N   
331 C CA  . GLN A 41  ? 0.8638 0.7944 0.7216 0.2774  0.0520  0.1163  477 GLN A CA  
332 C C   . GLN A 41  ? 0.9745 0.8660 0.8124 0.3049  0.0653  0.1368  477 GLN A C   
333 O O   . GLN A 41  ? 1.0164 0.8612 0.8512 0.3100  0.0919  0.1328  477 GLN A O   
334 C CB  . GLN A 41  ? 0.8663 0.8452 0.7539 0.2844  0.0431  0.1139  477 GLN A CB  
335 C CG  . GLN A 41  ? 1.2737 1.2343 1.1721 0.2834  0.0656  0.0967  477 GLN A CG  
336 C CD  . GLN A 41  ? 1.5657 1.5702 1.4898 0.2941  0.0627  0.0975  477 GLN A CD  
337 O OE1 . GLN A 41  ? 1.4822 1.5340 1.4216 0.2811  0.0448  0.0947  477 GLN A OE1 
338 N NE2 . GLN A 41  ? 1.4396 1.4274 1.3710 0.3190  0.0837  0.1025  477 GLN A NE2 
339 N N   . ALA A 42  ? 0.9341 0.8408 0.7559 0.3217  0.0457  0.1590  478 ALA A N   
340 C CA  . ALA A 42  ? 0.9825 0.8523 0.7802 0.3507  0.0544  0.1831  478 ALA A CA  
341 C C   . ALA A 42  ? 1.0674 0.8696 0.8309 0.3439  0.0809  0.1826  478 ALA A C   
342 O O   . ALA A 42  ? 1.1143 0.8693 0.8705 0.3606  0.1063  0.1911  478 ALA A O   
343 C CB  . ALA A 42  ? 1.0044 0.9044 0.7854 0.3652  0.0216  0.2057  478 ALA A CB  
344 N N   . VAL A 43  ? 1.0006 0.7966 0.7489 0.3187  0.0793  0.1718  479 VAL A N   
345 C CA  . VAL A 43  ? 1.0433 0.7797 0.7672 0.3100  0.1077  0.1719  479 VAL A CA  
346 C C   . VAL A 43  ? 1.1018 0.8086 0.8560 0.2977  0.1368  0.1544  479 VAL A C   
347 O O   . VAL A 43  ? 1.1480 0.7991 0.8895 0.3071  0.1647  0.1631  479 VAL A O   
348 C CB  . VAL A 43  ? 1.0854 0.8255 0.7912 0.2881  0.1014  0.1655  479 VAL A CB  
349 C CG1 . VAL A 43  ? 1.1187 0.8009 0.8099 0.2787  0.1360  0.1662  479 VAL A CG1 
350 C CG2 . VAL A 43  ? 1.1069 0.8609 0.7697 0.2995  0.0739  0.1817  479 VAL A CG2 
351 N N   . LEU A 44  ? 1.0312 0.7722 0.8216 0.2763  0.1291  0.1303  480 LEU A N   
352 C CA  . LEU A 44  ? 1.0549 0.7718 0.8706 0.2598  0.1489  0.1097  480 LEU A CA  
353 C C   . LEU A 44  ? 1.1950 0.8768 1.0101 0.2800  0.1681  0.1121  480 LEU A C   
354 O O   . LEU A 44  ? 1.2392 0.8689 1.0563 0.2724  0.1942  0.1054  480 LEU A O   
355 C CB  . LEU A 44  ? 0.9997 0.7624 0.8442 0.2359  0.1307  0.0861  480 LEU A CB  
356 C CG  . LEU A 44  ? 1.0156 0.8082 0.8666 0.2150  0.1154  0.0821  480 LEU A CG  
357 C CD1 . LEU A 44  ? 0.9542 0.7908 0.8307 0.1959  0.0966  0.0627  480 LEU A CD1 
358 C CD2 . LEU A 44  ? 1.0715 0.8265 0.9256 0.2000  0.1364  0.0824  480 LEU A CD2 
359 N N   . ARG A 45  ? 1.3839 0.9183 1.0094 0.0989  0.1161  0.0324  481 ARG A N   
360 C CA  . ARG A 45  ? 1.4148 0.9082 1.0292 0.0789  0.1215  0.0088  481 ARG A CA  
361 C C   . ARG A 45  ? 1.4669 0.9692 1.1026 0.0677  0.0988  0.0018  481 ARG A C   
362 O O   . ARG A 45  ? 1.4813 0.9803 1.0978 0.0452  0.0909  -0.0069 481 ARG A O   
363 C CB  . ARG A 45  ? 1.4158 0.8555 1.0619 0.0888  0.1508  -0.0128 481 ARG A CB  
364 C CG  . ARG A 45  ? 1.6286 1.0394 1.2396 0.0889  0.1802  -0.0144 481 ARG A CG  
365 C CD  . ARG A 45  ? 1.8263 1.1804 1.4798 0.1017  0.2132  -0.0392 481 ARG A CD  
366 N NE  . ARG A 45  ? 1.8800 1.2460 1.5905 0.1350  0.2156  -0.0348 481 ARG A NE  
367 C CZ  . ARG A 45  ? 2.0223 1.3468 1.7775 0.1549  0.2444  -0.0533 481 ARG A CZ  
368 N NH1 . ARG A 45  ? 1.9838 1.2472 1.7339 0.1438  0.2755  -0.0785 481 ARG A NH1 
369 N NH2 . ARG A 45  ? 1.6978 1.0410 1.5064 0.1848  0.2450  -0.0497 481 ARG A NH2 
370 N N   . LYS A 46  ? 1.4108 0.9249 1.0849 0.0821  0.0893  0.0060  482 LYS A N   
371 C CA  . LYS A 46  ? 1.4035 0.9215 1.0921 0.0713  0.0666  0.0028  482 LYS A CA  
372 C C   . LYS A 46  ? 1.4923 1.0465 1.1469 0.0542  0.0484  0.0127  482 LYS A C   
373 O O   . LYS A 46  ? 1.4963 1.0444 1.1470 0.0366  0.0354  0.0051  482 LYS A O   
374 C CB  . LYS A 46  ? 1.4027 0.9281 1.1261 0.0872  0.0617  0.0072  482 LYS A CB  
375 C CG  . LYS A 46  ? 1.6351 1.1547 1.3635 0.0728  0.0376  0.0050  482 LYS A CG  
376 C CD  . LYS A 46  ? 1.7825 1.3065 1.5359 0.0836  0.0333  0.0081  482 LYS A CD  
377 C CE  . LYS A 46  ? 1.9316 1.4439 1.6764 0.0649  0.0079  0.0083  482 LYS A CE  
378 N NZ  . LYS A 46  ? 2.0176 1.4839 1.7780 0.0555  -0.0064 -0.0027 482 LYS A NZ  
379 N N   . PHE A 47  ? 1.4710 1.0613 1.1077 0.0596  0.0476  0.0291  483 PHE A N   
380 C CA  . PHE A 47  ? 1.4884 1.1112 1.1003 0.0457  0.0305  0.0367  483 PHE A CA  
381 C C   . PHE A 47  ? 1.5799 1.1930 1.1586 0.0275  0.0290  0.0269  483 PHE A C   
382 O O   . PHE A 47  ? 1.5753 1.1987 1.1481 0.0126  0.0161  0.0210  483 PHE A O   
383 C CB  . PHE A 47  ? 1.5153 1.1740 1.1279 0.0554  0.0283  0.0560  483 PHE A CB  
384 C CG  . PHE A 47  ? 1.5043 1.1815 1.1593 0.0679  0.0320  0.0628  483 PHE A CG  
385 C CD1 . PHE A 47  ? 1.5238 1.1948 1.1953 0.0621  0.0276  0.0540  483 PHE A CD1 
386 C CD2 . PHE A 47  ? 1.5264 1.2269 1.2056 0.0831  0.0408  0.0778  483 PHE A CD2 
387 C CE1 . PHE A 47  ? 1.5078 1.1952 1.2150 0.0690  0.0341  0.0573  483 PHE A CE1 
388 C CE2 . PHE A 47  ? 1.5281 1.2498 1.2551 0.0921  0.0486  0.0808  483 PHE A CE2 
389 C CZ  . PHE A 47  ? 1.4883 1.2035 1.2267 0.0837  0.0462  0.0691  483 PHE A CZ  
390 N N   . ASP A 48  ? 1.5681 1.1583 1.1274 0.0268  0.0457  0.0223  484 ASP A N   
391 C CA  . ASP A 48  ? 1.6021 1.1797 1.1293 0.0050  0.0506  0.0091  484 ASP A CA  
392 C C   . ASP A 48  ? 1.6477 1.2049 1.2028 -0.0103 0.0518  -0.0120 484 ASP A C   
393 O O   . ASP A 48  ? 1.6400 1.2123 1.1838 -0.0287 0.0442  -0.0194 484 ASP A O   
394 C CB  . ASP A 48  ? 1.6611 1.2104 1.1581 0.0038  0.0732  0.0069  484 ASP A CB  
395 C CG  . ASP A 48  ? 1.7959 1.3677 1.2601 0.0139  0.0662  0.0317  484 ASP A CG  
396 O OD1 . ASP A 48  ? 1.7949 1.4059 1.2514 0.0128  0.0417  0.0463  484 ASP A OD1 
397 O OD2 . ASP A 48  ? 1.8640 1.4121 1.3152 0.0228  0.0852  0.0364  484 ASP A OD2 
398 N N   . GLU A 49  ? 1.6052 1.1307 1.2034 -0.0019 0.0585  -0.0204 485 GLU A N   
399 C CA  . GLU A 49  ? 1.5989 1.1020 1.2371 -0.0152 0.0537  -0.0365 485 GLU A CA  
400 C C   . GLU A 49  ? 1.6457 1.1786 1.2833 -0.0220 0.0291  -0.0286 485 GLU A C   
401 O O   . GLU A 49  ? 1.6426 1.1775 1.2909 -0.0410 0.0246  -0.0391 485 GLU A O   
402 C CB  . GLU A 49  ? 1.5961 1.0631 1.2823 -0.0006 0.0549  -0.0409 485 GLU A CB  
403 C CG  . GLU A 49  ? 1.7448 1.1713 1.4486 0.0081  0.0822  -0.0543 485 GLU A CG  
404 C CD  . GLU A 49  ? 1.9862 1.3827 1.7404 0.0277  0.0803  -0.0579 485 GLU A CD  
405 O OE1 . GLU A 49  ? 1.8635 1.2828 1.6170 0.0437  0.0650  -0.0420 485 GLU A OE1 
406 O OE2 . GLU A 49  ? 1.9383 1.2871 1.7366 0.0256  0.0953  -0.0789 485 GLU A OE2 
407 N N   . LEU A 50  ? 1.5897 1.1441 1.2195 -0.0079 0.0165  -0.0120 486 LEU A N   
408 C CA  . LEU A 50  ? 1.5803 1.1547 1.2073 -0.0146 -0.0022 -0.0061 486 LEU A CA  
409 C C   . LEU A 50  ? 1.6482 1.2537 1.2514 -0.0277 -0.0071 -0.0080 486 LEU A C   
410 O O   . LEU A 50  ? 1.6336 1.2417 1.2445 -0.0403 -0.0164 -0.0132 486 LEU A O   
411 C CB  . LEU A 50  ? 1.5671 1.1545 1.1937 -0.0010 -0.0072 0.0077  486 LEU A CB  
412 C CG  . LEU A 50  ? 1.6193 1.1805 1.2667 -0.0007 -0.0171 0.0079  486 LEU A CG  
413 C CD1 . LEU A 50  ? 1.6161 1.1390 1.2953 0.0085  -0.0108 -0.0001 486 LEU A CD1 
414 C CD2 . LEU A 50  ? 1.6451 1.2239 1.2888 0.0057  -0.0182 0.0180  486 LEU A CD2 
415 N N   . ASP A 51  ? 1.6374 1.2638 1.2132 -0.0253 -0.0017 -0.0043 487 ASP A N   
416 C CA  . ASP A 51  ? 1.6553 1.3108 1.2095 -0.0368 -0.0082 -0.0079 487 ASP A CA  
417 C C   . ASP A 51  ? 1.7182 1.3670 1.2804 -0.0565 -0.0014 -0.0270 487 ASP A C   
418 O O   . ASP A 51  ? 1.7038 1.3754 1.2665 -0.0667 -0.0077 -0.0340 487 ASP A O   
419 C CB  . ASP A 51  ? 1.7079 1.3791 1.2294 -0.0319 -0.0077 0.0017  487 ASP A CB  
420 C CG  . ASP A 51  ? 1.8406 1.5343 1.3653 -0.0176 -0.0191 0.0199  487 ASP A CG  
421 O OD1 . ASP A 51  ? 1.8203 1.5215 1.3680 -0.0151 -0.0252 0.0212  487 ASP A OD1 
422 O OD2 . ASP A 51  ? 1.9427 1.6455 1.4487 -0.0119 -0.0215 0.0325  487 ASP A OD2 
423 N N   . ALA A 52  ? 1.6922 1.3093 1.2694 -0.0623 0.0142  -0.0375 488 ALA A N   
424 C CA  . ALA A 52  ? 1.6982 1.3049 1.2983 -0.0844 0.0266  -0.0586 488 ALA A CA  
425 C C   . ALA A 52  ? 1.7344 1.3386 1.3815 -0.0934 0.0168  -0.0645 488 ALA A C   
426 O O   . ALA A 52  ? 1.7251 1.3340 1.3989 -0.1135 0.0255  -0.0813 488 ALA A O   
427 C CB  . ALA A 52  ? 1.7215 1.2878 1.3335 -0.0888 0.0489  -0.0701 488 ALA A CB  
428 N N   . VAL A 53  ? 1.6798 1.2756 1.3374 -0.0817 -0.0003 -0.0509 489 VAL A N   
429 C CA  . VAL A 53  ? 1.6629 1.2496 1.3570 -0.0914 -0.0134 -0.0518 489 VAL A CA  
430 C C   . VAL A 53  ? 1.7037 1.3256 1.3929 -0.1015 -0.0172 -0.0560 489 VAL A C   
431 O O   . VAL A 53  ? 1.6861 1.3076 1.4148 -0.1169 -0.0177 -0.0650 489 VAL A O   
432 C CB  . VAL A 53  ? 1.7066 1.2693 1.4003 -0.0794 -0.0308 -0.0358 489 VAL A CB  
433 C CG1 . VAL A 53  ? 1.7009 1.2570 1.4096 -0.0908 -0.0488 -0.0310 489 VAL A CG1 
434 C CG2 . VAL A 53  ? 1.7045 1.2274 1.4272 -0.0725 -0.0281 -0.0377 489 VAL A CG2 
435 N N   . MET A 54  ? 1.6643 1.3158 1.3142 -0.0928 -0.0195 -0.0506 490 MET A N   
436 C CA  . MET A 54  ? 2.1361 1.8193 1.7832 -0.0985 -0.0218 -0.0571 490 MET A CA  
437 C C   . MET A 54  ? 2.4242 2.1328 2.0818 -0.1121 -0.0086 -0.0757 490 MET A C   
438 O O   . MET A 54  ? 1.9058 1.6295 1.5951 -0.1242 -0.0051 -0.0875 490 MET A O   
439 C CB  . MET A 54  ? 2.1728 1.8750 1.7863 -0.0855 -0.0284 -0.0486 490 MET A CB  
440 C CG  . MET A 54  ? 2.2227 1.9036 1.8278 -0.0768 -0.0365 -0.0338 490 MET A CG  
441 S SD  . MET A 54  ? 2.2819 1.9848 1.8677 -0.0671 -0.0397 -0.0285 490 MET A SD  
442 C CE  . MET A 54  ? 2.2484 1.9649 1.8197 -0.0553 -0.0388 -0.0203 490 MET A CE  
443 N N   . SER A 63  ? 1.3927 1.0049 1.1087 -0.1762 -0.0280 -0.0573 499 SER A N   
444 C CA  . SER A 63  ? 1.4427 1.0041 1.0910 -0.1851 -0.0283 -0.0489 499 SER A CA  
445 C C   . SER A 63  ? 1.5283 1.0882 1.1339 -0.1761 -0.0161 -0.0602 499 SER A C   
446 O O   . SER A 63  ? 1.4903 1.0815 1.1087 -0.1621 -0.0166 -0.0659 499 SER A O   
447 C CB  . SER A 63  ? 1.5099 1.0178 1.1267 -0.2022 -0.0570 -0.0198 499 SER A CB  
448 O OG  . SER A 63  ? 1.6282 1.0838 1.1746 -0.2174 -0.0545 -0.0131 499 SER A OG  
449 N N   . ARG A 64  ? 1.5546 1.0738 1.1106 -0.1874 -0.0042 -0.0632 500 ARG A N   
450 C CA  . ARG A 64  ? 1.5707 1.0788 1.0925 -0.1859 0.0090  -0.0738 500 ARG A CA  
451 C C   . ARG A 64  ? 1.6439 1.1249 1.1274 -0.1932 -0.0099 -0.0529 500 ARG A C   
452 O O   . ARG A 64  ? 1.6394 1.1193 1.1064 -0.1912 -0.0025 -0.0580 500 ARG A O   
453 C CB  . ARG A 64  ? 1.6108 1.0847 1.1053 -0.1986 0.0361  -0.0919 500 ARG A CB  
454 C CG  . ARG A 64  ? 1.7816 1.1930 1.2226 -0.2256 0.0359  -0.0789 500 ARG A CG  
455 C CD  . ARG A 64  ? 1.9207 1.3054 1.3510 -0.2348 0.0696  -0.1033 500 ARG A CD  
456 N NE  . ARG A 64  ? 2.0268 1.3915 1.4380 -0.2414 0.0949  -0.1253 500 ARG A NE  
457 C CZ  . ARG A 64  ? 2.2061 1.5682 1.6417 -0.2384 0.1273  -0.1575 500 ARG A CZ  
458 N NH1 . ARG A 64  ? 2.0287 1.4099 1.5043 -0.2260 0.1396  -0.1721 500 ARG A NH1 
459 N NH2 . ARG A 64  ? 2.0477 1.3890 1.4772 -0.2479 0.1492  -0.1777 500 ARG A NH2 
460 N N   . GLN A 65  ? 1.6200 1.0840 1.1026 -0.2000 -0.0353 -0.0306 501 GLN A N   
461 C CA  . GLN A 65  ? 1.6358 1.0770 1.0946 -0.2038 -0.0570 -0.0115 501 GLN A CA  
462 C C   . GLN A 65  ? 1.6326 1.1182 1.1298 -0.1811 -0.0583 -0.0158 501 GLN A C   
463 O O   . GLN A 65  ? 1.6335 1.1147 1.1127 -0.1769 -0.0599 -0.0117 501 GLN A O   
464 C CB  . GLN A 65  ? 1.6804 1.0908 1.1431 -0.2165 -0.0865 0.0113  501 GLN A CB  
465 C CG  . GLN A 65  ? 2.0739 1.4564 1.5178 -0.2195 -0.1121 0.0297  501 GLN A CG  
466 C CD  . GLN A 65  ? 2.4433 1.7893 1.8969 -0.2338 -0.1467 0.0526  501 GLN A CD  
467 O OE1 . GLN A 65  ? 2.3585 1.7157 1.8614 -0.2355 -0.1534 0.0553  501 GLN A OE1 
468 N NE2 . GLN A 65  ? 2.4358 1.7378 1.8486 -0.2454 -0.1705 0.0694  501 GLN A NE2 
469 N N   . GLU A 66  ? 1.5438 1.0716 1.0930 -0.1684 -0.0551 -0.0250 502 GLU A N   
470 C CA  . GLU A 66  ? 1.5051 1.0709 1.0826 -0.1506 -0.0540 -0.0301 502 GLU A CA  
471 C C   . GLU A 66  ? 1.5593 1.1404 1.1177 -0.1406 -0.0405 -0.0392 502 GLU A C   
472 O O   . GLU A 66  ? 1.5352 1.1214 1.0897 -0.1314 -0.0445 -0.0329 502 GLU A O   
473 C CB  . GLU A 66  ? 1.4865 1.0942 1.1149 -0.1449 -0.0471 -0.0434 502 GLU A CB  
474 C CG  . GLU A 66  ? 1.5871 1.2269 1.2340 -0.1319 -0.0447 -0.0490 502 GLU A CG  
475 C CD  . GLU A 66  ? 1.8112 1.4716 1.5081 -0.1358 -0.0439 -0.0553 502 GLU A CD  
476 O OE1 . GLU A 66  ? 1.7046 1.3702 1.4370 -0.1461 -0.0422 -0.0594 502 GLU A OE1 
477 O OE2 . GLU A 66  ? 1.6932 1.3636 1.3971 -0.1303 -0.0425 -0.0573 502 GLU A OE2 
478 N N   . HIS A 67  ? 1.5342 1.1198 1.0871 -0.1429 -0.0241 -0.0544 503 HIS A N   
479 C CA  . HIS A 67  ? 1.5317 1.1279 1.0803 -0.1370 -0.0115 -0.0652 503 HIS A CA  
480 C C   . HIS A 67  ? 1.6165 1.1820 1.1333 -0.1458 -0.0125 -0.0540 503 HIS A C   
481 O O   . HIS A 67  ? 1.6039 1.1872 1.1303 -0.1359 -0.0117 -0.0523 503 HIS A O   
482 C CB  . HIS A 67  ? 1.5438 1.1358 1.0979 -0.1426 0.0076  -0.0861 503 HIS A CB  
483 C CG  . HIS A 67  ? 1.5693 1.1863 1.1485 -0.1319 0.0175  -0.1029 503 HIS A CG  
484 N ND1 . HIS A 67  ? 1.6082 1.2031 1.1813 -0.1414 0.0309  -0.1104 503 HIS A ND1 
485 C CD2 . HIS A 67  ? 1.5621 1.2216 1.1761 -0.1156 0.0143  -0.1137 503 HIS A CD2 
486 C CE1 . HIS A 67  ? 1.5792 1.2036 1.1913 -0.1289 0.0329  -0.1243 503 HIS A CE1 
487 N NE2 . HIS A 67  ? 1.5594 1.2221 1.1919 -0.1128 0.0210  -0.1256 503 HIS A NE2 
488 N N   . GLU A 68  ? 1.6155 1.1357 1.0951 -0.1655 -0.0155 -0.0453 504 GLU A N   
489 C CA  . GLU A 68  ? 1.6484 1.1380 1.0937 -0.1780 -0.0159 -0.0364 504 GLU A CA  
490 C C   . GLU A 68  ? 1.6668 1.1706 1.1252 -0.1631 -0.0319 -0.0218 504 GLU A C   
491 O O   . GLU A 68  ? 1.6549 1.1685 1.1174 -0.1586 -0.0246 -0.0219 504 GLU A O   
492 C CB  . GLU A 68  ? 1.7244 1.1591 1.1193 -0.2040 -0.0229 -0.0266 504 GLU A CB  
493 C CG  . GLU A 68  ? 1.9363 1.3435 1.3072 -0.2230 -0.0035 -0.0405 504 GLU A CG  
494 C CD  . GLU A 68  ? 2.3293 1.6797 1.6449 -0.2494 -0.0158 -0.0257 504 GLU A CD  
495 O OE1 . GLU A 68  ? 2.3210 1.6424 1.6007 -0.2616 -0.0329 -0.0094 504 GLU A OE1 
496 O OE2 . GLU A 68  ? 2.2423 1.5768 1.5512 -0.2580 -0.0096 -0.0299 504 GLU A OE2 
497 N N   . ARG A 69  ? 1.6108 1.1151 1.0836 -0.1563 -0.0510 -0.0110 505 ARG A N   
498 C CA  . ARG A 69  ? 1.5905 1.1004 1.0810 -0.1427 -0.0644 -0.0004 505 ARG A CA  
499 C C   . ARG A 69  ? 1.6108 1.1628 1.1288 -0.1215 -0.0543 -0.0060 505 ARG A C   
500 O O   . ARG A 69  ? 1.6011 1.1551 1.1225 -0.1121 -0.0544 0.0001  505 ARG A O   
501 C CB  . ARG A 69  ? 1.5848 1.0829 1.0977 -0.1440 -0.0835 0.0073  505 ARG A CB  
502 C CG  . ARG A 69  ? 1.7000 1.2048 1.2454 -0.1289 -0.0917 0.0114  505 ARG A CG  
503 C CD  . ARG A 69  ? 1.8383 1.3236 1.4178 -0.1355 -0.1101 0.0166  505 ARG A CD  
504 N NE  . ARG A 69  ? 1.9759 1.4779 1.5755 -0.1439 -0.1055 0.0094  505 ARG A NE  
505 C CZ  . ARG A 69  ? 2.1500 1.6461 1.7951 -0.1520 -0.1164 0.0106  505 ARG A CZ  
506 N NH1 . ARG A 69  ? 1.9347 1.4523 1.6026 -0.1591 -0.1082 0.0025  505 ARG A NH1 
507 N NH2 . ARG A 69  ? 2.0097 1.4791 1.6872 -0.1532 -0.1344 0.0181  505 ARG A NH2 
508 N N   . ILE A 70  ? 1.5489 1.1334 1.0863 -0.1145 -0.0466 -0.0172 506 ILE A N   
509 C CA  . ILE A 70  ? 1.5206 1.1419 1.0764 -0.0976 -0.0413 -0.0204 506 ILE A CA  
510 C C   . ILE A 70  ? 1.5615 1.1877 1.1149 -0.0952 -0.0328 -0.0191 506 ILE A C   
511 O O   . ILE A 70  ? 1.5339 1.1687 1.0952 -0.0838 -0.0332 -0.0106 506 ILE A O   
512 C CB  . ILE A 70  ? 1.5468 1.1991 1.1182 -0.0946 -0.0367 -0.0343 506 ILE A CB  
513 C CG1 . ILE A 70  ? 1.5506 1.2078 1.1378 -0.0975 -0.0410 -0.0379 506 ILE A CG1 
514 C CG2 . ILE A 70  ? 1.5358 1.2208 1.1174 -0.0808 -0.0355 -0.0354 506 ILE A CG2 
515 C CD1 . ILE A 70  ? 1.6420 1.3346 1.2479 -0.0961 -0.0346 -0.0547 506 ILE A CD1 
516 N N   . SER A 71  ? 1.5345 1.1538 1.0828 -0.1073 -0.0221 -0.0292 507 SER A N   
517 C CA  . SER A 71  ? 1.5291 1.1528 1.0886 -0.1111 -0.0094 -0.0330 507 SER A CA  
518 C C   . SER A 71  ? 1.5788 1.1869 1.1287 -0.1145 -0.0076 -0.0224 507 SER A C   
519 O O   . SER A 71  ? 1.5533 1.1817 1.1289 -0.1073 -0.0008 -0.0197 507 SER A O   
520 C CB  . SER A 71  ? 1.5950 1.2010 1.1511 -0.1295 0.0059  -0.0503 507 SER A CB  
521 O OG  . SER A 71  ? 1.6925 1.3177 1.2675 -0.1224 0.0053  -0.0629 507 SER A OG  
522 N N   . ARG A 72  ? 1.5649 1.1391 1.0831 -0.1247 -0.0159 -0.0156 508 ARG A N   
523 C CA  . ARG A 72  ? 1.5721 1.1280 1.0785 -0.1281 -0.0181 -0.0064 508 ARG A CA  
524 C C   . ARG A 72  ? 1.5972 1.1767 1.1318 -0.1030 -0.0241 0.0029  508 ARG A C   
525 O O   . ARG A 72  ? 1.5795 1.1742 1.1334 -0.0962 -0.0142 0.0051  508 ARG A O   
526 C CB  . ARG A 72  ? 1.6161 1.1272 1.0833 -0.1444 -0.0337 0.0003  508 ARG A CB  
527 C CG  . ARG A 72  ? 1.7604 1.2507 1.2205 -0.1417 -0.0480 0.0120  508 ARG A CG  
528 C CD  . ARG A 72  ? 1.9390 1.3788 1.3525 -0.1668 -0.0642 0.0185  508 ARG A CD  
529 N NE  . ARG A 72  ? 2.0926 1.5133 1.4672 -0.1945 -0.0458 0.0097  508 ARG A NE  
530 C CZ  . ARG A 72  ? 2.3168 1.7007 1.6469 -0.2201 -0.0469 0.0084  508 ARG A CZ  
531 N NH1 . ARG A 72  ? 2.1624 1.5286 1.4860 -0.2203 -0.0688 0.0182  508 ARG A NH1 
532 N NH2 . ARG A 72  ? 2.1769 1.5393 1.4720 -0.2477 -0.0238 -0.0035 508 ARG A NH2 
533 N N   . ILE A 73  ? 1.5513 1.1344 1.0924 -0.0907 -0.0366 0.0063  509 ILE A N   
534 C CA  . ILE A 73  ? 1.5295 1.1274 1.0930 -0.0694 -0.0386 0.0119  509 ILE A CA  
535 C C   . ILE A 73  ? 1.5674 1.2030 1.1517 -0.0569 -0.0273 0.0123  509 ILE A C   
536 O O   . ILE A 73  ? 1.5420 1.1872 1.1435 -0.0442 -0.0211 0.0188  509 ILE A O   
537 C CB  . ILE A 73  ? 1.5665 1.1608 1.1360 -0.0659 -0.0478 0.0099  509 ILE A CB  
538 C CG1 . ILE A 73  ? 1.5922 1.1482 1.1581 -0.0770 -0.0631 0.0126  509 ILE A CG1 
539 C CG2 . ILE A 73  ? 1.5475 1.1560 1.1349 -0.0476 -0.0427 0.0117  509 ILE A CG2 
540 C CD1 . ILE A 73  ? 1.6891 1.2417 1.2783 -0.0776 -0.0693 0.0079  509 ILE A CD1 
541 N N   . HIS A 74  ? 1.5378 1.1938 1.1246 -0.0602 -0.0262 0.0058  510 HIS A N   
542 C CA  . HIS A 74  ? 1.5339 1.2232 1.1429 -0.0507 -0.0231 0.0074  510 HIS A CA  
543 C C   . HIS A 74  ? 1.5341 1.2337 1.1696 -0.0511 -0.0120 0.0109  510 HIS A C   
544 O O   . HIS A 74  ? 1.5152 1.2375 1.1746 -0.0373 -0.0109 0.0204  510 HIS A O   
545 C CB  . HIS A 74  ? 1.5645 1.2675 1.1759 -0.0570 -0.0264 -0.0034 510 HIS A CB  
546 C CG  . HIS A 74  ? 1.6152 1.3492 1.2509 -0.0476 -0.0312 0.0003  510 HIS A CG  
547 N ND1 . HIS A 74  ? 1.6370 1.3828 1.3090 -0.0516 -0.0257 -0.0014 510 HIS A ND1 
548 C CD2 . HIS A 74  ? 1.6532 1.4053 1.2828 -0.0373 -0.0422 0.0062  510 HIS A CD2 
549 C CE1 . HIS A 74  ? 1.6326 1.4038 1.3232 -0.0416 -0.0380 0.0061  510 HIS A CE1 
550 N NE2 . HIS A 74  ? 1.6492 1.4236 1.3082 -0.0332 -0.0487 0.0115  510 HIS A NE2 
551 N N   . GLU A 75  ? 1.4747 1.1570 1.1071 -0.0693 -0.0020 0.0028  511 GLU A N   
552 C CA  . GLU A 75  ? 1.4520 1.1453 1.1169 -0.0753 0.0139  0.0019  511 GLU A CA  
553 C C   . GLU A 75  ? 1.4583 1.1532 1.1299 -0.0625 0.0168  0.0124  511 GLU A C   
554 O O   . GLU A 75  ? 1.4211 1.1446 1.1337 -0.0507 0.0242  0.0191  511 GLU A O   
555 C CB  . GLU A 75  ? 1.4916 1.1607 1.1462 -0.1038 0.0287  -0.0133 511 GLU A CB  
556 C CG  . GLU A 75  ? 1.6556 1.3335 1.3390 -0.1146 0.0366  -0.0276 511 GLU A CG  
557 C CD  . GLU A 75  ? 1.9876 1.7018 1.7387 -0.1082 0.0421  -0.0262 511 GLU A CD  
558 O OE1 . GLU A 75  ? 1.9887 1.7159 1.7724 -0.1103 0.0555  -0.0223 511 GLU A OE1 
559 O OE2 . GLU A 75  ? 1.9085 1.6385 1.6854 -0.1018 0.0322  -0.0290 511 GLU A OE2 
560 N N   . GLU A 76  ? 1.4281 1.0928 1.0660 -0.0628 0.0090  0.0143  512 GLU A N   
561 C CA  . GLU A 76  ? 1.4192 1.0794 1.0664 -0.0488 0.0103  0.0210  512 GLU A CA  
562 C C   . GLU A 76  ? 1.4368 1.1204 1.1092 -0.0219 0.0105  0.0303  512 GLU A C   
563 O O   . GLU A 76  ? 1.4080 1.1081 1.1126 -0.0083 0.0220  0.0352  512 GLU A O   
564 C CB  . GLU A 76  ? 1.4667 1.0848 1.0786 -0.0541 -0.0054 0.0212  512 GLU A CB  
565 C CG  . GLU A 76  ? 1.6318 1.2379 1.2577 -0.0387 -0.0070 0.0249  512 GLU A CG  
566 C CD  . GLU A 76  ? 1.9366 1.5504 1.5862 -0.0119 -0.0067 0.0291  512 GLU A CD  
567 O OE1 . GLU A 76  ? 1.9184 1.5370 1.5959 0.0051  0.0027  0.0301  512 GLU A OE1 
568 O OE2 . GLU A 76  ? 1.8933 1.5096 1.5345 -0.0092 -0.0124 0.0294  512 GLU A OE2 
569 N N   . PHE A 77  ? 1.3913 1.0738 1.0472 -0.0161 -0.0005 0.0319  513 PHE A N   
570 C CA  . PHE A 77  ? 1.3745 1.0698 1.0380 0.0031  -0.0004 0.0396  513 PHE A CA  
571 C C   . PHE A 77  ? 1.3590 1.0915 1.0544 0.0102  0.0056  0.0486  513 PHE A C   
572 O O   . PHE A 77  ? 1.3175 1.0615 1.0348 0.0267  0.0139  0.0578  513 PHE A O   
573 C CB  . PHE A 77  ? 1.4241 1.1097 1.0590 -0.0014 -0.0118 0.0353  513 PHE A CB  
574 C CG  . PHE A 77  ? 1.4646 1.1687 1.0939 0.0071  -0.0135 0.0411  513 PHE A CG  
575 C CD1 . PHE A 77  ? 1.5150 1.2441 1.1444 0.0015  -0.0218 0.0427  513 PHE A CD1 
576 C CD2 . PHE A 77  ? 1.5124 1.2035 1.1342 0.0183  -0.0076 0.0435  513 PHE A CD2 
577 C CE1 . PHE A 77  ? 1.5475 1.2905 1.1643 0.0067  -0.0283 0.0500  513 PHE A CE1 
578 C CE2 . PHE A 77  ? 1.5695 1.2720 1.1739 0.0214  -0.0092 0.0495  513 PHE A CE2 
579 C CZ  . PHE A 77  ? 1.5548 1.2839 1.1538 0.0153  -0.0218 0.0544  513 PHE A CZ  
580 N N   . LYS A 78  ? 1.3117 1.0605 1.0160 -0.0028 0.0015  0.0455  514 LYS A N   
581 C CA  . LYS A 78  ? 1.2914 1.0732 1.0371 -0.0004 0.0017  0.0534  514 LYS A CA  
582 C C   . LYS A 78  ? 1.2989 1.0985 1.0959 0.0020  0.0196  0.0568  514 LYS A C   
583 O O   . LYS A 78  ? 1.2857 1.1127 1.1231 0.0136  0.0213  0.0702  514 LYS A O   
584 C CB  . LYS A 78  ? 1.3312 1.1175 1.0838 -0.0174 -0.0050 0.0429  514 LYS A CB  
585 C CG  . LYS A 78  ? 1.5037 1.3201 1.3073 -0.0164 -0.0111 0.0502  514 LYS A CG  
586 C CD  . LYS A 78  ? 1.6376 1.4519 1.4564 -0.0331 -0.0149 0.0346  514 LYS A CD  
587 C CE  . LYS A 78  ? 1.7346 1.5759 1.6242 -0.0347 -0.0201 0.0403  514 LYS A CE  
588 N NZ  . LYS A 78  ? 1.8284 1.6796 1.7794 -0.0460 0.0041  0.0353  514 LYS A NZ  
589 N N   . LYS A 79  ? 1.2204 1.0048 1.0156 -0.0106 0.0326  0.0452  515 LYS A N   
590 C CA  . LYS A 79  ? 1.1792 0.9795 1.0207 -0.0137 0.0535  0.0430  515 LYS A CA  
591 C C   . LYS A 79  ? 1.1615 0.9716 1.0212 0.0120  0.0608  0.0538  515 LYS A C   
592 O O   . LYS A 79  ? 1.1060 0.9484 1.0253 0.0180  0.0766  0.0587  515 LYS A O   
593 C CB  . LYS A 79  ? 1.2282 1.0005 1.0432 -0.0371 0.0624  0.0273  515 LYS A CB  
594 C CG  . LYS A 79  ? 1.4415 1.2317 1.3043 -0.0501 0.0878  0.0193  515 LYS A CG  
595 C CD  . LYS A 79  ? 1.5749 1.3301 1.3948 -0.0769 0.0942  0.0048  515 LYS A CD  
596 C CE  . LYS A 79  ? 1.6703 1.4423 1.5306 -0.0887 0.1204  -0.0041 515 LYS A CE  
597 N NZ  . LYS A 79  ? 1.8618 1.5937 1.6667 -0.1185 0.1239  -0.0171 515 LYS A NZ  
598 N N   . LYS A 80  ? 1.1468 0.7951 0.9924 0.1205  -0.0252 0.1883  516 LYS A N   
599 C CA  . LYS A 80  ? 1.1006 0.8080 0.9634 0.1360  -0.0414 0.1901  516 LYS A CA  
600 C C   . LYS A 80  ? 1.0940 0.8108 0.9695 0.1167  -0.0485 0.1578  516 LYS A C   
601 O O   . LYS A 80  ? 1.0269 0.8001 0.9163 0.1103  -0.0679 0.1507  516 LYS A O   
602 C CB  . LYS A 80  ? 1.1777 0.8813 1.0469 0.1784  -0.0262 0.2211  516 LYS A CB  
603 C CG  . LYS A 80  ? 1.4556 1.2362 1.3503 0.1954  -0.0440 0.2330  516 LYS A CG  
604 C CD  . LYS A 80  ? 1.6809 1.4661 1.5953 0.2436  -0.0232 0.2732  516 LYS A CD  
605 C CE  . LYS A 80  ? 1.9126 1.7190 1.8267 0.2674  -0.0225 0.3230  516 LYS A CE  
606 N NZ  . LYS A 80  ? 2.0025 1.9009 1.9143 0.2469  -0.0627 0.3377  516 LYS A NZ  
607 N N   . LYS A 81  ? 1.0855 0.7451 0.9505 0.1035  -0.0321 0.1393  517 LYS A N   
608 C CA  . LYS A 81  ? 1.0649 0.7316 0.9345 0.0809  -0.0391 0.1119  517 LYS A CA  
609 C C   . LYS A 81  ? 1.0338 0.7416 0.9208 0.0495  -0.0588 0.1017  517 LYS A C   
610 O O   . LYS A 81  ? 0.9700 0.7202 0.8733 0.0430  -0.0725 0.0911  517 LYS A O   
611 C CB  . LYS A 81  ? 1.1763 0.7663 1.0153 0.0654  -0.0154 0.0943  517 LYS A CB  
612 C CG  . LYS A 81  ? 1.4260 0.9535 1.2414 0.0409  0.0000  0.0933  517 LYS A CG  
613 C CD  . LYS A 81  ? 1.6179 1.0683 1.3906 0.0118  0.0224  0.0688  517 LYS A CD  
614 C CE  . LYS A 81  ? 1.8078 1.2145 1.5592 -0.0332 0.0277  0.0627  517 LYS A CE  
615 N NZ  . LYS A 81  ? 1.8856 1.3640 1.6676 -0.0734 -0.0054 0.0606  517 LYS A NZ  
616 N N   . ASN A 82  ? 0.9940 0.6908 0.8813 0.0340  -0.0561 0.1093  518 ASN A N   
617 C CA  . ASN A 82  ? 0.9424 0.6763 0.8540 0.0098  -0.0656 0.1083  518 ASN A CA  
618 C C   . ASN A 82  ? 0.8769 0.6500 0.7963 0.0209  -0.0701 0.1161  518 ASN A C   
619 O O   . ASN A 82  ? 0.8178 0.6142 0.7575 0.0070  -0.0683 0.1177  518 ASN A O   
620 C CB  . ASN A 82  ? 1.0035 0.7092 0.9162 -0.0145 -0.0555 0.1157  518 ASN A CB  
621 C CG  . ASN A 82  ? 1.4513 1.1337 1.3523 -0.0028 -0.0423 0.1330  518 ASN A CG  
622 O OD1 . ASN A 82  ? 1.3342 1.0383 1.2327 0.0116  -0.0426 0.1416  518 ASN A OD1 
623 N ND2 . ASN A 82  ? 1.4260 1.0606 1.3138 -0.0156 -0.0288 0.1378  518 ASN A ND2 
624 N N   . ASP A 83  ? 0.7810 0.5586 0.6815 0.0432  -0.0723 0.1249  519 ASP A N   
625 C CA  . ASP A 83  ? 0.7413 0.5481 0.6312 0.0424  -0.0761 0.1296  519 ASP A CA  
626 C C   . ASP A 83  ? 0.7325 0.5730 0.6394 0.0300  -0.0805 0.1152  519 ASP A C   
627 O O   . ASP A 83  ? 0.6973 0.5613 0.6171 0.0345  -0.0912 0.1063  519 ASP A O   
628 C CB  . ASP A 83  ? 0.7771 0.6032 0.6470 0.0610  -0.0857 0.1448  519 ASP A CB  
629 C CG  . ASP A 83  ? 1.0587 0.9135 0.9032 0.0472  -0.0920 0.1464  519 ASP A CG  
630 O OD1 . ASP A 83  ? 1.1381 0.9695 0.9594 0.0340  -0.0794 0.1483  519 ASP A OD1 
631 O OD2 . ASP A 83  ? 1.1564 1.0536 1.0007 0.0451  -0.1067 0.1439  519 ASP A OD2 
632 N N   . PRO A 84  ? 0.6841 0.5219 0.5898 0.0165  -0.0666 0.1147  520 PRO A N   
633 C CA  . PRO A 84  ? 0.6250 0.4843 0.5475 0.0080  -0.0618 0.1050  520 PRO A CA  
634 C C   . PRO A 84  ? 0.6473 0.5327 0.5528 0.0071  -0.0741 0.0943  520 PRO A C   
635 O O   . PRO A 84  ? 0.6111 0.5160 0.5379 0.0046  -0.0754 0.0860  520 PRO A O   
636 C CB  . PRO A 84  ? 0.6717 0.5072 0.5866 -0.0010 -0.0330 0.1109  520 PRO A CB  
637 C CG  . PRO A 84  ? 0.7711 0.5832 0.6880 0.0007  -0.0264 0.1247  520 PRO A CG  
638 C CD  . PRO A 84  ? 0.7404 0.5483 0.6314 0.0105  -0.0469 0.1253  520 PRO A CD  
639 N N   . THR A 85  ? 0.6032 0.4965 0.4729 0.0069  -0.0847 0.0986  521 THR A N   
640 C CA  . THR A 85  ? 0.5945 0.5259 0.4526 -0.0001 -0.1002 0.0930  521 THR A CA  
641 C C   . THR A 85  ? 0.5883 0.5493 0.4816 0.0193  -0.1161 0.0944  521 THR A C   
642 O O   . THR A 85  ? 0.5491 0.5364 0.4558 0.0148  -0.1212 0.0846  521 THR A O   
643 C CB  . THR A 85  ? 0.6820 0.6317 0.4943 -0.0128 -0.1120 0.1038  521 THR A CB  
644 O OG1 . THR A 85  ? 0.6851 0.6548 0.5071 0.0110  -0.1275 0.1280  521 THR A OG1 
645 C CG2 . THR A 85  ? 0.7221 0.6295 0.4831 -0.0364 -0.0909 0.0995  521 THR A CG2 
646 N N   . PHE A 86  ? 0.5510 0.4978 0.4555 0.0401  -0.1176 0.1056  522 PHE A N   
647 C CA  . PHE A 86  ? 0.5335 0.4903 0.4617 0.0588  -0.1222 0.1052  522 PHE A CA  
648 C C   . PHE A 86  ? 0.6090 0.5588 0.5577 0.0484  -0.1179 0.0864  522 PHE A C   
649 O O   . PHE A 86  ? 0.6031 0.5760 0.5655 0.0523  -0.1231 0.0791  522 PHE A O   
650 C CB  . PHE A 86  ? 0.5862 0.5065 0.5107 0.0796  -0.1132 0.1192  522 PHE A CB  
651 C CG  . PHE A 86  ? 0.6295 0.5385 0.5671 0.0968  -0.1064 0.1148  522 PHE A CG  
652 C CD1 . PHE A 86  ? 0.6790 0.6267 0.6316 0.1185  -0.1098 0.1274  522 PHE A CD1 
653 C CD2 . PHE A 86  ? 0.6805 0.5440 0.6140 0.0859  -0.0957 0.0981  522 PHE A CD2 
654 C CE1 . PHE A 86  ? 0.7214 0.6504 0.6821 0.1352  -0.0955 0.1219  522 PHE A CE1 
655 C CE2 . PHE A 86  ? 0.7504 0.5930 0.6815 0.0950  -0.0849 0.0889  522 PHE A CE2 
656 C CZ  . PHE A 86  ? 0.7337 0.6030 0.6772 0.1225  -0.0813 0.1000  522 PHE A CZ  
657 N N   . LEU A 87  ? 0.5555 0.4799 0.5084 0.0351  -0.1089 0.0837  523 LEU A N   
658 C CA  . LEU A 87  ? 0.5357 0.4666 0.5113 0.0235  -0.1083 0.0761  523 LEU A CA  
659 C C   . LEU A 87  ? 0.5778 0.5396 0.5674 0.0172  -0.1073 0.0713  523 LEU A C   
660 O O   . LEU A 87  ? 0.5468 0.5275 0.5522 0.0152  -0.1123 0.0662  523 LEU A O   
661 C CB  . LEU A 87  ? 0.5444 0.4563 0.5304 0.0093  -0.1006 0.0840  523 LEU A CB  
662 C CG  . LEU A 87  ? 0.6218 0.4945 0.5908 0.0084  -0.0985 0.0858  523 LEU A CG  
663 C CD1 . LEU A 87  ? 0.6295 0.4965 0.6141 -0.0124 -0.0929 0.0961  523 LEU A CD1 
664 C CD2 . LEU A 87  ? 0.6439 0.4997 0.5990 0.0086  -0.1023 0.0732  523 LEU A CD2 
665 N N   . GLU A 88  ? 0.5200 0.4810 0.4952 0.0120  -0.0982 0.0717  524 GLU A N   
666 C CA  . GLU A 88  ? 0.5093 0.4856 0.4863 0.0033  -0.0909 0.0642  524 GLU A CA  
667 C C   . GLU A 88  ? 0.5368 0.5463 0.5149 0.0077  -0.1081 0.0568  524 GLU A C   
668 O O   . GLU A 88  ? 0.5162 0.5418 0.5097 0.0046  -0.1058 0.0515  524 GLU A O   
669 C CB  . GLU A 88  ? 0.5425 0.4977 0.4829 -0.0114 -0.0750 0.0605  524 GLU A CB  
670 C CG  . GLU A 88  ? 0.6230 0.5434 0.5677 -0.0152 -0.0436 0.0673  524 GLU A CG  
671 C CD  . GLU A 88  ? 0.6216 0.5458 0.6023 -0.0125 -0.0227 0.0732  524 GLU A CD  
672 O OE1 . GLU A 88  ? 0.6572 0.6036 0.6478 -0.0134 -0.0303 0.0664  524 GLU A OE1 
673 O OE2 . GLU A 88  ? 0.6763 0.5833 0.6783 -0.0077 0.0044  0.0894  524 GLU A OE2 
674 N N   . LYS A 89  ? 0.5055 0.5279 0.4712 0.0173  -0.1223 0.0616  525 LYS A N   
675 C CA  . LYS A 89  ? 0.4853 0.5472 0.4609 0.0260  -0.1352 0.0625  525 LYS A CA  
676 C C   . LYS A 89  ? 0.5387 0.5984 0.5355 0.0402  -0.1344 0.0581  525 LYS A C   
677 O O   . LYS A 89  ? 0.5142 0.6009 0.5240 0.0413  -0.1369 0.0534  525 LYS A O   
678 C CB  . LYS A 89  ? 0.4877 0.5727 0.4537 0.0368  -0.1468 0.0803  525 LYS A CB  
679 C CG  . LYS A 89  ? 0.6267 0.7263 0.5606 0.0102  -0.1521 0.0821  525 LYS A CG  
680 C CD  . LYS A 89  ? 0.6963 0.8449 0.6242 0.0141  -0.1706 0.1075  525 LYS A CD  
681 C CE  . LYS A 89  ? 0.6442 0.7677 0.5397 0.0101  -0.1692 0.1184  525 LYS A CE  
682 N NZ  . LYS A 89  ? 0.5928 0.7739 0.4850 0.0154  -0.1894 0.1528  525 LYS A NZ  
683 N N   . LYS A 90  ? 0.4997 0.5237 0.4933 0.0466  -0.1294 0.0588  526 LYS A N   
684 C CA  . LYS A 90  ? 0.4866 0.4958 0.4826 0.0493  -0.1263 0.0509  526 LYS A CA  
685 C C   . LYS A 90  ? 0.5184 0.5454 0.5286 0.0324  -0.1281 0.0446  526 LYS A C   
686 O O   . LYS A 90  ? 0.5304 0.5671 0.5421 0.0325  -0.1289 0.0380  526 LYS A O   
687 C CB  . LYS A 90  ? 0.5191 0.4804 0.4983 0.0464  -0.1197 0.0510  526 LYS A CB  
688 C CG  . LYS A 90  ? 0.6304 0.5634 0.5927 0.0448  -0.1122 0.0397  526 LYS A CG  
689 C CD  . LYS A 90  ? 0.7838 0.6650 0.7209 0.0279  -0.1049 0.0352  526 LYS A CD  
690 C CE  . LYS A 90  ? 0.9526 0.8072 0.8609 0.0086  -0.0992 0.0184  526 LYS A CE  
691 N NZ  . LYS A 90  ? 0.8179 0.7205 0.7414 -0.0142 -0.1162 0.0171  526 LYS A NZ  
692 N N   . GLU A 91  ? 0.4559 0.4853 0.4766 0.0200  -0.1247 0.0506  527 GLU A N   
693 C CA  . GLU A 91  ? 0.4329 0.4826 0.4759 0.0093  -0.1207 0.0557  527 GLU A CA  
694 C C   . GLU A 91  ? 0.4639 0.5365 0.5121 0.0117  -0.1179 0.0498  527 GLU A C   
695 O O   . GLU A 91  ? 0.4298 0.5218 0.4908 0.0092  -0.1189 0.0510  527 GLU A O   
696 C CB  . GLU A 91  ? 0.4390 0.4802 0.4959 0.0034  -0.1067 0.0696  527 GLU A CB  
697 C CG  . GLU A 91  ? 0.3984 0.4624 0.4879 -0.0001 -0.0947 0.0856  527 GLU A CG  
698 C CD  . GLU A 91  ? 0.5986 0.6521 0.7086 0.0008  -0.0706 0.1054  527 GLU A CD  
699 O OE1 . GLU A 91  ? 0.4792 0.4995 0.5659 0.0020  -0.0569 0.0980  527 GLU A OE1 
700 O OE2 . GLU A 91  ? 0.5506 0.6318 0.7000 0.0004  -0.0636 0.1320  527 GLU A OE2 
701 N N   . ARG A 92  ? 0.4342 0.5075 0.4688 0.0119  -0.1158 0.0447  528 ARG A N   
702 C CA  . ARG A 92  ? 0.4282 0.5246 0.4637 0.0062  -0.1140 0.0382  528 ARG A CA  
703 C C   . ARG A 92  ? 0.4707 0.5934 0.5147 0.0179  -0.1251 0.0353  528 ARG A C   
704 O O   . ARG A 92  ? 0.4130 0.5540 0.4681 0.0157  -0.1224 0.0326  528 ARG A O   
705 C CB  . ARG A 92  ? 0.4758 0.5727 0.4863 -0.0065 -0.1143 0.0347  528 ARG A CB  
706 C CG  . ARG A 92  ? 0.6581 0.7869 0.6644 -0.0209 -0.1179 0.0287  528 ARG A CG  
707 C CD  . ARG A 92  ? 0.7726 0.8808 0.7736 -0.0395 -0.0952 0.0205  528 ARG A CD  
708 N NE  . ARG A 92  ? 0.7170 0.8542 0.7121 -0.0592 -0.0987 0.0133  528 ARG A NE  
709 C CZ  . ARG A 92  ? 0.8586 0.9866 0.8589 -0.0694 -0.0803 0.0076  528 ARG A CZ  
710 N NH1 . ARG A 92  ? 0.6365 0.7318 0.6516 -0.0579 -0.0569 0.0130  528 ARG A NH1 
711 N NH2 . ARG A 92  ? 0.8496 1.0059 0.8438 -0.0915 -0.0844 0.0014  528 ARG A NH2 
712 N N   . CYS A 93  ? 0.4704 0.5876 0.5080 0.0325  -0.1319 0.0378  529 CYS A N   
713 C CA  . CYS A 93  ? 0.4862 0.6141 0.5279 0.0486  -0.1320 0.0371  529 CYS A CA  
714 C C   . CYS A 93  ? 0.5111 0.6268 0.5497 0.0443  -0.1276 0.0292  529 CYS A C   
715 O O   . CYS A 93  ? 0.5087 0.6420 0.5521 0.0489  -0.1240 0.0261  529 CYS A O   
716 C CB  . CYS A 93  ? 0.5397 0.6478 0.5722 0.0677  -0.1298 0.0450  529 CYS A CB  
717 S SG  . CYS A 93  ? 0.6224 0.7440 0.6653 0.0969  -0.1179 0.0529  529 CYS A SG  
718 N N   . ASP A 94  ? 0.4813 0.5718 0.5102 0.0321  -0.1289 0.0287  530 ASP A N   
719 C CA  . ASP A 94  ? 0.4790 0.5663 0.4989 0.0178  -0.1305 0.0260  530 ASP A CA  
720 C C   . ASP A 94  ? 0.5130 0.6355 0.5552 0.0112  -0.1310 0.0332  530 ASP A C   
721 O O   . ASP A 94  ? 0.5097 0.6437 0.5452 0.0067  -0.1311 0.0310  530 ASP A O   
722 C CB  . ASP A 94  ? 0.5135 0.5816 0.5247 -0.0006 -0.1361 0.0312  530 ASP A CB  
723 C CG  . ASP A 94  ? 0.6676 0.6885 0.6502 0.0030  -0.1308 0.0229  530 ASP A CG  
724 O OD1 . ASP A 94  ? 0.7034 0.7043 0.6714 0.0220  -0.1198 0.0150  530 ASP A OD1 
725 O OD2 . ASP A 94  ? 0.6317 0.6366 0.6115 -0.0105 -0.1341 0.0284  530 ASP A OD2 
726 N N   . TYR A 95  ? 0.4654 0.5982 0.5287 0.0107  -0.1263 0.0416  531 TYR A N   
727 C CA  . TYR A 95  ? 0.4334 0.5875 0.5171 0.0073  -0.1171 0.0502  531 TYR A CA  
728 C C   . TYR A 95  ? 0.4622 0.6330 0.5440 0.0120  -0.1149 0.0399  531 TYR A C   
729 O O   . TYR A 95  ? 0.4557 0.6434 0.5436 0.0101  -0.1121 0.0438  531 TYR A O   
730 C CB  . TYR A 95  ? 0.4292 0.5699 0.5227 0.0052  -0.1015 0.0564  531 TYR A CB  
731 C CG  . TYR A 95  ? 0.4152 0.5606 0.5224 0.0023  -0.0820 0.0624  531 TYR A CG  
732 C CD1 . TYR A 95  ? 0.4044 0.5638 0.5380 0.0050  -0.0713 0.0860  531 TYR A CD1 
733 C CD2 . TYR A 95  ? 0.4094 0.5479 0.5027 -0.0055 -0.0731 0.0480  531 TYR A CD2 
734 C CE1 . TYR A 95  ? 0.3837 0.5389 0.5300 0.0059  -0.0464 0.0948  531 TYR A CE1 
735 C CE2 . TYR A 95  ? 0.4130 0.5432 0.5120 -0.0123 -0.0494 0.0510  531 TYR A CE2 
736 C CZ  . TYR A 95  ? 0.4342 0.5677 0.5600 -0.0034 -0.0333 0.0742  531 TYR A CZ  
737 O OH  . TYR A 95  ? 0.4851 0.6033 0.6172 -0.0062 -0.0037 0.0807  531 TYR A OH  
738 N N   . LEU A 96  ? 0.4102 0.5833 0.4863 0.0168  -0.1167 0.0314  532 LEU A N   
739 C CA  . LEU A 96  ? 0.3949 0.5960 0.4773 0.0195  -0.1156 0.0272  532 LEU A CA  
740 C C   . LEU A 96  ? 0.4558 0.6639 0.5352 0.0310  -0.1147 0.0248  532 LEU A C   
741 O O   . LEU A 96  ? 0.4724 0.7024 0.5610 0.0298  -0.1090 0.0246  532 LEU A O   
742 C CB  . LEU A 96  ? 0.4026 0.6214 0.4845 0.0204  -0.1224 0.0278  532 LEU A CB  
743 C CG  . LEU A 96  ? 0.4624 0.6793 0.5349 -0.0029 -0.1198 0.0254  532 LEU A CG  
744 C CD1 . LEU A 96  ? 0.4474 0.6945 0.5142 -0.0075 -0.1340 0.0314  532 LEU A CD1 
745 C CD2 . LEU A 96  ? 0.4772 0.7037 0.5541 -0.0208 -0.1078 0.0207  532 LEU A CD2 
746 N N   . LYS A 97  ? 0.4395 0.6218 0.5001 0.0391  -0.1159 0.0215  533 LYS A N   
747 C CA  . LYS A 97  ? 0.4644 0.6346 0.5058 0.0461  -0.1071 0.0150  533 LYS A CA  
748 C C   . LYS A 97  ? 0.4955 0.6755 0.5305 0.0303  -0.1078 0.0158  533 LYS A C   
749 O O   . LYS A 97  ? 0.5178 0.7081 0.5479 0.0343  -0.0983 0.0130  533 LYS A O   
750 C CB  . LYS A 97  ? 0.5310 0.6530 0.5394 0.0471  -0.1037 0.0079  533 LYS A CB  
751 C CG  . LYS A 97  ? 0.6845 0.7734 0.6554 0.0488  -0.0862 -0.0038 533 LYS A CG  
752 C CD  . LYS A 97  ? 0.8988 0.9247 0.8250 0.0413  -0.0773 -0.0147 533 LYS A CD  
753 C CE  . LYS A 97  ? 1.0562 1.0328 0.9308 0.0393  -0.0505 -0.0306 533 LYS A CE  
754 N NZ  . LYS A 97  ? 1.1490 1.0705 0.9607 0.0018  -0.0510 -0.0468 533 LYS A NZ  
755 N N   . ASN A 98  ? 0.4300 0.6111 0.4675 0.0141  -0.1173 0.0249  534 ASN A N   
756 C CA  . ASN A 98  ? 0.4223 0.6239 0.4604 -0.0003 -0.1205 0.0370  534 ASN A CA  
757 C C   . ASN A 98  ? 0.4630 0.6909 0.5306 0.0052  -0.1107 0.0459  534 ASN A C   
758 O O   . ASN A 98  ? 0.4760 0.7203 0.5398 0.0019  -0.1067 0.0511  534 ASN A O   
759 C CB  . ASN A 98  ? 0.4341 0.6421 0.4813 -0.0150 -0.1316 0.0549  534 ASN A CB  
760 C CG  . ASN A 98  ? 0.6483 0.8307 0.6601 -0.0311 -0.1420 0.0465  534 ASN A CG  
761 O OD1 . ASN A 98  ? 0.6179 0.7773 0.5861 -0.0408 -0.1402 0.0305  534 ASN A OD1 
762 N ND2 . ASN A 98  ? 0.4857 0.6654 0.5114 -0.0374 -0.1489 0.0567  534 ASN A ND2 
763 N N   . LYS A 99  ? 0.3824 0.6090 0.4725 0.0095  -0.1043 0.0463  535 LYS A N   
764 C CA  . LYS A 99  ? 0.3635 0.6022 0.4724 0.0077  -0.0898 0.0506  535 LYS A CA  
765 C C   . LYS A 99  ? 0.3929 0.6502 0.4994 0.0116  -0.0867 0.0404  535 LYS A C   
766 O O   . LYS A 99  ? 0.3974 0.6680 0.5101 0.0090  -0.0769 0.0468  535 LYS A O   
767 C CB  . LYS A 99  ? 0.3595 0.5818 0.4740 0.0020  -0.0814 0.0462  535 LYS A CB  
768 C CG  . LYS A 99  ? 0.3446 0.5691 0.4648 -0.0093 -0.0639 0.0429  535 LYS A CG  
769 C CD  . LYS A 99  ? 0.3587 0.5528 0.4677 -0.0250 -0.0502 0.0363  535 LYS A CD  
770 C CE  . LYS A 99  ? 0.3758 0.5669 0.4774 -0.0475 -0.0335 0.0271  535 LYS A CE  
771 N NZ  . LYS A 99  ? 0.4357 0.5878 0.5082 -0.0725 -0.0185 0.0154  535 LYS A NZ  
772 N N   . LEU A 100 ? 0.3458 0.6061 0.4467 0.0204  -0.0923 0.0299  536 LEU A N   
773 C CA  . LEU A 100 ? 0.3463 0.6317 0.4545 0.0295  -0.0858 0.0269  536 LEU A CA  
774 C C   . LEU A 100 ? 0.4332 0.7128 0.5224 0.0347  -0.0774 0.0256  536 LEU A C   
775 O O   . LEU A 100 ? 0.4271 0.7285 0.5263 0.0356  -0.0666 0.0279  536 LEU A O   
776 C CB  . LEU A 100 ? 0.3428 0.6370 0.4567 0.0448  -0.0893 0.0265  536 LEU A CB  
777 C CG  . LEU A 100 ? 0.3981 0.7158 0.5284 0.0345  -0.0996 0.0310  536 LEU A CG  
778 C CD1 . LEU A 100 ? 0.4060 0.7343 0.5425 0.0544  -0.1050 0.0399  536 LEU A CD1 
779 C CD2 . LEU A 100 ? 0.3894 0.7535 0.5421 0.0183  -0.0970 0.0352  536 LEU A CD2 
780 N N   . SER A 101 ? 0.4229 0.6717 0.4792 0.0327  -0.0817 0.0213  537 SER A N   
781 C CA  . SER A 101 ? 0.4683 0.7042 0.4887 0.0273  -0.0743 0.0175  537 SER A CA  
782 C C   . SER A 101 ? 0.4838 0.7458 0.5142 0.0148  -0.0760 0.0321  537 SER A C   
783 O O   . SER A 101 ? 0.5013 0.7697 0.5166 0.0141  -0.0652 0.0320  537 SER A O   
784 C CB  . SER A 101 ? 0.5646 0.7637 0.5404 0.0127  -0.0827 0.0106  537 SER A CB  
785 O OG  . SER A 101 ? 0.7461 0.9107 0.7107 0.0248  -0.0770 -0.0008 537 SER A OG  
786 N N   . HIS A 102 ? 0.4285 0.7021 0.4841 0.0076  -0.0845 0.0477  538 HIS A N   
787 C CA  . HIS A 102 ? 0.3998 0.6958 0.4726 0.0017  -0.0792 0.0700  538 HIS A CA  
788 C C   . HIS A 102 ? 0.4235 0.7312 0.5148 0.0071  -0.0614 0.0673  538 HIS A C   
789 O O   . HIS A 102 ? 0.4506 0.7712 0.5343 0.0054  -0.0533 0.0752  538 HIS A O   
790 C CB  . HIS A 102 ? 0.3707 0.6685 0.4729 0.0002  -0.0796 0.0910  538 HIS A CB  
791 C CG  . HIS A 102 ? 0.3920 0.7068 0.5182 0.0016  -0.0639 0.1193  538 HIS A CG  
792 N ND1 . HIS A 102 ? 0.4130 0.7572 0.5352 -0.0040 -0.0714 0.1476  538 HIS A ND1 
793 C CD2 . HIS A 102 ? 0.3991 0.7030 0.5483 0.0056  -0.0392 0.1235  538 HIS A CD2 
794 C CE1 . HIS A 102 ? 0.4056 0.7578 0.5550 0.0038  -0.0495 0.1721  538 HIS A CE1 
795 N NE2 . HIS A 102 ? 0.4004 0.7221 0.5644 0.0091  -0.0268 0.1562  538 HIS A NE2 
796 N N   . ILE A 103 ? 0.3868 0.6928 0.4984 0.0093  -0.0566 0.0565  539 ILE A N   
797 C CA  . ILE A 103 ? 0.3485 0.6713 0.4786 0.0055  -0.0421 0.0538  539 ILE A CA  
798 C C   . ILE A 103 ? 0.3820 0.7236 0.5052 0.0144  -0.0367 0.0485  539 ILE A C   
799 O O   . ILE A 103 ? 0.3651 0.7204 0.4945 0.0111  -0.0229 0.0550  539 ILE A O   
800 C CB  . ILE A 103 ? 0.3685 0.6926 0.5133 -0.0049 -0.0428 0.0446  539 ILE A CB  
801 C CG1 . ILE A 103 ? 0.3965 0.6876 0.5403 -0.0144 -0.0364 0.0494  539 ILE A CG1 
802 C CG2 . ILE A 103 ? 0.3765 0.7263 0.5375 -0.0185 -0.0307 0.0428  539 ILE A CG2 
803 C CD1 . ILE A 103 ? 0.4693 0.7486 0.6091 -0.0338 -0.0353 0.0366  539 ILE A CD1 
804 N N   . LYS A 104 ? 0.3798 0.7155 0.4885 0.0274  -0.0417 0.0387  540 LYS A N   
805 C CA  . LYS A 104 ? 0.4098 0.7528 0.5098 0.0415  -0.0262 0.0349  540 LYS A CA  
806 C C   . LYS A 104 ? 0.4705 0.8037 0.5389 0.0353  -0.0166 0.0381  540 LYS A C   
807 O O   . LYS A 104 ? 0.4262 0.7775 0.5022 0.0387  0.0005  0.0418  540 LYS A O   
808 C CB  . LYS A 104 ? 0.4569 0.7733 0.5361 0.0582  -0.0241 0.0258  540 LYS A CB  
809 C CG  . LYS A 104 ? 0.5843 0.8962 0.6546 0.0786  0.0034  0.0242  540 LYS A CG  
810 C CD  . LYS A 104 ? 0.8043 1.0761 0.8532 0.0971  0.0135  0.0173  540 LYS A CD  
811 C CE  . LYS A 104 ? 0.9887 1.2522 1.0391 0.1264  0.0514  0.0216  540 LYS A CE  
812 N NZ  . LYS A 104 ? 1.2017 1.4126 1.2285 0.1467  0.0691  0.0171  540 LYS A NZ  
813 N N   . GLN A 105 ? 0.4759 0.7873 0.5102 0.0230  -0.0296 0.0404  541 GLN A N   
814 C CA  . GLN A 105 ? 0.5008 0.8103 0.4974 0.0094  -0.0290 0.0494  541 GLN A CA  
815 C C   . GLN A 105 ? 0.5213 0.8599 0.5477 0.0069  -0.0212 0.0697  541 GLN A C   
816 O O   . GLN A 105 ? 0.5558 0.9003 0.5609 0.0042  -0.0090 0.0747  541 GLN A O   
817 C CB  . GLN A 105 ? 0.5282 0.8286 0.4983 -0.0086 -0.0521 0.0566  541 GLN A CB  
818 C CG  . GLN A 105 ? 0.9963 1.3106 0.9268 -0.0307 -0.0603 0.0744  541 GLN A CG  
819 C CD  . GLN A 105 ? 1.1819 1.5368 1.1508 -0.0350 -0.0718 0.1126  541 GLN A CD  
820 O OE1 . GLN A 105 ? 1.0497 1.4102 1.0661 -0.0252 -0.0742 0.1235  541 GLN A OE1 
821 N NE2 . GLN A 105 ? 0.9588 1.3410 0.9057 -0.0491 -0.0754 0.1372  541 GLN A NE2 
822 N N   . ARG A 106 ? 0.4387 0.7868 0.5087 0.0068  -0.0224 0.0808  542 ARG A N   
823 C CA  . ARG A 106 ? 0.4309 0.7920 0.5265 0.0043  -0.0054 0.0994  542 ARG A CA  
824 C C   . ARG A 106 ? 0.4999 0.8744 0.6059 0.0063  0.0132  0.0898  542 ARG A C   
825 O O   . ARG A 106 ? 0.5082 0.8919 0.6128 0.0042  0.0286  0.1032  542 ARG A O   
826 C CB  . ARG A 106 ? 0.3761 0.7252 0.5052 0.0013  0.0004  0.1067  542 ARG A CB  
827 C CG  . ARG A 106 ? 0.3920 0.7360 0.5260 0.0033  -0.0070 0.1313  542 ARG A CG  
828 C CD  . ARG A 106 ? 0.4261 0.7889 0.5635 0.0054  0.0021  0.1679  542 ARG A CD  
829 N NE  . ARG A 106 ? 0.5595 0.9300 0.7194 0.0111  0.0011  0.2036  542 ARG A NE  
830 C CZ  . ARG A 106 ? 0.7373 1.1458 0.8963 0.0105  -0.0104 0.2424  542 ARG A CZ  
831 N NH1 . ARG A 106 ? 0.5677 1.0008 0.6916 0.0002  -0.0221 0.2450  542 ARG A NH1 
832 N NH2 . ARG A 106 ? 0.6440 1.0702 0.8365 0.0185  -0.0095 0.2820  542 ARG A NH2 
833 N N   . ILE A 107 ? 0.4409 0.8230 0.5614 0.0110  0.0120  0.0718  543 ILE A N   
834 C CA  . ILE A 107 ? 0.4381 0.8480 0.5808 0.0129  0.0282  0.0690  543 ILE A CA  
835 C C   . ILE A 107 ? 0.5356 0.9454 0.6504 0.0246  0.0434  0.0689  543 ILE A C   
836 O O   . ILE A 107 ? 0.5273 0.9532 0.6499 0.0222  0.0620  0.0772  543 ILE A O   
837 C CB  . ILE A 107 ? 0.4492 0.8835 0.6224 0.0149  0.0203  0.0605  543 ILE A CB  
838 C CG1 . ILE A 107 ? 0.4257 0.8576 0.6161 -0.0072 0.0108  0.0587  543 ILE A CG1 
839 C CG2 . ILE A 107 ? 0.4498 0.9302 0.6540 0.0209  0.0368  0.0664  543 ILE A CG2 
840 C CD1 . ILE A 107 ? 0.3219 0.7753 0.5285 -0.0083 -0.0078 0.0526  543 ILE A CD1 
841 N N   . GLN A 108 ? 0.5207 0.9044 0.5966 0.0348  0.0394  0.0581  544 GLN A N   
842 C CA  . GLN A 108 ? 0.5640 0.9282 0.5951 0.0425  0.0600  0.0519  544 GLN A CA  
843 C C   . GLN A 108 ? 0.6434 1.0048 0.6396 0.0277  0.0631  0.0633  544 GLN A C   
844 O O   . GLN A 108 ? 0.6841 1.0477 0.6644 0.0309  0.0872  0.0653  544 GLN A O   
845 C CB  . GLN A 108 ? 0.6131 0.9322 0.5952 0.0457  0.0557  0.0355  544 GLN A CB  
846 C CG  . GLN A 108 ? 0.7492 1.0675 0.7603 0.0697  0.0662  0.0292  544 GLN A CG  
847 C CD  . GLN A 108 ? 0.9482 1.2112 0.9107 0.0725  0.0669  0.0130  544 GLN A CD  
848 O OE1 . GLN A 108 ? 0.8880 1.1209 0.8023 0.0497  0.0484  0.0054  544 GLN A OE1 
849 N NE2 . GLN A 108 ? 0.8352 1.0869 0.8132 0.1001  0.0896  0.0119  544 GLN A NE2 
850 N N   . GLU A 109 ? 0.5848 0.9467 0.5745 0.0129  0.0407  0.0761  545 GLU A N   
851 C CA  . GLU A 109 ? 0.6276 0.9992 0.5918 -0.0007 0.0388  0.0985  545 GLU A CA  
852 C C   . GLU A 109 ? 0.6964 1.0902 0.6959 0.0034  0.0610  0.1140  545 GLU A C   
853 O O   . GLU A 109 ? 0.7375 1.1348 0.7069 -0.0002 0.0757  0.1229  545 GLU A O   
854 C CB  . GLU A 109 ? 0.6235 1.0034 0.5958 -0.0107 0.0122  0.1185  545 GLU A CB  
855 C CG  . GLU A 109 ? 0.8197 1.2263 0.7967 -0.0178 0.0103  0.1574  545 GLU A CG  
856 C CD  . GLU A 109 ? 1.1650 1.5854 1.1835 -0.0154 -0.0022 0.1855  545 GLU A CD  
857 O OE1 . GLU A 109 ? 1.1215 1.5320 1.1460 -0.0163 -0.0188 0.1736  545 GLU A OE1 
858 O OE2 . GLU A 109 ? 1.1793 1.6182 1.2251 -0.0104 0.0091  0.2225  545 GLU A OE2 
859 N N   . TYR A 110 ? 0.6287 1.0329 0.6849 0.0068  0.0653  0.1145  546 TYR A N   
860 C CA  . TYR A 110 ? 0.6281 1.0471 0.7182 0.0037  0.0881  0.1253  546 TYR A CA  
861 C C   . TYR A 110 ? 0.7222 1.1576 0.8138 0.0097  0.1097  0.1159  546 TYR A C   
862 O O   . TYR A 110 ? 0.7314 1.1754 0.8224 0.0067  0.1305  0.1292  546 TYR A O   
863 C CB  . TYR A 110 ? 0.5932 1.0113 0.7290 -0.0045 0.0878  0.1207  546 TYR A CB  
864 C CG  . TYR A 110 ? 0.5928 1.0151 0.7558 -0.0174 0.1135  0.1301  546 TYR A CG  
865 C CD1 . TYR A 110 ? 0.6264 1.0303 0.7874 -0.0195 0.1308  0.1555  546 TYR A CD1 
866 C CD2 . TYR A 110 ? 0.5840 1.0315 0.7767 -0.0292 0.1220  0.1178  546 TYR A CD2 
867 C CE1 . TYR A 110 ? 0.6342 1.0291 0.8155 -0.0338 0.1602  0.1627  546 TYR A CE1 
868 C CE2 . TYR A 110 ? 0.5933 1.0421 0.8064 -0.0498 0.1460  0.1244  546 TYR A CE2 
869 C CZ  . TYR A 110 ? 0.6702 1.0849 0.8738 -0.0524 0.1672  0.1440  546 TYR A CZ  
870 O OH  . TYR A 110 ? 0.6832 1.0867 0.9015 -0.0744 0.1965  0.1494  546 TYR A OH  
871 N N   . ASP A 111 ? 0.6937 1.1347 0.7925 0.0208  0.1086  0.0979  547 ASP A N   
872 C CA  . ASP A 111 ? 0.7241 1.1853 0.8348 0.0333  0.1345  0.0954  547 ASP A CA  
873 C C   . ASP A 111 ? 0.9019 1.3394 0.9545 0.0381  0.1552  0.0961  547 ASP A C   
874 O O   . ASP A 111 ? 0.9413 1.3950 1.0016 0.0394  0.1811  0.1055  547 ASP A O   
875 C CB  . ASP A 111 ? 0.7214 1.1917 0.8530 0.0507  0.1321  0.0846  547 ASP A CB  
876 C CG  . ASP A 111 ? 0.6367 1.1435 0.8258 0.0405  0.1128  0.0871  547 ASP A CG  
877 O OD1 . ASP A 111 ? 0.6008 1.1162 0.8081 0.0175  0.1074  0.0924  547 ASP A OD1 
878 O OD2 . ASP A 111 ? 0.6130 1.1377 0.8259 0.0539  0.1069  0.0854  547 ASP A OD2 
879 N N   . LYS A 112 ? 0.9296 1.3283 0.9183 0.0344  0.1433  0.0868  548 LYS A N   
880 C CA  . LYS A 112 ? 1.0206 1.3883 0.9317 0.0276  0.1586  0.0840  548 LYS A CA  
881 C C   . LYS A 112 ? 1.1022 1.4891 1.0064 0.0148  0.1630  0.1082  548 LYS A C   
882 O O   . LYS A 112 ? 1.1422 1.5250 1.0195 0.0168  0.1924  0.1105  548 LYS A O   
883 C CB  . LYS A 112 ? 1.0935 1.4232 0.9387 0.0125  0.1351  0.0714  548 LYS A CB  
884 C CG  . LYS A 112 ? 1.3945 1.7061 1.1535 -0.0146 0.1304  0.0774  548 LYS A CG  
885 C CD  . LYS A 112 ? 1.5455 1.8272 1.2455 -0.0374 0.1037  0.0646  548 LYS A CD  
886 C CE  . LYS A 112 ? 1.5465 1.8635 1.2934 -0.0441 0.0629  0.0848  548 LYS A CE  
887 N NZ  . LYS A 112 ? 1.6124 1.9026 1.3140 -0.0643 0.0395  0.0701  548 LYS A NZ  
888 N N   . VAL A 113 ? 1.0397 1.4455 0.9726 0.0051  0.1397  0.1289  549 VAL A N   
889 C CA  . VAL A 113 ? 1.0533 1.4766 0.9896 -0.0028 0.1456  0.1602  549 VAL A CA  
890 C C   . VAL A 113 ? 1.0910 1.5303 1.0698 0.0035  0.1775  0.1649  549 VAL A C   
891 O O   . VAL A 113 ? 1.1322 1.5750 1.0863 0.0005  0.1976  0.1808  549 VAL A O   
892 C CB  . VAL A 113 ? 1.0724 1.5058 1.0457 -0.0062 0.1239  0.1837  549 VAL A CB  
893 C CG1 . VAL A 113 ? 1.0803 1.5265 1.0773 -0.0065 0.1416  0.2202  549 VAL A CG1 
894 C CG2 . VAL A 113 ? 1.0870 1.5199 1.0179 -0.0165 0.0929  0.1918  549 VAL A CG2 
895 N N   . MET A 114 ? 0.9847 1.4375 1.0253 0.0077  0.1806  0.1536  550 MET A N   
896 C CA  . MET A 114 ? 1.0100 1.4864 1.0989 0.0043  0.2064  0.1599  550 MET A CA  
897 C C   . MET A 114 ? 1.4878 1.9829 1.5821 0.0163  0.2318  0.1504  550 MET A C   
898 O O   . MET A 114 ? 1.0812 1.6056 1.2169 0.0119  0.2545  0.1591  550 MET A O   
899 C CB  . MET A 114 ? 0.9859 1.4723 1.1319 -0.0079 0.1965  0.1552  550 MET A CB  
900 C CG  . MET A 114 ? 1.0101 1.4687 1.1547 -0.0164 0.1871  0.1694  550 MET A CG  
901 S SD  . MET A 114 ? 1.0741 1.5176 1.2292 -0.0267 0.2200  0.2002  550 MET A SD  
902 C CE  . MET A 114 ? 1.0219 1.4826 1.2256 -0.0521 0.2402  0.1843  550 MET A CE  
# 
